data_8VGV
#
_entry.id   8VGV
#
loop_
_entity.id
_entity.type
_entity.pdbx_description
1 polymer 'CH848 DE3 SOSIP gp120'
2 polymer 'CH848 DE3 SOSIP gp41'
3 polymer 'DH270.6 Antibody Fab Heavy Chain'
4 polymer 'DH270.6 Antibody Fab Light Chain'
5 branched alpha-D-mannopyranose-(1-2)-alpha-D-mannopyranose-(1-2)-alpha-D-mannopyranose-(1-3)-beta-D-mannopyranose-(1-4)-2-acetamido-2-deoxy-beta-D-glucopyranose-(1-4)-2-acetamido-2-deoxy-beta-D-glucopyranose
6 branched beta-D-mannopyranose-(1-4)-2-acetamido-2-deoxy-beta-D-glucopyranose-(1-4)-2-acetamido-2-deoxy-beta-D-glucopyranose
#
loop_
_entity_poly.entity_id
_entity_poly.type
_entity_poly.pdbx_seq_one_letter_code
_entity_poly.pdbx_strand_id
1 'polypeptide(L)'
;ENLWVTVYYGVPVWKEAKTTLFCASDARAYEKEVHNVWATHACVPTDPSPQELVLGNVTENFNMWKNDMVDQMHEDIISL
WDQSLKPCVKLTPLCVTLICSDATVKTGTVEEMKNCSFNTTTEIRDKEKKEYALFYKPDIVPLSETNNTSEYRLINCNTS
ACTQACPKVTFEPIPIHYCAPAGYAILKCNDETFNGTGPCSNVSTVQCTHGIRPVVSTQLLLNGSLAEKEIVIRSENLTN
NAKIIIVHLHTPVEIVCTRPNNNTRKSVRIGPGQTFYATGDIIGDIKQAHCNISEEKWNDTLQKVGIELQKHFPNKTIKY
NQSAGGDMEITTHSFNCGGEFFYCNTSNLFNGTYNGTYISTNSSANSTSTITLQCRIKQIINMWQGVGRCMYAPPIAGNI
TCRSNITGLLLTRDGGTNSNETETFRPAGGDMRDNWRSELYKYKVVKIEPLGVAPTRCKRRV
;
A,E,I
2 'polypeptide(L)'
;AVGIGAVFLGFLGAAGSTMGAASMTLTVQARNLLSGIVQQQSNLLRAIEAQQHMLQLTVWGIKQLQARVLAVERYLRDQQ
LLGIWGCSGKLICCTNVPWNSSWSNRNLSEIWDNMTWLQWDKEISNYTQIIYGLLEESQNQQEKNEQDLLALD
;
B,F,J
3 'polypeptide(L)'
;QVQLVQSGAQMKNPGASVKVSCAPSGYTFTDFYIHWLRQAPGQGLQWMGWMNPQTGRTNTARNFQGRVTMTRDTSIGTAY
MELRSLTSDDTAIYYCTTGGWISLYYDSSYYPNFDHWGQGTLLTVS
;
C,G,K
4 'polypeptide(L)'
;ALTQPASVSGSPGQSITISCTGTKYDVGSHDLVSWYQQYPGKVPKYMIYEVNKRPSGVSNRFSGSKSGNTASLTISGLRA
EDEADYYCCSFGGSATVVCGGGTKVTVL
;
D,H,L
#
# COMPACT_ATOMS: atom_id res chain seq x y z
N GLU A 1 10.62 54.88 41.82
CA GLU A 1 10.71 53.48 42.22
C GLU A 1 9.70 52.61 41.46
N ASN A 2 9.26 53.07 40.29
CA ASN A 2 8.34 52.30 39.48
C ASN A 2 9.03 51.03 39.00
N LEU A 3 8.27 49.93 38.98
CA LEU A 3 8.79 48.61 38.68
C LEU A 3 8.40 48.23 37.25
N TRP A 4 9.38 47.77 36.47
CA TRP A 4 9.19 47.43 35.07
C TRP A 4 9.38 45.94 34.85
N VAL A 5 8.53 45.37 33.99
CA VAL A 5 8.58 43.95 33.69
C VAL A 5 9.57 43.70 32.57
N THR A 6 10.21 42.53 32.61
CA THR A 6 11.22 42.13 31.63
C THR A 6 10.93 40.71 31.17
N VAL A 7 11.53 40.34 30.05
CA VAL A 7 11.32 39.04 29.41
C VAL A 7 12.67 38.39 29.17
N TYR A 8 12.75 37.08 29.41
CA TYR A 8 13.95 36.29 29.19
C TYR A 8 13.61 35.12 28.29
N TYR A 9 14.55 34.78 27.40
CA TYR A 9 14.40 33.68 26.45
C TYR A 9 15.52 32.67 26.64
N GLY A 10 15.15 31.40 26.63
CA GLY A 10 16.11 30.34 26.91
C GLY A 10 16.28 30.04 28.37
N VAL A 11 15.25 30.26 29.19
CA VAL A 11 15.34 29.98 30.62
C VAL A 11 15.11 28.48 30.86
N PRO A 12 15.68 27.88 31.92
CA PRO A 12 15.43 26.45 32.18
C PRO A 12 14.15 26.18 32.94
N VAL A 13 13.02 26.08 32.24
CA VAL A 13 11.78 25.59 32.82
C VAL A 13 11.15 24.63 31.83
N TRP A 14 10.23 23.79 32.32
CA TRP A 14 9.67 22.73 31.49
C TRP A 14 8.28 22.36 32.00
N LYS A 15 7.54 21.67 31.14
CA LYS A 15 6.24 21.10 31.47
C LYS A 15 6.07 19.80 30.69
N GLU A 16 5.30 18.88 31.26
CA GLU A 16 5.14 17.56 30.64
C GLU A 16 4.38 17.67 29.32
N ALA A 17 4.68 16.77 28.39
CA ALA A 17 4.02 16.76 27.09
C ALA A 17 4.14 15.38 26.47
N LYS A 18 3.15 15.05 25.63
CA LYS A 18 3.11 13.78 24.90
C LYS A 18 3.59 13.94 23.46
N THR A 19 4.89 14.09 23.26
CA THR A 19 5.44 14.18 21.91
C THR A 19 5.64 12.79 21.31
N THR A 20 6.20 12.78 20.09
CA THR A 20 6.55 11.53 19.41
C THR A 20 8.05 11.32 19.51
N LEU A 21 8.46 10.32 20.28
CA LEU A 21 9.86 9.99 20.40
C LEU A 21 10.30 9.18 19.18
N PHE A 22 11.61 9.01 19.02
CA PHE A 22 12.16 8.33 17.85
C PHE A 22 13.39 7.51 18.23
N CYS A 23 13.94 6.84 17.24
CA CYS A 23 14.99 5.84 17.37
C CYS A 23 15.90 5.94 16.17
N ALA A 24 17.23 6.09 16.33
CA ALA A 24 18.27 5.95 17.38
C ALA A 24 18.51 4.51 17.87
N SER A 25 18.97 3.67 16.95
CA SER A 25 19.44 2.33 17.29
C SER A 25 20.87 2.43 17.85
N ASP A 26 21.53 1.28 17.99
CA ASP A 26 22.90 1.23 18.50
C ASP A 26 23.96 1.51 17.43
N ALA A 27 23.58 1.49 16.15
CA ALA A 27 24.48 1.82 15.05
C ALA A 27 25.68 0.88 14.95
N ARG A 28 25.54 -0.33 15.49
CA ARG A 28 26.51 -1.41 15.29
C ARG A 28 25.94 -2.54 14.45
N ALA A 29 24.61 -2.72 14.47
CA ALA A 29 23.95 -3.78 13.72
C ALA A 29 23.35 -3.23 12.42
N TYR A 30 24.03 -2.25 11.82
CA TYR A 30 23.56 -1.59 10.59
C TYR A 30 24.47 -1.89 9.40
N GLU A 31 24.99 -3.12 9.35
CA GLU A 31 25.40 -3.77 8.12
C GLU A 31 24.13 -4.33 7.47
N LYS A 32 24.25 -5.32 6.58
CA LYS A 32 23.08 -5.96 5.96
C LYS A 32 21.99 -6.34 6.96
N GLU A 33 22.34 -6.54 8.25
CA GLU A 33 21.37 -6.86 9.28
C GLU A 33 20.31 -5.79 9.49
N VAL A 34 20.54 -4.57 8.98
CA VAL A 34 19.56 -3.48 9.15
C VAL A 34 18.20 -3.87 8.60
N HIS A 35 18.19 -4.51 7.43
CA HIS A 35 16.96 -5.01 6.83
C HIS A 35 16.56 -6.37 7.39
N ASN A 36 17.44 -7.05 8.13
CA ASN A 36 17.13 -8.35 8.70
C ASN A 36 16.47 -8.25 10.07
N VAL A 37 16.98 -7.39 10.95
CA VAL A 37 16.53 -7.40 12.33
C VAL A 37 15.10 -6.89 12.40
N TRP A 38 14.24 -7.65 13.09
CA TRP A 38 12.92 -7.17 13.44
C TRP A 38 13.03 -6.09 14.50
N ALA A 39 12.15 -5.09 14.40
CA ALA A 39 12.05 -4.00 15.38
C ALA A 39 13.28 -3.10 15.40
N THR A 40 14.04 -3.05 14.29
CA THR A 40 15.18 -2.15 14.19
C THR A 40 15.30 -1.49 12.82
N HIS A 41 14.62 -2.03 11.80
CA HIS A 41 14.84 -1.58 10.43
C HIS A 41 14.46 -0.11 10.24
N ALA A 42 13.44 0.35 10.97
CA ALA A 42 12.99 1.73 10.84
C ALA A 42 13.80 2.72 11.68
N CYS A 43 14.67 2.24 12.56
CA CYS A 43 15.43 3.12 13.44
C CYS A 43 16.55 3.83 12.67
N VAL A 44 16.83 5.06 13.08
CA VAL A 44 17.97 5.80 12.54
C VAL A 44 19.25 5.28 13.21
N PRO A 45 20.37 5.14 12.49
CA PRO A 45 21.62 4.79 13.17
C PRO A 45 22.30 6.03 13.75
N THR A 46 22.49 6.03 15.06
CA THR A 46 23.11 7.14 15.77
C THR A 46 23.99 6.60 16.88
N ASP A 47 24.67 7.52 17.57
CA ASP A 47 25.58 7.19 18.67
C ASP A 47 25.20 8.02 19.89
N PRO A 48 24.08 7.72 20.55
CA PRO A 48 23.61 8.54 21.68
C PRO A 48 24.37 8.33 22.98
N SER A 49 25.48 9.06 23.12
CA SER A 49 26.29 8.95 24.32
C SER A 49 25.54 9.55 25.51
N PRO A 50 25.90 9.17 26.74
CA PRO A 50 25.17 9.70 27.90
C PRO A 50 25.48 11.17 28.14
N GLN A 51 24.81 11.72 29.15
CA GLN A 51 25.09 13.04 29.68
C GLN A 51 25.18 12.95 31.19
N GLU A 52 26.09 13.73 31.77
CA GLU A 52 26.53 13.57 33.15
C GLU A 52 25.74 14.42 34.14
N LEU A 53 24.73 15.14 33.69
CA LEU A 53 23.85 15.90 34.57
C LEU A 53 22.69 14.99 34.95
N VAL A 54 22.40 14.81 36.25
CA VAL A 54 22.82 15.43 37.52
C VAL A 54 22.62 16.93 37.45
N LEU A 55 21.36 17.35 37.61
CA LEU A 55 20.99 18.75 37.57
C LEU A 55 21.36 19.51 38.84
N GLY A 56 21.36 18.83 39.99
CA GLY A 56 21.65 19.47 41.26
C GLY A 56 20.43 19.49 42.17
N ASN A 57 19.87 20.68 42.37
CA ASN A 57 18.77 20.88 43.32
C ASN A 57 17.39 20.53 42.73
N VAL A 58 17.28 19.76 41.65
CA VAL A 58 15.97 19.46 41.06
C VAL A 58 15.30 18.38 41.87
N THR A 59 13.98 18.50 42.04
CA THR A 59 13.14 17.51 42.71
C THR A 59 11.92 17.29 41.81
N GLU A 60 12.00 16.28 40.95
CA GLU A 60 11.02 16.06 39.89
C GLU A 60 10.13 14.88 40.26
N ASN A 61 8.82 15.06 40.08
CA ASN A 61 7.88 13.96 40.29
C ASN A 61 7.88 13.03 39.08
N PHE A 62 7.86 11.73 39.33
CA PHE A 62 7.81 10.72 38.29
C PHE A 62 6.62 9.82 38.52
N ASN A 63 6.14 9.21 37.43
CA ASN A 63 5.06 8.24 37.47
C ASN A 63 5.31 7.23 36.36
N MET A 64 5.08 5.95 36.65
CA MET A 64 5.30 4.88 35.70
C MET A 64 4.01 4.36 35.08
N TRP A 65 2.95 4.24 35.85
CA TRP A 65 1.72 3.62 35.37
C TRP A 65 0.83 4.56 34.58
N LYS A 66 1.08 5.87 34.65
CA LYS A 66 0.44 6.85 33.79
C LYS A 66 1.36 7.33 32.67
N ASN A 67 2.50 6.68 32.47
CA ASN A 67 3.41 7.07 31.40
C ASN A 67 2.78 6.79 30.05
N ASP A 68 3.06 7.66 29.09
CA ASP A 68 2.63 7.47 27.70
C ASP A 68 3.76 6.97 26.81
N MET A 69 5.01 7.14 27.24
CA MET A 69 6.15 6.68 26.45
C MET A 69 6.09 5.18 26.21
N VAL A 70 5.67 4.41 27.22
CA VAL A 70 5.55 2.97 27.04
C VAL A 70 4.46 2.64 26.03
N ASP A 71 3.38 3.42 26.00
CA ASP A 71 2.34 3.17 24.99
C ASP A 71 2.83 3.49 23.59
N GLN A 72 3.65 4.52 23.43
CA GLN A 72 4.25 4.80 22.12
C GLN A 72 5.18 3.66 21.71
N MET A 73 5.95 3.12 22.66
CA MET A 73 6.77 1.95 22.33
C MET A 73 5.91 0.77 21.90
N HIS A 74 4.78 0.56 22.61
CA HIS A 74 3.89 -0.54 22.25
C HIS A 74 3.32 -0.36 20.86
N GLU A 75 2.88 0.85 20.53
CA GLU A 75 2.37 1.12 19.19
C GLU A 75 3.45 0.91 18.14
N ASP A 76 4.68 1.32 18.43
CA ASP A 76 5.78 1.12 17.49
C ASP A 76 6.02 -0.35 17.25
N ILE A 77 6.00 -1.16 18.31
CA ILE A 77 6.25 -2.59 18.17
C ILE A 77 5.14 -3.24 17.34
N ILE A 78 3.88 -2.87 17.62
CA ILE A 78 2.77 -3.40 16.83
C ILE A 78 2.94 -3.04 15.36
N SER A 79 3.14 -1.76 15.07
CA SER A 79 3.12 -1.32 13.68
C SER A 79 4.37 -1.74 12.93
N LEU A 80 5.45 -2.06 13.63
CA LEU A 80 6.69 -2.49 12.99
C LEU A 80 6.81 -4.00 12.94
N TRP A 81 5.96 -4.73 13.67
CA TRP A 81 5.78 -6.15 13.43
C TRP A 81 5.00 -6.40 12.15
N ASP A 82 3.92 -5.65 11.94
CA ASP A 82 3.14 -5.79 10.72
C ASP A 82 3.96 -5.38 9.49
N GLN A 83 4.77 -4.34 9.63
CA GLN A 83 5.54 -3.84 8.50
C GLN A 83 6.54 -4.86 8.00
N SER A 84 7.03 -5.74 8.88
CA SER A 84 8.02 -6.74 8.48
C SER A 84 7.39 -7.97 7.86
N LEU A 85 6.12 -8.26 8.16
CA LEU A 85 5.45 -9.43 7.61
C LEU A 85 4.76 -9.16 6.28
N LYS A 86 4.69 -7.91 5.85
CA LYS A 86 4.03 -7.59 4.58
C LYS A 86 4.64 -8.25 3.35
N PRO A 87 5.96 -8.21 3.12
CA PRO A 87 6.48 -8.53 1.79
C PRO A 87 6.75 -10.01 1.52
N CYS A 88 6.24 -10.96 2.31
CA CYS A 88 6.53 -12.37 2.05
C CYS A 88 5.30 -13.24 2.36
N VAL A 89 5.51 -14.56 2.26
CA VAL A 89 4.51 -15.53 1.82
C VAL A 89 3.25 -15.50 2.66
N LYS A 90 2.09 -15.60 1.99
CA LYS A 90 0.85 -15.96 2.67
C LYS A 90 0.61 -17.47 2.52
N LEU A 91 0.20 -18.10 3.60
CA LEU A 91 -0.07 -19.54 3.61
C LEU A 91 -1.53 -19.87 3.36
N THR A 92 -2.22 -19.07 2.55
CA THR A 92 -3.55 -19.48 2.09
C THR A 92 -3.55 -20.80 1.32
N PRO A 93 -2.59 -21.10 0.44
CA PRO A 93 -2.62 -22.41 -0.24
C PRO A 93 -2.53 -23.60 0.69
N LEU A 94 -1.96 -23.43 1.89
CA LEU A 94 -1.85 -24.54 2.84
C LEU A 94 -3.15 -24.86 3.55
N CYS A 95 -4.16 -24.01 3.46
CA CYS A 95 -5.43 -24.24 4.12
C CYS A 95 -6.23 -25.27 3.31
N VAL A 96 -5.83 -26.53 3.46
CA VAL A 96 -6.42 -27.65 2.73
C VAL A 96 -6.75 -28.75 3.72
N THR A 97 -7.25 -29.88 3.22
CA THR A 97 -7.48 -31.05 4.06
C THR A 97 -6.19 -31.84 4.20
N LEU A 98 -5.75 -32.05 5.44
CA LEU A 98 -4.53 -32.78 5.74
C LEU A 98 -4.89 -34.19 6.20
N ILE A 99 -4.38 -35.19 5.49
CA ILE A 99 -4.55 -36.59 5.85
C ILE A 99 -3.32 -37.00 6.65
N CYS A 100 -3.45 -37.08 7.96
CA CYS A 100 -2.28 -37.23 8.82
C CYS A 100 -2.49 -38.32 9.85
N SER A 101 -1.41 -39.02 10.16
CA SER A 101 -1.37 -40.01 11.22
C SER A 101 -0.17 -39.67 12.10
N ASP A 102 0.00 -40.46 13.17
CA ASP A 102 1.19 -40.31 14.00
C ASP A 102 2.43 -40.56 13.15
N ALA A 103 3.50 -39.82 13.44
CA ALA A 103 4.66 -39.84 12.56
C ALA A 103 5.31 -41.22 12.53
N THR A 104 5.53 -41.84 13.69
CA THR A 104 6.10 -43.18 13.76
C THR A 104 7.44 -43.23 13.05
N VAL A 105 8.34 -42.32 13.42
CA VAL A 105 9.59 -42.18 12.69
C VAL A 105 10.52 -43.34 13.04
N LYS A 106 10.83 -44.15 12.04
CA LYS A 106 11.80 -45.25 12.16
C LYS A 106 11.44 -46.21 13.31
N THR A 107 10.28 -46.84 13.16
CA THR A 107 9.82 -47.90 14.05
C THR A 107 9.40 -47.39 15.43
N GLY A 108 9.52 -46.09 15.69
CA GLY A 108 9.26 -45.53 17.00
C GLY A 108 8.30 -44.37 16.96
N THR A 109 7.44 -44.28 17.98
CA THR A 109 6.43 -43.24 18.04
C THR A 109 7.01 -41.95 18.62
N VAL A 110 6.58 -40.82 18.07
CA VAL A 110 6.82 -39.50 18.64
C VAL A 110 5.46 -38.90 18.98
N GLU A 111 5.30 -38.49 20.23
CA GLU A 111 3.98 -38.15 20.74
C GLU A 111 3.50 -36.78 20.28
N GLU A 112 4.42 -35.90 19.86
CA GLU A 112 4.11 -34.49 19.70
C GLU A 112 3.86 -34.08 18.26
N MET A 113 4.38 -34.82 17.26
CA MET A 113 4.38 -34.38 15.88
C MET A 113 3.59 -35.35 15.00
N LYS A 114 2.77 -34.78 14.12
CA LYS A 114 1.94 -35.53 13.18
C LYS A 114 2.56 -35.43 11.79
N ASN A 115 2.59 -36.54 11.07
CA ASN A 115 3.11 -36.59 9.70
C ASN A 115 1.94 -36.36 8.75
N CYS A 116 1.77 -35.12 8.31
CA CYS A 116 0.63 -34.72 7.50
C CYS A 116 0.99 -34.76 6.03
N SER A 117 0.04 -35.21 5.20
CA SER A 117 0.19 -35.24 3.75
C SER A 117 -0.97 -34.46 3.12
N PHE A 118 -0.64 -33.61 2.14
CA PHE A 118 -1.63 -32.71 1.56
C PHE A 118 -1.27 -32.46 0.09
N ASN A 119 -2.30 -32.13 -0.69
CA ASN A 119 -2.14 -31.87 -2.12
C ASN A 119 -1.80 -30.39 -2.31
N THR A 120 -0.53 -30.11 -2.57
CA THR A 120 -0.08 -28.75 -2.79
C THR A 120 -0.12 -28.42 -4.28
N THR A 121 -0.26 -27.13 -4.57
CA THR A 121 -0.30 -26.65 -5.94
C THR A 121 1.11 -26.35 -6.45
N THR A 122 1.45 -26.88 -7.61
CA THR A 122 2.77 -26.62 -8.18
C THR A 122 2.80 -25.20 -8.75
N GLU A 123 3.89 -24.82 -9.41
CA GLU A 123 3.93 -23.52 -10.07
C GLU A 123 2.86 -23.44 -11.15
N ILE A 124 2.64 -24.54 -11.87
CA ILE A 124 1.61 -24.59 -12.90
C ILE A 124 0.26 -24.76 -12.23
N ARG A 125 -0.70 -23.92 -12.62
CA ARG A 125 -1.98 -23.89 -11.93
C ARG A 125 -2.76 -25.20 -12.09
N ASP A 126 -2.59 -25.89 -13.22
CA ASP A 126 -3.38 -27.08 -13.48
C ASP A 126 -2.98 -28.24 -12.57
N LYS A 127 -1.69 -28.46 -12.39
CA LYS A 127 -1.18 -29.69 -11.81
C LYS A 127 -0.96 -29.51 -10.31
N GLU A 128 -1.62 -30.34 -9.52
CA GLU A 128 -1.38 -30.44 -8.09
C GLU A 128 -0.45 -31.60 -7.80
N LYS A 129 0.25 -31.52 -6.67
CA LYS A 129 1.25 -32.50 -6.27
C LYS A 129 0.99 -32.90 -4.84
N LYS A 130 1.19 -34.18 -4.54
CA LYS A 130 1.05 -34.67 -3.17
C LYS A 130 2.34 -34.43 -2.41
N GLU A 131 2.24 -33.80 -1.25
CA GLU A 131 3.40 -33.35 -0.49
C GLU A 131 3.12 -33.63 0.98
N TYR A 132 4.17 -33.62 1.81
CA TYR A 132 4.01 -33.91 3.24
C TYR A 132 4.94 -33.03 4.04
N ALA A 133 4.67 -32.97 5.36
CA ALA A 133 5.52 -32.27 6.31
C ALA A 133 5.06 -32.64 7.71
N LEU A 134 5.99 -32.58 8.66
CA LEU A 134 5.70 -32.96 10.04
C LEU A 134 5.22 -31.72 10.80
N PHE A 135 3.92 -31.64 11.03
CA PHE A 135 3.34 -30.53 11.78
C PHE A 135 3.25 -30.90 13.25
N TYR A 136 3.52 -29.92 14.11
CA TYR A 136 3.30 -30.11 15.53
C TYR A 136 1.82 -30.30 15.82
N LYS A 137 1.54 -30.75 17.02
CA LYS A 137 0.23 -30.57 17.64
C LYS A 137 0.19 -29.12 18.11
N PRO A 138 -0.83 -28.68 18.85
CA PRO A 138 -1.34 -27.31 18.70
C PRO A 138 -1.57 -26.74 17.31
N ASP A 139 -0.64 -26.82 16.36
CA ASP A 139 -0.87 -26.29 15.03
C ASP A 139 -1.99 -26.99 14.27
N ILE A 140 -2.43 -28.16 14.73
CA ILE A 140 -3.29 -29.06 13.96
C ILE A 140 -4.56 -29.32 14.75
N VAL A 141 -5.69 -29.32 14.05
CA VAL A 141 -7.02 -29.48 14.66
C VAL A 141 -7.80 -30.51 13.86
N PRO A 142 -8.62 -31.38 14.47
CA PRO A 142 -9.43 -32.30 13.66
C PRO A 142 -10.44 -31.55 12.81
N LEU A 143 -10.71 -32.10 11.63
CA LEU A 143 -11.59 -31.45 10.69
C LEU A 143 -13.05 -31.82 10.96
N SER A 144 -13.94 -30.90 10.60
CA SER A 144 -15.36 -31.08 10.87
C SER A 144 -16.02 -31.95 9.80
N GLU A 145 -17.22 -32.42 10.11
CA GLU A 145 -18.05 -33.18 9.18
C GLU A 145 -17.38 -34.47 8.72
N THR A 146 -16.77 -35.20 9.66
CA THR A 146 -16.24 -36.52 9.38
C THR A 146 -16.31 -37.35 10.65
N ASN A 147 -16.34 -38.67 10.49
CA ASN A 147 -16.60 -39.59 11.60
C ASN A 147 -15.31 -39.96 12.33
N ASN A 148 -14.68 -38.93 12.90
CA ASN A 148 -13.45 -39.07 13.69
C ASN A 148 -12.34 -39.72 12.88
N THR A 149 -12.31 -39.45 11.58
CA THR A 149 -11.28 -40.03 10.73
C THR A 149 -9.97 -39.26 10.89
N SER A 150 -8.97 -39.67 10.11
CA SER A 150 -7.66 -39.04 10.13
C SER A 150 -7.60 -37.86 9.17
N GLU A 151 -8.54 -36.93 9.29
CA GLU A 151 -8.58 -35.71 8.49
C GLU A 151 -8.43 -34.51 9.42
N TYR A 152 -7.48 -33.65 9.13
CA TYR A 152 -7.11 -32.56 10.01
C TYR A 152 -6.91 -31.29 9.19
N ARG A 153 -6.87 -30.16 9.87
CA ARG A 153 -6.64 -28.86 9.23
C ARG A 153 -5.76 -28.01 10.15
N LEU A 154 -5.22 -26.94 9.59
CA LEU A 154 -4.44 -26.01 10.39
C LEU A 154 -5.33 -25.26 11.36
N ILE A 155 -4.71 -24.70 12.40
CA ILE A 155 -5.47 -24.09 13.49
C ILE A 155 -6.23 -22.86 12.98
N ASN A 156 -5.59 -22.05 12.15
CA ASN A 156 -6.10 -20.72 11.85
C ASN A 156 -7.02 -20.65 10.64
N CYS A 157 -7.36 -21.77 10.00
CA CYS A 157 -8.16 -21.73 8.78
C CYS A 157 -9.52 -21.07 9.00
N ASN A 158 -10.08 -21.19 10.20
CA ASN A 158 -11.40 -20.66 10.46
C ASN A 158 -11.40 -19.24 11.02
N THR A 159 -10.23 -18.58 11.11
CA THR A 159 -10.18 -17.20 11.61
C THR A 159 -9.36 -16.24 10.76
N SER A 160 -8.29 -16.72 10.12
CA SER A 160 -7.44 -15.82 9.35
C SER A 160 -6.41 -16.63 8.57
N ALA A 161 -5.67 -15.94 7.71
CA ALA A 161 -4.60 -16.55 6.91
C ALA A 161 -3.27 -16.02 7.41
N CYS A 162 -2.40 -16.94 7.83
CA CYS A 162 -1.13 -16.55 8.44
C CYS A 162 -0.02 -16.46 7.42
N THR A 163 0.77 -15.41 7.51
CA THR A 163 1.94 -15.22 6.66
C THR A 163 3.16 -15.88 7.29
N GLN A 164 3.92 -16.60 6.48
CA GLN A 164 5.19 -17.12 6.95
C GLN A 164 6.14 -15.96 7.22
N ALA A 165 6.80 -15.99 8.37
CA ALA A 165 7.81 -14.99 8.66
C ALA A 165 8.94 -15.12 7.66
N CYS A 166 9.36 -14.00 7.09
CA CYS A 166 10.41 -13.96 6.08
C CYS A 166 11.67 -14.58 6.67
N PRO A 167 12.15 -15.74 6.22
CA PRO A 167 13.25 -16.41 6.96
C PRO A 167 14.53 -15.60 7.02
N LYS A 168 14.75 -14.65 6.12
CA LYS A 168 15.87 -13.74 6.24
C LYS A 168 15.73 -12.84 7.46
N VAL A 169 14.50 -12.46 7.83
CA VAL A 169 14.28 -11.62 8.99
C VAL A 169 14.68 -12.36 10.25
N THR A 170 15.29 -11.64 11.19
CA THR A 170 15.83 -12.20 12.43
C THR A 170 15.06 -11.66 13.61
N PHE A 171 14.65 -12.54 14.51
CA PHE A 171 14.02 -12.16 15.77
C PHE A 171 15.11 -12.12 16.83
N GLU A 172 15.59 -10.92 17.13
CA GLU A 172 16.56 -10.72 18.18
C GLU A 172 16.29 -9.38 18.86
N PRO A 173 16.32 -9.31 20.21
CA PRO A 173 16.17 -7.99 20.84
C PRO A 173 17.43 -7.13 20.74
N ILE A 174 17.66 -6.53 19.58
CA ILE A 174 18.74 -5.55 19.47
C ILE A 174 18.35 -4.30 20.25
N PRO A 175 19.24 -3.71 21.06
CA PRO A 175 18.78 -2.63 21.95
C PRO A 175 18.30 -1.40 21.20
N ILE A 176 17.31 -0.73 21.78
CA ILE A 176 16.63 0.40 21.19
C ILE A 176 16.75 1.58 22.14
N HIS A 177 17.20 2.72 21.62
CA HIS A 177 17.26 3.96 22.38
C HIS A 177 16.14 4.88 21.90
N TYR A 178 15.39 5.44 22.85
CA TYR A 178 14.35 6.40 22.55
C TYR A 178 14.83 7.81 22.85
N CYS A 179 14.57 8.73 21.93
CA CYS A 179 14.99 10.12 22.03
C CYS A 179 13.80 11.02 21.82
N ALA A 180 13.77 12.15 22.58
CA ALA A 180 12.73 13.15 22.37
C ALA A 180 13.16 14.11 21.26
N PRO A 181 12.23 14.73 20.53
CA PRO A 181 12.65 15.66 19.48
C PRO A 181 13.30 16.89 20.07
N ALA A 182 13.75 17.78 19.19
CA ALA A 182 14.28 19.05 19.65
C ALA A 182 13.18 19.86 20.31
N GLY A 183 13.54 20.59 21.36
CA GLY A 183 12.57 21.34 22.15
C GLY A 183 11.97 20.57 23.30
N TYR A 184 12.24 19.27 23.41
CA TYR A 184 11.86 18.46 24.55
C TYR A 184 13.11 17.86 25.15
N ALA A 185 12.98 17.33 26.37
CA ALA A 185 14.09 16.71 27.07
C ALA A 185 13.59 15.48 27.81
N ILE A 186 14.48 14.51 27.96
CA ILE A 186 14.19 13.28 28.70
C ILE A 186 14.82 13.39 30.07
N LEU A 187 14.01 13.25 31.11
CA LEU A 187 14.47 13.22 32.49
C LEU A 187 14.43 11.78 32.99
N LYS A 188 15.33 11.46 33.92
CA LYS A 188 15.37 10.12 34.51
C LYS A 188 15.73 10.23 35.98
N CYS A 189 15.23 9.28 36.77
CA CYS A 189 15.54 9.24 38.19
C CYS A 189 16.96 8.73 38.41
N ASN A 190 17.43 8.91 39.65
CA ASN A 190 18.65 8.25 40.12
C ASN A 190 18.54 7.69 41.53
N ASP A 191 17.46 7.97 42.26
CA ASP A 191 17.30 7.41 43.60
C ASP A 191 17.12 5.91 43.52
N GLU A 192 17.66 5.21 44.52
CA GLU A 192 17.58 3.76 44.57
C GLU A 192 16.30 3.33 45.27
N THR A 193 15.80 2.16 44.89
CA THR A 193 14.56 1.63 45.43
C THR A 193 13.39 2.58 45.15
N PHE A 194 13.28 2.99 43.89
CA PHE A 194 12.16 3.82 43.46
C PHE A 194 10.94 2.93 43.25
N ASN A 195 9.87 3.20 43.98
CA ASN A 195 8.68 2.37 43.94
C ASN A 195 7.73 2.72 42.80
N GLY A 196 8.18 3.50 41.81
CA GLY A 196 7.41 3.77 40.62
C GLY A 196 6.66 5.08 40.61
N THR A 197 6.42 5.69 41.77
CA THR A 197 5.76 6.98 41.85
C THR A 197 6.40 7.78 42.98
N GLY A 198 6.19 9.09 42.94
CA GLY A 198 6.73 9.99 43.93
C GLY A 198 7.98 10.70 43.46
N PRO A 199 8.48 11.63 44.27
CA PRO A 199 9.60 12.47 43.84
C PRO A 199 10.90 11.68 43.76
N CYS A 200 11.79 12.16 42.91
CA CYS A 200 13.17 11.69 42.83
C CYS A 200 14.09 12.86 43.12
N SER A 201 14.79 12.78 44.25
CA SER A 201 15.64 13.89 44.68
C SER A 201 16.93 14.02 43.87
N ASN A 202 17.27 13.03 43.05
CA ASN A 202 18.45 13.05 42.20
C ASN A 202 18.00 12.74 40.79
N VAL A 203 18.04 13.74 39.91
CA VAL A 203 17.46 13.66 38.57
C VAL A 203 18.52 14.04 37.56
N SER A 204 18.37 13.51 36.35
CA SER A 204 19.35 13.67 35.27
C SER A 204 18.64 13.93 33.96
N THR A 205 19.36 14.59 33.04
CA THR A 205 18.93 14.72 31.66
C THR A 205 19.76 13.80 30.78
N VAL A 206 19.17 13.37 29.67
CA VAL A 206 19.85 12.54 28.68
C VAL A 206 19.29 12.85 27.30
N GLN A 207 20.17 12.80 26.30
CA GLN A 207 19.73 12.97 24.92
C GLN A 207 18.80 11.83 24.51
N CYS A 208 19.13 10.60 24.89
CA CYS A 208 18.33 9.43 24.56
C CYS A 208 18.32 8.46 25.74
N THR A 209 17.43 7.48 25.67
CA THR A 209 17.28 6.52 26.75
C THR A 209 18.35 5.44 26.70
N HIS A 210 18.49 4.74 27.82
CA HIS A 210 19.30 3.55 27.97
C HIS A 210 18.90 2.51 26.91
N GLY A 211 19.79 1.58 26.58
CA GLY A 211 19.54 0.65 25.49
C GLY A 211 18.49 -0.39 25.79
N ILE A 212 17.22 0.04 25.85
CA ILE A 212 16.11 -0.85 26.11
C ILE A 212 16.09 -1.98 25.09
N ARG A 213 15.82 -3.22 25.57
CA ARG A 213 15.69 -4.40 24.73
C ARG A 213 14.22 -4.72 24.50
N PRO A 214 13.73 -4.92 23.23
CA PRO A 214 12.31 -5.25 23.02
C PRO A 214 12.00 -6.74 23.20
N VAL A 215 12.39 -7.29 24.36
CA VAL A 215 12.05 -8.67 24.67
C VAL A 215 10.53 -8.76 24.94
N VAL A 216 9.93 -9.86 24.50
CA VAL A 216 8.54 -10.17 24.85
C VAL A 216 8.48 -11.61 25.33
N SER A 217 7.92 -11.78 26.52
CA SER A 217 7.76 -13.08 27.17
C SER A 217 6.54 -13.00 28.07
N THR A 218 6.43 -13.93 29.01
CA THR A 218 5.36 -13.85 29.99
C THR A 218 5.77 -14.66 31.21
N GLN A 219 5.45 -14.13 32.39
CA GLN A 219 5.70 -14.73 33.70
C GLN A 219 7.15 -14.67 34.15
N LEU A 220 8.06 -14.23 33.29
CA LEU A 220 9.44 -13.99 33.66
C LEU A 220 10.06 -13.06 32.64
N LEU A 221 10.32 -11.81 33.04
CA LEU A 221 11.12 -10.96 32.19
C LEU A 221 12.53 -11.53 32.12
N LEU A 222 13.24 -11.21 31.06
CA LEU A 222 14.55 -11.83 30.84
C LEU A 222 15.40 -10.96 29.94
N ASN A 223 16.71 -11.09 30.10
CA ASN A 223 17.72 -10.25 29.44
C ASN A 223 17.53 -8.76 29.73
N GLY A 224 16.84 -8.43 30.82
CA GLY A 224 16.65 -7.05 31.19
C GLY A 224 17.75 -6.52 32.09
N SER A 225 17.69 -5.22 32.36
CA SER A 225 18.61 -4.59 33.28
C SER A 225 18.16 -4.81 34.71
N LEU A 226 19.11 -4.69 35.64
CA LEU A 226 18.93 -5.10 37.03
C LEU A 226 18.92 -3.89 37.95
N ALA A 227 18.31 -4.07 39.12
CA ALA A 227 18.32 -3.02 40.12
C ALA A 227 19.73 -2.84 40.68
N GLU A 228 19.88 -1.84 41.56
CA GLU A 228 21.18 -1.39 42.02
C GLU A 228 21.51 -1.83 43.45
N LYS A 229 20.60 -1.64 44.40
CA LYS A 229 20.86 -1.90 45.81
C LYS A 229 20.15 -3.12 46.36
N GLU A 230 18.90 -3.36 45.96
CA GLU A 230 18.14 -4.46 46.53
C GLU A 230 16.98 -4.75 45.59
N ILE A 231 16.39 -5.95 45.75
CA ILE A 231 15.17 -6.27 45.05
C ILE A 231 14.13 -5.20 45.30
N VAL A 232 13.52 -4.70 44.22
CA VAL A 232 12.50 -3.66 44.27
C VAL A 232 11.19 -4.24 43.77
N ILE A 233 10.15 -4.13 44.60
CA ILE A 233 8.82 -4.63 44.28
C ILE A 233 7.95 -3.44 43.94
N ARG A 234 7.18 -3.57 42.86
CA ARG A 234 6.64 -2.41 42.15
C ARG A 234 5.25 -2.75 41.65
N SER A 235 4.25 -2.03 42.13
CA SER A 235 2.87 -2.26 41.71
C SER A 235 2.08 -0.97 41.87
N GLU A 236 1.04 -0.83 41.04
CA GLU A 236 0.24 0.38 41.05
C GLU A 236 -0.51 0.52 42.38
N ASN A 237 -1.12 -0.57 42.85
CA ASN A 237 -1.87 -0.54 44.11
C ASN A 237 -1.85 -1.97 44.66
N LEU A 238 -0.96 -2.21 45.63
CA LEU A 238 -0.79 -3.56 46.17
C LEU A 238 -2.07 -4.05 46.84
N THR A 239 -2.88 -3.13 47.38
CA THR A 239 -4.13 -3.52 48.02
C THR A 239 -5.19 -3.99 47.02
N ASN A 240 -4.98 -3.76 45.72
CA ASN A 240 -5.87 -4.25 44.67
C ASN A 240 -5.25 -5.48 44.06
N ASN A 241 -5.99 -6.60 44.08
CA ASN A 241 -5.45 -7.87 43.61
C ASN A 241 -5.35 -7.96 42.10
N ALA A 242 -5.94 -7.03 41.35
CA ALA A 242 -5.93 -7.11 39.89
C ALA A 242 -4.65 -6.56 39.28
N LYS A 243 -3.76 -5.97 40.09
CA LYS A 243 -2.57 -5.31 39.55
C LYS A 243 -1.39 -6.27 39.49
N ILE A 244 -0.66 -6.22 38.37
CA ILE A 244 0.58 -6.98 38.25
C ILE A 244 1.59 -6.40 39.23
N ILE A 245 2.51 -7.25 39.70
CA ILE A 245 3.51 -6.88 40.70
C ILE A 245 4.87 -7.13 40.06
N ILE A 246 5.50 -6.08 39.55
CA ILE A 246 6.77 -6.21 38.83
C ILE A 246 7.90 -6.39 39.83
N VAL A 247 8.26 -7.63 40.12
CA VAL A 247 9.28 -7.89 41.13
C VAL A 247 10.66 -7.78 40.51
N HIS A 248 11.18 -6.56 40.43
CA HIS A 248 12.47 -6.32 39.81
C HIS A 248 13.59 -6.87 40.70
N LEU A 249 14.46 -7.71 40.14
CA LEU A 249 15.52 -8.34 40.91
C LEU A 249 16.80 -7.53 40.89
N HIS A 250 17.67 -7.81 41.86
CA HIS A 250 19.01 -7.23 41.92
C HIS A 250 20.04 -8.18 41.31
N THR A 251 19.98 -9.47 41.68
CA THR A 251 20.91 -10.50 41.18
C THR A 251 20.24 -11.31 40.08
N PRO A 252 20.93 -11.65 38.97
CA PRO A 252 20.26 -12.40 37.90
C PRO A 252 20.39 -13.89 38.09
N VAL A 253 19.26 -14.59 38.05
CA VAL A 253 19.26 -16.05 37.91
C VAL A 253 19.46 -16.37 36.43
N GLU A 254 20.06 -17.53 36.14
CA GLU A 254 20.39 -17.92 34.78
C GLU A 254 19.56 -19.14 34.38
N ILE A 255 18.97 -19.07 33.18
CA ILE A 255 18.10 -20.11 32.65
C ILE A 255 18.70 -20.62 31.34
N VAL A 256 18.71 -21.94 31.17
CA VAL A 256 19.29 -22.59 30.00
C VAL A 256 18.22 -23.46 29.35
N CYS A 257 17.82 -23.10 28.13
CA CYS A 257 16.77 -23.78 27.39
C CYS A 257 17.33 -24.42 26.13
N THR A 258 16.71 -25.51 25.69
CA THR A 258 17.25 -26.28 24.59
C THR A 258 16.16 -27.12 23.94
N ARG A 259 16.47 -27.62 22.74
CA ARG A 259 15.60 -28.54 22.00
C ARG A 259 16.47 -29.65 21.43
N PRO A 260 16.68 -30.77 22.13
CA PRO A 260 17.79 -31.67 21.76
C PRO A 260 17.76 -32.28 20.37
N ASN A 261 16.59 -32.47 19.74
CA ASN A 261 16.51 -33.32 18.55
C ASN A 261 16.94 -32.57 17.30
N ASN A 262 17.42 -33.34 16.32
CA ASN A 262 18.11 -32.81 15.14
C ASN A 262 17.13 -32.68 13.97
N ASN A 263 16.24 -31.69 14.08
CA ASN A 263 15.27 -31.46 13.03
C ASN A 263 15.94 -31.12 11.71
N THR A 264 15.34 -31.57 10.63
CA THR A 264 15.71 -31.16 9.29
C THR A 264 14.79 -30.02 8.85
N ARG A 265 14.84 -29.67 7.57
CA ARG A 265 14.05 -28.58 7.04
C ARG A 265 13.93 -28.76 5.54
N LYS A 266 12.70 -28.81 5.04
CA LYS A 266 12.42 -29.02 3.63
C LYS A 266 11.48 -27.94 3.12
N SER A 267 11.68 -27.56 1.86
CA SER A 267 10.95 -26.47 1.24
C SER A 267 9.92 -27.04 0.27
N VAL A 268 8.72 -26.48 0.32
CA VAL A 268 7.61 -26.90 -0.53
C VAL A 268 7.31 -25.78 -1.51
N ARG A 269 7.52 -26.02 -2.80
CA ARG A 269 7.29 -25.00 -3.80
C ARG A 269 5.79 -24.85 -4.03
N ILE A 270 5.29 -23.62 -3.87
CA ILE A 270 3.89 -23.29 -4.08
C ILE A 270 3.82 -22.06 -4.97
N GLY A 271 2.95 -22.11 -5.98
CA GLY A 271 2.67 -20.94 -6.77
C GLY A 271 3.88 -20.44 -7.54
N PRO A 272 3.80 -19.22 -8.06
CA PRO A 272 4.93 -18.68 -8.83
C PRO A 272 6.07 -18.20 -7.95
N GLY A 273 6.97 -19.12 -7.57
CA GLY A 273 8.21 -18.77 -6.92
C GLY A 273 8.19 -18.76 -5.41
N GLN A 274 7.01 -18.85 -4.79
CA GLN A 274 6.93 -18.89 -3.34
C GLN A 274 7.29 -20.28 -2.82
N THR A 275 7.85 -20.31 -1.61
CA THR A 275 8.24 -21.56 -0.97
C THR A 275 7.72 -21.55 0.46
N PHE A 276 7.53 -22.75 1.00
CA PHE A 276 6.98 -22.94 2.34
C PHE A 276 7.85 -23.96 3.07
N TYR A 277 8.56 -23.51 4.10
CA TYR A 277 9.53 -24.34 4.80
C TYR A 277 8.84 -25.08 5.95
N ALA A 278 9.02 -26.40 6.00
CA ALA A 278 8.44 -27.20 7.06
C ALA A 278 9.37 -28.37 7.37
N THR A 279 9.21 -28.91 8.58
CA THR A 279 10.07 -30.00 9.02
C THR A 279 9.84 -31.23 8.15
N GLY A 280 10.93 -31.92 7.83
CA GLY A 280 10.88 -33.08 6.97
C GLY A 280 11.12 -34.39 7.70
N ASP A 281 12.02 -34.35 8.68
CA ASP A 281 12.42 -35.55 9.40
C ASP A 281 13.12 -35.12 10.67
N ILE A 282 13.29 -36.07 11.59
CA ILE A 282 14.03 -35.86 12.84
C ILE A 282 15.15 -36.88 12.87
N ILE A 283 16.32 -36.51 12.36
CA ILE A 283 17.38 -37.48 12.11
C ILE A 283 18.23 -37.64 13.36
N GLY A 284 17.82 -38.54 14.23
CA GLY A 284 18.44 -38.73 15.52
C GLY A 284 17.57 -39.61 16.38
N ASP A 285 17.31 -39.17 17.61
CA ASP A 285 16.35 -39.78 18.51
C ASP A 285 15.35 -38.72 18.95
N ILE A 286 14.45 -39.09 19.85
CA ILE A 286 13.41 -38.20 20.35
C ILE A 286 13.87 -37.61 21.68
N LYS A 287 13.30 -36.47 22.05
CA LYS A 287 13.80 -35.60 23.09
C LYS A 287 12.66 -35.12 23.97
N GLN A 288 13.00 -34.23 24.89
CA GLN A 288 12.05 -33.36 25.54
C GLN A 288 12.66 -31.96 25.55
N ALA A 289 11.91 -30.97 25.07
CA ALA A 289 12.34 -29.58 25.20
C ALA A 289 12.21 -29.17 26.65
N HIS A 290 13.29 -28.59 27.20
CA HIS A 290 13.34 -28.31 28.62
C HIS A 290 14.15 -27.06 28.88
N CYS A 291 13.93 -26.47 30.05
CA CYS A 291 14.66 -25.32 30.54
C CYS A 291 15.15 -25.60 31.95
N ASN A 292 16.41 -25.25 32.22
CA ASN A 292 17.06 -25.60 33.48
C ASN A 292 17.38 -24.36 34.29
N ILE A 293 17.05 -24.41 35.57
CA ILE A 293 17.36 -23.35 36.54
C ILE A 293 17.99 -24.02 37.75
N SER A 294 18.96 -23.34 38.37
CA SER A 294 19.55 -23.87 39.59
C SER A 294 18.52 -23.85 40.71
N GLU A 295 18.49 -24.91 41.52
CA GLU A 295 17.55 -24.95 42.64
C GLU A 295 18.02 -24.07 43.79
N GLU A 296 19.33 -24.03 44.05
CA GLU A 296 19.84 -23.20 45.13
C GLU A 296 19.63 -21.71 44.82
N LYS A 297 19.97 -21.30 43.59
CA LYS A 297 19.80 -19.90 43.22
C LYS A 297 18.34 -19.50 43.22
N TRP A 298 17.45 -20.39 42.77
CA TRP A 298 16.04 -20.07 42.80
C TRP A 298 15.50 -20.03 44.23
N ASN A 299 16.00 -20.88 45.12
CA ASN A 299 15.62 -20.77 46.52
C ASN A 299 16.06 -19.42 47.10
N ASP A 300 17.27 -18.99 46.77
CA ASP A 300 17.72 -17.68 47.25
C ASP A 300 16.85 -16.56 46.69
N THR A 301 16.53 -16.62 45.39
CA THR A 301 15.79 -15.56 44.73
C THR A 301 14.30 -15.58 45.05
N LEU A 302 13.78 -16.66 45.65
CA LEU A 302 12.47 -16.61 46.28
C LEU A 302 12.51 -16.26 47.75
N GLN A 303 13.58 -16.61 48.47
CA GLN A 303 13.72 -16.17 49.85
C GLN A 303 13.83 -14.65 49.93
N LYS A 304 14.65 -14.06 49.06
CA LYS A 304 14.83 -12.62 49.11
C LYS A 304 13.59 -11.89 48.64
N VAL A 305 12.89 -12.44 47.65
CA VAL A 305 11.62 -11.86 47.24
C VAL A 305 10.60 -11.98 48.37
N GLY A 306 10.67 -13.06 49.14
CA GLY A 306 9.80 -13.16 50.30
C GLY A 306 10.11 -12.11 51.34
N ILE A 307 11.39 -11.86 51.59
CA ILE A 307 11.78 -10.84 52.58
C ILE A 307 11.29 -9.47 52.13
N GLU A 308 11.56 -9.13 50.86
CA GLU A 308 11.18 -7.80 50.37
C GLU A 308 9.67 -7.65 50.24
N LEU A 309 8.97 -8.75 49.93
CA LEU A 309 7.52 -8.71 49.78
C LEU A 309 6.81 -8.80 51.12
N GLN A 310 7.50 -9.26 52.17
CA GLN A 310 6.90 -9.32 53.49
C GLN A 310 6.85 -7.94 54.15
N LYS A 311 7.67 -6.99 53.69
CA LYS A 311 7.61 -5.64 54.24
C LYS A 311 6.26 -4.98 53.98
N HIS A 312 5.74 -5.13 52.76
CA HIS A 312 4.42 -4.59 52.44
C HIS A 312 3.29 -5.46 52.98
N PHE A 313 3.57 -6.70 53.38
CA PHE A 313 2.59 -7.62 53.93
C PHE A 313 3.14 -8.18 55.24
N PRO A 314 3.22 -7.35 56.28
CA PRO A 314 3.93 -7.74 57.49
C PRO A 314 3.19 -8.83 58.27
N ASN A 315 3.96 -9.55 59.08
CA ASN A 315 3.43 -10.62 59.94
C ASN A 315 2.74 -11.71 59.13
N LYS A 316 3.36 -12.16 58.04
CA LYS A 316 2.80 -13.18 57.17
C LYS A 316 3.89 -14.04 56.56
N THR A 317 3.66 -15.35 56.59
CA THR A 317 4.36 -16.25 55.70
C THR A 317 3.93 -15.96 54.27
N ILE A 318 4.81 -16.24 53.30
CA ILE A 318 4.55 -15.95 51.89
C ILE A 318 4.51 -17.26 51.12
N LYS A 319 3.45 -17.43 50.34
CA LYS A 319 3.15 -18.67 49.63
C LYS A 319 3.11 -18.39 48.13
N TYR A 320 3.80 -19.22 47.36
CA TYR A 320 3.77 -19.18 45.91
C TYR A 320 2.96 -20.36 45.39
N ASN A 321 2.37 -20.21 44.20
CA ASN A 321 1.52 -21.23 43.63
C ASN A 321 1.61 -21.17 42.11
N GLN A 322 1.16 -22.23 41.46
CA GLN A 322 1.21 -22.27 40.01
C GLN A 322 0.18 -21.33 39.40
N SER A 323 0.22 -21.21 38.08
CA SER A 323 -0.73 -20.36 37.38
C SER A 323 -2.15 -20.90 37.51
N ALA A 324 -3.11 -20.15 36.97
CA ALA A 324 -4.52 -20.36 37.23
C ALA A 324 -5.25 -21.18 36.16
N GLY A 325 -4.55 -21.70 35.17
CA GLY A 325 -5.16 -22.55 34.17
C GLY A 325 -5.71 -21.78 32.99
N GLY A 326 -5.68 -22.45 31.83
CA GLY A 326 -6.08 -21.84 30.57
C GLY A 326 -5.25 -22.34 29.40
N ASP A 327 -5.20 -21.56 28.32
CA ASP A 327 -4.43 -21.95 27.14
C ASP A 327 -2.94 -21.91 27.46
N MET A 328 -2.14 -22.36 26.48
CA MET A 328 -0.69 -22.35 26.65
C MET A 328 -0.16 -20.93 26.77
N GLU A 329 -0.68 -20.01 25.95
CA GLU A 329 -0.20 -18.63 25.98
C GLU A 329 -0.46 -17.98 27.34
N ILE A 330 -1.54 -18.39 28.02
CA ILE A 330 -1.93 -17.74 29.27
C ILE A 330 -1.16 -18.33 30.45
N THR A 331 -1.02 -19.64 30.48
CA THR A 331 -0.48 -20.32 31.66
C THR A 331 1.02 -20.58 31.59
N THR A 332 1.61 -20.57 30.40
CA THR A 332 2.96 -21.05 30.19
C THR A 332 3.90 -19.91 29.83
N HIS A 333 5.17 -20.08 30.18
CA HIS A 333 6.21 -19.09 29.96
C HIS A 333 6.66 -19.15 28.51
N SER A 334 6.53 -18.03 27.79
CA SER A 334 6.83 -17.97 26.37
C SER A 334 8.24 -17.45 26.10
N PHE A 335 8.74 -17.75 24.90
CA PHE A 335 10.07 -17.35 24.46
C PHE A 335 10.01 -17.04 22.97
N ASN A 336 11.16 -16.67 22.41
CA ASN A 336 11.48 -16.94 21.02
C ASN A 336 12.95 -17.32 20.91
N CYS A 337 13.41 -18.23 21.78
CA CYS A 337 14.81 -18.64 21.78
C CYS A 337 15.25 -19.25 20.47
N GLY A 338 16.23 -18.61 19.84
CA GLY A 338 16.79 -19.11 18.61
C GLY A 338 15.83 -19.15 17.45
N GLY A 339 14.70 -18.46 17.53
CA GLY A 339 13.68 -18.48 16.49
C GLY A 339 12.52 -19.41 16.73
N GLU A 340 12.60 -20.30 17.73
CA GLU A 340 11.53 -21.22 18.07
C GLU A 340 10.78 -20.73 19.30
N PHE A 341 9.45 -20.81 19.24
CA PHE A 341 8.58 -20.22 20.27
C PHE A 341 8.21 -21.30 21.30
N PHE A 342 8.99 -21.37 22.36
CA PHE A 342 8.72 -22.32 23.42
C PHE A 342 7.49 -21.91 24.22
N TYR A 343 6.94 -22.85 24.99
CA TYR A 343 5.86 -22.58 25.94
C TYR A 343 6.06 -23.48 27.15
N CYS A 344 6.78 -22.96 28.15
CA CYS A 344 7.25 -23.78 29.25
C CYS A 344 6.27 -23.78 30.42
N ASN A 345 6.10 -24.93 31.04
CA ASN A 345 5.21 -25.07 32.19
C ASN A 345 5.94 -24.66 33.46
N THR A 346 5.52 -23.54 34.06
CA THR A 346 6.23 -22.95 35.20
C THR A 346 5.96 -23.64 36.53
N SER A 347 4.94 -24.48 36.63
CA SER A 347 4.88 -25.42 37.75
C SER A 347 5.89 -26.52 37.46
N ASN A 348 6.77 -26.84 38.41
CA ASN A 348 6.90 -26.50 39.81
C ASN A 348 7.99 -25.47 40.09
N LEU A 349 8.16 -24.49 39.21
CA LEU A 349 9.10 -23.41 39.51
C LEU A 349 8.57 -22.55 40.65
N PHE A 350 7.30 -22.18 40.59
CA PHE A 350 6.64 -21.39 41.63
C PHE A 350 5.78 -22.35 42.45
N ASN A 351 6.43 -23.00 43.41
CA ASN A 351 5.76 -23.99 44.25
C ASN A 351 6.40 -23.97 45.62
N GLY A 352 5.56 -24.18 46.64
CA GLY A 352 6.02 -24.17 48.01
C GLY A 352 5.90 -22.78 48.64
N THR A 353 5.77 -22.79 49.96
CA THR A 353 5.63 -21.59 50.77
C THR A 353 6.81 -21.50 51.72
N TYR A 354 7.43 -20.33 51.77
CA TYR A 354 8.67 -20.10 52.52
C TYR A 354 8.33 -19.37 53.82
N ASN A 355 8.78 -19.94 54.93
CA ASN A 355 8.37 -19.48 56.26
C ASN A 355 8.79 -18.03 56.49
N GLY A 356 7.99 -17.32 57.29
CA GLY A 356 8.24 -15.92 57.57
C GLY A 356 9.61 -15.63 58.14
N THR A 357 10.21 -16.56 58.87
CA THR A 357 11.55 -16.39 59.37
C THR A 357 12.59 -16.39 58.26
N TYR A 358 12.35 -17.14 57.18
CA TYR A 358 13.26 -17.20 56.03
C TYR A 358 14.66 -17.65 56.45
N ILE A 359 14.73 -18.89 56.95
CA ILE A 359 16.02 -19.47 57.34
C ILE A 359 16.82 -19.75 56.07
N SER A 360 17.83 -18.93 55.81
CA SER A 360 18.66 -19.04 54.62
C SER A 360 19.71 -20.12 54.87
N THR A 361 19.48 -21.29 54.29
CA THR A 361 20.37 -22.43 54.48
C THR A 361 21.52 -22.46 53.47
N ASN A 362 21.63 -21.46 52.60
CA ASN A 362 22.75 -21.42 51.66
C ASN A 362 24.06 -21.30 52.43
N SER A 363 24.95 -22.27 52.21
CA SER A 363 26.17 -22.38 53.00
C SER A 363 27.19 -23.17 52.19
N SER A 364 28.24 -23.66 52.85
CA SER A 364 29.29 -24.39 52.18
C SER A 364 28.81 -25.71 51.57
N ALA A 365 27.66 -26.22 51.99
CA ALA A 365 27.16 -27.50 51.47
C ALA A 365 26.85 -27.39 49.99
N ASN A 366 27.02 -28.52 49.28
CA ASN A 366 26.77 -28.56 47.85
C ASN A 366 25.30 -28.83 47.57
N SER A 367 24.70 -27.96 46.75
CA SER A 367 23.28 -28.02 46.40
C SER A 367 23.13 -27.85 44.90
N THR A 368 23.90 -28.63 44.13
CA THR A 368 23.93 -28.51 42.67
C THR A 368 22.64 -29.02 41.98
N SER A 369 21.54 -29.31 42.67
CA SER A 369 20.31 -29.73 42.01
C SER A 369 19.78 -28.63 41.11
N THR A 370 19.26 -29.03 39.95
CA THR A 370 18.66 -28.12 38.97
C THR A 370 17.20 -28.49 38.77
N ILE A 371 16.33 -27.49 38.79
CA ILE A 371 14.92 -27.69 38.49
C ILE A 371 14.74 -27.62 36.98
N THR A 372 14.13 -28.66 36.40
CA THR A 372 14.02 -28.82 34.95
C THR A 372 12.57 -28.66 34.54
N LEU A 373 12.27 -27.59 33.81
CA LEU A 373 10.97 -27.39 33.23
C LEU A 373 10.87 -28.22 31.96
N GLN A 374 9.65 -28.40 31.46
CA GLN A 374 9.42 -29.09 30.20
C GLN A 374 8.46 -28.27 29.34
N CYS A 375 8.81 -28.13 28.06
CA CYS A 375 8.30 -27.07 27.22
C CYS A 375 7.70 -27.64 25.95
N ARG A 376 6.54 -27.13 25.56
CA ARG A 376 5.98 -27.37 24.24
C ARG A 376 6.49 -26.32 23.27
N ILE A 377 6.22 -26.54 21.98
CA ILE A 377 6.62 -25.63 20.92
C ILE A 377 5.45 -25.50 19.95
N LYS A 378 5.31 -24.31 19.38
CA LYS A 378 4.36 -24.05 18.30
C LYS A 378 5.10 -23.49 17.11
N GLN A 379 4.40 -23.41 15.99
CA GLN A 379 4.83 -22.68 14.81
C GLN A 379 3.84 -21.62 14.37
N ILE A 380 2.54 -21.92 14.44
CA ILE A 380 1.49 -21.00 14.03
C ILE A 380 1.02 -20.27 15.28
N ILE A 381 1.55 -19.06 15.50
CA ILE A 381 1.33 -18.31 16.74
C ILE A 381 0.48 -17.08 16.43
N ASN A 382 -0.58 -16.89 17.22
CA ASN A 382 -1.38 -15.67 17.17
C ASN A 382 -0.78 -14.68 18.17
N MET A 383 -0.20 -13.61 17.67
CA MET A 383 0.68 -12.75 18.45
C MET A 383 -0.11 -11.68 19.17
N TRP A 384 0.13 -11.54 20.47
CA TRP A 384 -0.48 -10.50 21.29
C TRP A 384 -2.00 -10.62 21.32
N GLN A 385 -2.50 -11.86 21.24
CA GLN A 385 -3.92 -12.15 21.25
C GLN A 385 -4.68 -11.47 20.13
N GLY A 386 -3.99 -11.16 19.02
CA GLY A 386 -4.61 -10.67 17.82
C GLY A 386 -4.63 -11.75 16.76
N VAL A 387 -5.80 -12.32 16.49
CA VAL A 387 -5.88 -13.43 15.54
C VAL A 387 -5.56 -12.98 14.13
N GLY A 388 -5.80 -11.71 13.80
CA GLY A 388 -5.40 -11.20 12.50
C GLY A 388 -3.91 -10.95 12.36
N ARG A 389 -3.18 -10.92 13.47
CA ARG A 389 -1.74 -10.68 13.48
C ARG A 389 -0.94 -11.98 13.47
N CYS A 390 -1.53 -13.10 13.05
CA CYS A 390 -0.88 -14.39 13.17
C CYS A 390 0.21 -14.55 12.12
N MET A 391 1.22 -15.36 12.46
CA MET A 391 2.31 -15.68 11.56
C MET A 391 2.79 -17.09 11.86
N TYR A 392 3.54 -17.65 10.91
CA TYR A 392 4.06 -19.00 10.96
C TYR A 392 5.57 -18.94 11.04
N ALA A 393 6.13 -19.40 12.14
CA ALA A 393 7.58 -19.36 12.32
C ALA A 393 8.21 -20.53 11.57
N PRO A 394 9.10 -20.31 10.60
CA PRO A 394 9.67 -21.44 9.86
C PRO A 394 10.49 -22.35 10.77
N PRO A 395 10.62 -23.63 10.45
CA PRO A 395 11.42 -24.51 11.30
C PRO A 395 12.90 -24.18 11.16
N ILE A 396 13.68 -24.69 12.11
CA ILE A 396 15.10 -24.39 12.22
C ILE A 396 15.84 -25.71 12.38
N ALA A 397 16.77 -25.98 11.47
CA ALA A 397 17.51 -27.23 11.53
C ALA A 397 18.44 -27.25 12.73
N GLY A 398 18.79 -28.45 13.17
CA GLY A 398 19.69 -28.62 14.28
C GLY A 398 18.99 -28.43 15.61
N ASN A 399 19.72 -28.75 16.67
CA ASN A 399 19.23 -28.54 18.03
C ASN A 399 19.57 -27.13 18.50
N ILE A 400 18.73 -26.62 19.40
CA ILE A 400 18.77 -25.23 19.83
C ILE A 400 19.32 -25.19 21.26
N THR A 401 20.01 -24.11 21.59
CA THR A 401 20.36 -23.79 22.98
C THR A 401 20.25 -22.29 23.16
N CYS A 402 19.89 -21.87 24.38
CA CYS A 402 19.52 -20.48 24.63
C CYS A 402 19.84 -20.15 26.09
N ARG A 403 21.01 -19.55 26.31
CA ARG A 403 21.36 -19.02 27.62
C ARG A 403 20.67 -17.67 27.83
N SER A 404 20.39 -17.33 29.08
CA SER A 404 19.69 -16.08 29.34
C SER A 404 19.75 -15.74 30.83
N ASN A 405 20.04 -14.47 31.12
CA ASN A 405 19.88 -13.96 32.48
C ASN A 405 18.43 -13.63 32.74
N ILE A 406 17.95 -14.00 33.92
CA ILE A 406 16.59 -13.69 34.36
C ILE A 406 16.70 -13.20 35.80
N THR A 407 15.73 -12.41 36.28
CA THR A 407 14.45 -11.97 35.74
C THR A 407 14.02 -10.64 36.31
N GLY A 408 12.76 -10.34 36.06
CA GLY A 408 11.90 -9.63 36.99
C GLY A 408 10.57 -10.34 36.96
N LEU A 409 10.14 -10.94 38.06
CA LEU A 409 8.91 -11.74 38.02
C LEU A 409 7.71 -10.86 37.77
N LEU A 410 6.75 -11.37 37.01
CA LEU A 410 5.45 -10.71 36.82
C LEU A 410 4.43 -11.51 37.64
N LEU A 411 4.36 -11.22 38.93
CA LEU A 411 3.49 -11.95 39.83
C LEU A 411 2.10 -11.34 39.89
N THR A 412 1.18 -12.07 40.49
CA THR A 412 -0.12 -11.55 40.88
C THR A 412 -0.50 -12.18 42.21
N ARG A 413 -1.19 -11.41 43.05
CA ARG A 413 -1.51 -11.82 44.41
C ARG A 413 -2.90 -12.45 44.42
N ASP A 414 -3.08 -13.41 45.32
CA ASP A 414 -4.35 -14.12 45.46
C ASP A 414 -4.54 -14.52 46.91
N GLY A 415 -5.80 -14.65 47.31
CA GLY A 415 -6.12 -15.09 48.66
C GLY A 415 -7.44 -14.54 49.16
N GLY A 416 -8.26 -15.40 49.75
CA GLY A 416 -9.53 -14.99 50.32
C GLY A 416 -9.41 -14.63 51.78
N THR A 417 -10.58 -14.43 52.40
CA THR A 417 -10.61 -14.13 53.83
C THR A 417 -10.12 -15.31 54.65
N ASN A 418 -10.23 -16.53 54.13
CA ASN A 418 -9.92 -17.71 54.91
C ASN A 418 -8.45 -17.80 55.30
N SER A 419 -7.53 -17.37 54.44
CA SER A 419 -6.12 -17.65 54.73
C SER A 419 -5.56 -16.65 55.73
N ASN A 420 -5.33 -15.40 55.31
CA ASN A 420 -5.01 -14.27 56.17
C ASN A 420 -3.78 -14.45 57.08
N GLU A 421 -3.04 -15.56 56.95
CA GLU A 421 -1.72 -15.69 57.55
C GLU A 421 -0.66 -15.77 56.48
N THR A 422 -1.00 -16.28 55.30
CA THR A 422 -0.14 -16.25 54.14
C THR A 422 -0.98 -15.95 52.91
N GLU A 423 -0.36 -15.29 51.93
CA GLU A 423 -1.02 -14.86 50.71
C GLU A 423 -0.38 -15.55 49.53
N THR A 424 -1.23 -15.98 48.59
CA THR A 424 -0.81 -16.79 47.46
C THR A 424 -0.42 -15.89 46.30
N PHE A 425 0.85 -15.98 45.89
CA PHE A 425 1.38 -15.23 44.76
C PHE A 425 1.61 -16.17 43.58
N ARG A 426 0.88 -15.92 42.49
CA ARG A 426 0.93 -16.73 41.29
C ARG A 426 1.72 -16.01 40.21
N PRO A 427 2.32 -16.73 39.26
CA PRO A 427 2.84 -16.06 38.07
C PRO A 427 1.69 -15.47 37.25
N ALA A 428 1.99 -14.39 36.56
CA ALA A 428 1.01 -13.68 35.77
C ALA A 428 1.72 -13.04 34.60
N GLY A 429 1.06 -12.08 33.95
CA GLY A 429 1.62 -11.41 32.82
C GLY A 429 1.06 -11.95 31.52
N GLY A 430 1.71 -11.57 30.43
CA GLY A 430 1.23 -11.82 29.09
C GLY A 430 0.76 -10.57 28.39
N ASP A 431 0.42 -9.52 29.12
CA ASP A 431 0.16 -8.24 28.50
C ASP A 431 1.47 -7.65 28.00
N MET A 432 1.37 -6.82 26.96
CA MET A 432 2.58 -6.37 26.27
C MET A 432 3.34 -5.34 27.08
N ARG A 433 2.64 -4.32 27.59
CA ARG A 433 3.30 -3.13 28.09
C ARG A 433 4.15 -3.45 29.32
N ASP A 434 3.72 -4.43 30.12
CA ASP A 434 4.40 -4.70 31.38
C ASP A 434 5.82 -5.17 31.18
N ASN A 435 6.15 -5.76 30.04
CA ASN A 435 7.52 -6.19 29.80
C ASN A 435 8.44 -5.01 29.53
N TRP A 436 7.94 -3.96 28.88
CA TRP A 436 8.71 -2.76 28.58
C TRP A 436 8.53 -1.67 29.62
N ARG A 437 7.42 -1.69 30.36
CA ARG A 437 7.23 -0.74 31.45
C ARG A 437 8.29 -0.92 32.52
N SER A 438 8.81 -2.13 32.69
CA SER A 438 9.78 -2.39 33.74
C SER A 438 11.16 -1.81 33.45
N GLU A 439 11.42 -1.31 32.25
CA GLU A 439 12.67 -0.63 31.93
C GLU A 439 12.50 0.85 31.62
N LEU A 440 11.30 1.30 31.30
CA LEU A 440 11.00 2.72 31.21
C LEU A 440 10.56 3.30 32.55
N TYR A 441 10.86 2.62 33.66
CA TYR A 441 10.46 3.13 34.97
C TYR A 441 11.26 4.38 35.34
N LYS A 442 12.49 4.48 34.85
CA LYS A 442 13.32 5.64 35.15
C LYS A 442 12.81 6.90 34.47
N TYR A 443 12.40 6.81 33.21
CA TYR A 443 12.42 7.93 32.30
C TYR A 443 11.12 8.73 32.31
N LYS A 444 11.24 9.98 31.85
CA LYS A 444 10.14 10.92 31.76
C LYS A 444 10.46 11.94 30.68
N VAL A 445 9.44 12.41 29.97
CA VAL A 445 9.57 13.34 28.87
C VAL A 445 8.95 14.66 29.28
N VAL A 446 9.65 15.77 29.02
CA VAL A 446 9.19 17.10 29.40
C VAL A 446 9.39 18.06 28.23
N LYS A 447 8.43 18.96 28.06
CA LYS A 447 8.51 20.03 27.06
C LYS A 447 9.16 21.25 27.69
N ILE A 448 10.25 21.71 27.08
CA ILE A 448 10.89 22.95 27.55
C ILE A 448 10.02 24.12 27.13
N GLU A 449 9.91 25.12 28.02
CA GLU A 449 9.08 26.31 27.81
C GLU A 449 9.98 27.53 28.02
N PRO A 450 10.80 27.89 27.03
CA PRO A 450 11.98 28.72 27.29
C PRO A 450 11.70 30.20 27.48
N LEU A 451 10.44 30.64 27.51
CA LEU A 451 10.09 32.05 27.53
C LEU A 451 9.52 32.40 28.89
N GLY A 452 10.12 33.39 29.54
CA GLY A 452 9.79 33.71 30.92
C GLY A 452 9.76 35.21 31.15
N VAL A 453 9.15 35.59 32.27
CA VAL A 453 8.86 36.98 32.61
C VAL A 453 9.25 37.21 34.06
N ALA A 454 9.91 38.33 34.35
CA ALA A 454 10.38 38.61 35.69
C ALA A 454 10.60 40.12 35.83
N PRO A 455 10.64 40.63 37.06
CA PRO A 455 10.94 42.06 37.27
C PRO A 455 12.42 42.32 37.49
N THR A 456 12.85 43.52 37.11
CA THR A 456 14.24 43.94 37.31
C THR A 456 14.39 45.35 37.86
N ARG A 457 13.33 46.17 37.87
CA ARG A 457 13.41 47.57 38.31
C ARG A 457 14.44 48.32 37.47
N CYS A 458 14.16 48.41 36.16
CA CYS A 458 15.00 49.15 35.23
C CYS A 458 14.24 49.26 33.92
N LYS A 459 14.35 50.44 33.29
CA LYS A 459 13.53 50.80 32.16
C LYS A 459 14.34 50.80 30.87
N ARG A 460 13.66 50.59 29.76
CA ARG A 460 14.28 50.66 28.44
C ARG A 460 14.28 52.11 27.98
N ARG A 461 15.47 52.69 27.84
CA ARG A 461 15.59 54.06 27.38
C ARG A 461 15.00 54.19 25.98
N VAL A 462 14.17 55.22 25.79
CA VAL A 462 13.48 55.41 24.52
C VAL A 462 13.25 56.89 24.26
N ALA B 1 35.39 19.68 35.95
CA ALA B 1 35.20 18.32 36.55
C ALA B 1 35.11 17.21 35.49
N VAL B 2 34.15 17.18 34.54
CA VAL B 2 32.91 17.88 34.14
C VAL B 2 32.98 19.41 34.08
N GLY B 3 32.43 19.96 33.01
CA GLY B 3 32.44 21.39 32.80
C GLY B 3 31.23 21.83 32.01
N ILE B 4 31.34 23.03 31.43
CA ILE B 4 30.23 23.62 30.68
C ILE B 4 29.83 22.74 29.51
N GLY B 5 30.79 22.01 28.92
CA GLY B 5 30.51 21.14 27.79
C GLY B 5 29.48 20.07 28.10
N ALA B 6 29.30 19.74 29.37
CA ALA B 6 28.12 19.03 29.85
C ALA B 6 27.18 19.99 30.57
N VAL B 7 27.72 20.74 31.54
CA VAL B 7 26.96 21.46 32.54
C VAL B 7 25.96 22.45 31.95
N PHE B 8 26.15 22.91 30.71
CA PHE B 8 25.01 23.51 30.04
C PHE B 8 24.93 23.10 28.58
N LEU B 9 26.07 22.72 27.97
CA LEU B 9 26.04 22.34 26.56
C LEU B 9 25.35 21.00 26.33
N GLY B 10 25.06 20.24 27.39
CA GLY B 10 24.08 19.18 27.25
C GLY B 10 22.69 19.78 27.18
N PHE B 11 22.21 20.26 28.32
CA PHE B 11 20.89 20.87 28.48
C PHE B 11 20.75 21.41 29.90
N LEU B 12 19.98 22.49 30.06
CA LEU B 12 19.17 22.72 31.25
C LEU B 12 19.92 22.67 32.59
N GLY B 13 21.25 22.71 32.55
CA GLY B 13 21.99 22.39 33.77
C GLY B 13 21.97 23.47 34.82
N ALA B 14 21.45 24.65 34.49
CA ALA B 14 21.20 25.70 35.47
C ALA B 14 19.79 25.64 36.02
N ALA B 15 19.13 24.49 35.96
CA ALA B 15 17.72 24.39 36.35
C ALA B 15 17.51 24.56 37.85
N GLY B 16 18.57 24.41 38.66
CA GLY B 16 18.51 24.58 40.10
C GLY B 16 19.46 25.59 40.69
N SER B 17 20.02 26.49 39.88
CA SER B 17 21.03 27.44 40.34
C SER B 17 20.48 28.82 40.63
N THR B 18 19.15 28.98 40.68
CA THR B 18 18.50 30.27 40.94
C THR B 18 18.67 31.20 39.75
N MET B 19 17.63 31.99 39.45
CA MET B 19 17.64 32.83 38.26
C MET B 19 18.66 33.95 38.32
N GLY B 20 19.22 34.26 39.48
CA GLY B 20 20.34 35.17 39.53
C GLY B 20 21.55 34.63 38.78
N ALA B 21 21.77 33.31 38.86
CA ALA B 21 22.90 32.66 38.20
C ALA B 21 22.48 31.95 36.91
N ALA B 22 21.24 31.49 36.84
CA ALA B 22 20.80 30.78 35.64
C ALA B 22 20.61 31.73 34.46
N SER B 23 20.36 33.02 34.71
CA SER B 23 20.19 33.97 33.62
C SER B 23 21.50 34.30 32.90
N MET B 24 22.65 33.91 33.45
CA MET B 24 23.91 34.16 32.78
C MET B 24 24.16 33.18 31.63
N THR B 25 23.61 31.97 31.70
CA THR B 25 23.97 30.89 30.78
C THR B 25 23.06 30.77 29.57
N LEU B 26 22.07 31.67 29.41
CA LEU B 26 20.92 31.45 28.54
C LEU B 26 21.26 30.98 27.12
N THR B 27 22.39 31.45 26.57
CA THR B 27 22.63 31.30 25.14
C THR B 27 22.74 29.85 24.72
N VAL B 28 23.55 29.05 25.42
CA VAL B 28 23.80 27.68 24.99
C VAL B 28 22.57 26.79 25.09
N GLN B 29 21.59 27.13 25.93
CA GLN B 29 20.31 26.44 25.89
C GLN B 29 19.43 26.93 24.74
N ALA B 30 19.42 28.23 24.47
CA ALA B 30 18.68 28.73 23.33
C ALA B 30 19.24 28.18 22.02
N ARG B 31 20.54 27.88 22.01
CA ARG B 31 21.17 27.28 20.84
C ARG B 31 20.63 25.90 20.52
N ASN B 32 20.05 25.20 21.50
CA ASN B 32 19.62 23.82 21.35
C ASN B 32 18.10 23.66 21.25
N LEU B 33 17.36 24.74 21.04
CA LEU B 33 15.91 24.65 20.86
C LEU B 33 15.51 24.36 19.41
N LEU B 34 16.47 24.25 18.50
CA LEU B 34 16.21 24.17 17.07
C LEU B 34 16.84 22.96 16.40
N SER B 35 17.94 22.43 16.94
CA SER B 35 18.71 21.44 16.22
C SER B 35 17.97 20.12 16.15
N GLY B 36 17.04 20.02 15.20
CA GLY B 36 16.28 18.81 14.97
C GLY B 36 16.81 18.04 13.77
N THR B 58 8.23 2.89 5.72
CA THR B 58 8.31 4.22 5.15
C THR B 58 7.35 5.17 5.85
N VAL B 59 6.30 4.63 6.49
CA VAL B 59 5.39 5.45 7.28
C VAL B 59 6.12 6.06 8.47
N TRP B 60 7.23 5.46 8.91
CA TRP B 60 8.07 6.06 9.94
C TRP B 60 8.72 7.36 9.50
N GLY B 61 8.71 7.67 8.20
CA GLY B 61 9.12 8.99 7.77
C GLY B 61 8.26 10.09 8.37
N ILE B 62 6.99 9.77 8.68
CA ILE B 62 6.15 10.72 9.40
C ILE B 62 6.68 10.94 10.81
N LYS B 63 7.28 9.90 11.41
CA LYS B 63 7.86 10.03 12.75
C LYS B 63 9.12 10.88 12.76
N GLN B 64 9.69 11.19 11.60
CA GLN B 64 10.81 12.12 11.48
C GLN B 64 10.38 13.48 10.96
N LEU B 65 9.51 13.53 9.95
CA LEU B 65 9.08 14.81 9.42
C LEU B 65 8.28 15.60 10.45
N GLN B 66 7.35 14.94 11.14
CA GLN B 66 6.57 15.65 12.16
C GLN B 66 7.39 15.93 13.40
N ALA B 67 8.48 15.18 13.61
CA ALA B 67 9.42 15.54 14.67
C ALA B 67 10.25 16.75 14.27
N ARG B 68 10.65 16.83 13.00
CA ARG B 68 11.34 18.01 12.52
C ARG B 68 10.44 19.24 12.57
N VAL B 69 9.24 19.14 11.99
CA VAL B 69 8.39 20.30 11.84
C VAL B 69 7.87 20.78 13.20
N LEU B 70 7.77 19.89 14.18
CA LEU B 70 7.40 20.32 15.52
C LEU B 70 8.43 21.26 16.10
N ALA B 71 9.71 20.95 15.92
CA ALA B 71 10.76 21.82 16.44
C ALA B 71 10.79 23.16 15.73
N VAL B 72 10.59 23.16 14.40
CA VAL B 72 10.70 24.39 13.63
C VAL B 72 9.56 25.35 13.98
N GLU B 73 8.34 24.85 13.99
CA GLU B 73 7.20 25.72 14.27
C GLU B 73 7.21 26.19 15.73
N ARG B 74 7.62 25.32 16.65
CA ARG B 74 7.75 25.74 18.04
C ARG B 74 8.74 26.88 18.18
N TYR B 75 9.87 26.79 17.47
CA TYR B 75 10.90 27.82 17.55
C TYR B 75 10.40 29.14 16.99
N LEU B 76 9.77 29.10 15.81
CA LEU B 76 9.33 30.35 15.18
C LEU B 76 8.19 31.00 15.96
N ARG B 77 7.34 30.20 16.59
CA ARG B 77 6.23 30.76 17.36
C ARG B 77 6.69 31.41 18.66
N ASP B 78 7.96 31.26 19.05
CA ASP B 78 8.56 32.02 20.14
C ASP B 78 9.30 33.25 19.64
N GLN B 79 9.99 33.13 18.50
CA GLN B 79 10.59 34.31 17.89
C GLN B 79 9.54 35.28 17.38
N GLN B 80 8.35 34.78 17.05
CA GLN B 80 7.26 35.67 16.63
C GLN B 80 6.89 36.63 17.75
N LEU B 81 6.79 36.13 18.98
CA LEU B 81 6.39 36.98 20.10
C LEU B 81 7.49 37.98 20.45
N LEU B 82 8.74 37.53 20.51
CA LEU B 82 9.82 38.43 20.88
C LEU B 82 10.03 39.54 19.85
N GLY B 83 9.68 39.31 18.59
CA GLY B 83 9.72 40.38 17.62
C GLY B 83 8.58 41.37 17.79
N ILE B 84 7.45 40.90 18.31
CA ILE B 84 6.31 41.77 18.54
C ILE B 84 6.47 42.56 19.83
N TRP B 85 6.93 41.92 20.90
CA TRP B 85 7.11 42.62 22.17
C TRP B 85 8.30 43.56 22.14
N GLY B 86 9.39 43.15 21.50
CA GLY B 86 10.68 43.79 21.64
C GLY B 86 11.68 42.91 22.37
N CYS B 87 12.95 43.30 22.32
CA CYS B 87 13.56 44.53 21.79
C CYS B 87 14.75 44.37 20.82
N SER B 88 14.65 43.51 19.78
CA SER B 88 13.66 42.48 19.48
C SER B 88 14.17 41.12 19.95
N GLY B 89 15.22 40.65 19.28
CA GLY B 89 15.90 39.41 19.60
C GLY B 89 17.17 39.56 20.40
N LYS B 90 17.08 40.05 21.63
CA LYS B 90 18.25 40.31 22.47
C LYS B 90 18.42 39.32 23.62
N LEU B 91 17.43 38.46 23.86
CA LEU B 91 17.42 37.45 24.93
C LEU B 91 17.20 38.05 26.32
N ILE B 92 17.26 39.37 26.46
CA ILE B 92 16.89 40.10 27.67
C ILE B 92 16.40 41.45 27.22
N CYS B 93 15.20 41.84 27.66
CA CYS B 93 14.63 43.12 27.26
C CYS B 93 13.85 43.72 28.43
N CYS B 94 14.05 45.03 28.62
CA CYS B 94 13.15 45.81 29.44
C CYS B 94 12.04 46.36 28.55
N THR B 95 10.80 46.31 29.06
CA THR B 95 9.63 46.48 28.22
C THR B 95 8.87 47.77 28.43
N ASN B 96 9.18 48.57 29.44
CA ASN B 96 8.47 49.82 29.74
C ASN B 96 6.98 49.59 29.99
N VAL B 97 6.62 48.41 30.47
CA VAL B 97 5.25 48.10 30.90
C VAL B 97 5.28 47.93 32.41
N PRO B 98 4.67 48.83 33.19
CA PRO B 98 4.80 48.74 34.65
C PRO B 98 3.96 47.61 35.23
N TRP B 99 4.35 47.18 36.42
CA TRP B 99 3.65 46.11 37.10
C TRP B 99 2.31 46.61 37.64
N ASN B 100 1.24 45.94 37.25
CA ASN B 100 -0.06 46.18 37.88
C ASN B 100 -0.01 45.74 39.34
N SER B 101 -0.82 46.40 40.17
CA SER B 101 -0.78 46.11 41.60
C SER B 101 -1.18 44.68 41.90
N SER B 102 -2.12 44.12 41.14
CA SER B 102 -2.58 42.75 41.40
C SER B 102 -1.47 41.73 41.19
N TRP B 103 -0.45 42.04 40.39
CA TRP B 103 0.67 41.13 40.19
C TRP B 103 1.71 41.21 41.30
N SER B 104 1.69 42.28 42.11
CA SER B 104 2.75 42.56 43.07
C SER B 104 2.58 41.67 44.29
N ASN B 105 3.40 40.62 44.35
CA ASN B 105 3.36 39.63 45.41
C ASN B 105 4.66 39.50 46.19
N ARG B 106 5.78 39.96 45.63
CA ARG B 106 7.10 39.72 46.19
C ARG B 106 7.97 40.96 46.07
N ASN B 107 9.04 40.97 46.87
CA ASN B 107 10.11 41.94 46.76
C ASN B 107 11.22 41.37 45.89
N LEU B 108 11.93 42.26 45.19
CA LEU B 108 12.93 41.81 44.22
C LEU B 108 14.08 41.07 44.88
N SER B 109 14.41 41.39 46.13
CA SER B 109 15.45 40.66 46.83
C SER B 109 15.08 39.20 47.03
N GLU B 110 13.80 38.90 47.19
CA GLU B 110 13.36 37.52 47.37
C GLU B 110 13.59 36.70 46.11
N ILE B 111 13.26 37.27 44.94
CA ILE B 111 13.16 36.51 43.70
C ILE B 111 14.53 36.05 43.24
N TRP B 112 15.41 37.01 42.91
CA TRP B 112 16.59 36.67 42.13
C TRP B 112 17.63 35.90 42.94
N ASP B 113 17.47 35.80 44.26
CA ASP B 113 18.48 35.23 45.14
C ASP B 113 18.07 33.93 45.80
N ASN B 114 16.78 33.58 45.81
CA ASN B 114 16.29 32.41 46.54
C ASN B 114 15.61 31.39 45.63
N MET B 115 14.75 31.87 44.74
CA MET B 115 13.89 31.00 43.94
C MET B 115 14.64 30.51 42.71
N THR B 116 14.11 29.45 42.10
CA THR B 116 14.61 28.96 40.82
C THR B 116 13.65 29.34 39.70
N TRP B 117 14.15 29.30 38.46
CA TRP B 117 13.32 29.65 37.31
C TRP B 117 12.09 28.75 37.22
N LEU B 118 12.27 27.45 37.43
CA LEU B 118 11.13 26.54 37.45
C LEU B 118 10.18 26.87 38.60
N GLN B 119 10.74 27.18 39.77
CA GLN B 119 9.90 27.57 40.90
C GLN B 119 9.16 28.87 40.62
N TRP B 120 9.86 29.84 40.02
CA TRP B 120 9.23 31.12 39.72
C TRP B 120 8.14 30.98 38.67
N ASP B 121 8.25 29.97 37.80
CA ASP B 121 7.23 29.78 36.78
C ASP B 121 5.89 29.40 37.40
N LYS B 122 5.90 28.76 38.57
CA LYS B 122 4.64 28.34 39.19
C LYS B 122 3.83 29.55 39.65
N GLU B 123 4.50 30.62 40.06
CA GLU B 123 3.80 31.81 40.57
C GLU B 123 3.39 32.74 39.42
N ILE B 124 4.34 33.05 38.52
CA ILE B 124 4.10 34.04 37.47
C ILE B 124 3.34 33.47 36.29
N SER B 125 3.04 32.16 36.28
CA SER B 125 2.16 31.62 35.24
C SER B 125 0.78 32.25 35.31
N ASN B 126 0.37 32.70 36.48
CA ASN B 126 -0.81 33.55 36.57
C ASN B 126 -0.54 34.87 35.84
N TYR B 127 -1.61 35.43 35.28
CA TYR B 127 -1.60 36.72 34.58
C TYR B 127 -0.83 36.69 33.27
N THR B 128 -0.31 35.52 32.87
CA THR B 128 0.68 35.48 31.78
C THR B 128 0.09 35.96 30.46
N GLN B 129 -1.13 35.52 30.14
CA GLN B 129 -1.74 35.93 28.88
C GLN B 129 -2.14 37.40 28.89
N ILE B 130 -2.19 38.05 30.05
CA ILE B 130 -2.49 39.46 30.12
C ILE B 130 -1.23 40.29 29.83
N ILE B 131 -0.06 39.77 30.20
CA ILE B 131 1.18 40.53 29.98
C ILE B 131 1.42 40.69 28.49
N TYR B 132 1.20 39.61 27.73
CA TYR B 132 1.63 39.59 26.34
C TYR B 132 0.84 40.59 25.50
N GLY B 133 -0.41 40.86 25.86
CA GLY B 133 -1.15 41.92 25.18
C GLY B 133 -0.55 43.29 25.43
N LEU B 134 -0.18 43.56 26.69
CA LEU B 134 0.38 44.88 27.02
C LEU B 134 1.71 45.09 26.32
N LEU B 135 2.55 44.05 26.26
CA LEU B 135 3.81 44.16 25.54
C LEU B 135 3.59 44.41 24.07
N GLU B 136 2.61 43.72 23.48
CA GLU B 136 2.32 43.88 22.05
C GLU B 136 1.83 45.29 21.76
N GLU B 137 0.93 45.82 22.59
CA GLU B 137 0.35 47.13 22.34
C GLU B 137 1.38 48.24 22.50
N SER B 138 2.21 48.15 23.54
CA SER B 138 3.18 49.21 23.80
C SER B 138 4.21 49.31 22.68
N GLN B 139 4.46 48.21 21.96
CA GLN B 139 5.41 48.29 20.85
C GLN B 139 4.86 49.13 19.70
N ASN B 140 3.56 49.01 19.41
CA ASN B 140 2.97 49.82 18.35
C ASN B 140 3.10 51.30 18.67
N GLN B 141 2.88 51.67 19.93
CA GLN B 141 3.02 53.07 20.33
C GLN B 141 4.45 53.55 20.11
N GLN B 142 5.44 52.72 20.46
CA GLN B 142 6.83 53.12 20.29
C GLN B 142 7.17 53.26 18.82
N GLU B 143 6.77 52.29 17.99
CA GLU B 143 7.13 52.34 16.57
C GLU B 143 6.48 53.53 15.88
N LYS B 144 5.21 53.81 16.20
CA LYS B 144 4.55 54.99 15.65
C LYS B 144 5.25 56.25 16.11
N ASN B 145 5.65 56.29 17.39
CA ASN B 145 6.33 57.48 17.91
C ASN B 145 7.67 57.69 17.23
N GLU B 146 8.39 56.60 16.94
CA GLU B 146 9.67 56.73 16.24
C GLU B 146 9.49 57.35 14.87
N GLN B 147 8.41 56.97 14.17
CA GLN B 147 8.11 57.61 12.89
C GLN B 147 7.83 59.10 13.07
N ASP B 148 7.14 59.46 14.15
CA ASP B 148 6.86 60.86 14.41
C ASP B 148 8.15 61.65 14.64
N LEU B 149 9.07 61.08 15.42
CA LEU B 149 10.33 61.76 15.68
C LEU B 149 11.13 61.95 14.41
N LEU B 150 11.20 60.92 13.57
CA LEU B 150 11.90 61.05 12.30
C LEU B 150 11.22 62.03 11.36
N ALA B 151 9.89 62.14 11.42
CA ALA B 151 9.18 63.11 10.61
C ALA B 151 9.41 64.53 11.12
N LEU B 152 9.33 64.73 12.43
CA LEU B 152 9.56 66.06 13.00
C LEU B 152 11.02 66.48 12.85
N ASP B 153 11.95 65.55 13.04
CA ASP B 153 13.37 65.84 12.93
C ASP B 153 13.71 66.21 11.48
N GLN C 1 28.30 -58.21 38.11
CA GLN C 1 28.71 -58.05 36.69
C GLN C 1 27.51 -58.27 35.77
N VAL C 2 27.68 -57.94 34.49
CA VAL C 2 26.63 -58.04 33.49
C VAL C 2 27.13 -58.90 32.35
N GLN C 3 26.21 -59.67 31.76
CA GLN C 3 26.50 -60.56 30.66
C GLN C 3 25.45 -60.37 29.57
N LEU C 4 25.86 -60.53 28.32
CA LEU C 4 24.98 -60.44 27.16
C LEU C 4 25.01 -61.78 26.44
N VAL C 5 23.87 -62.46 26.45
CA VAL C 5 23.72 -63.77 25.82
C VAL C 5 23.20 -63.55 24.40
N GLN C 6 23.64 -64.42 23.49
CA GLN C 6 23.27 -64.34 22.08
C GLN C 6 22.85 -65.72 21.59
N SER C 7 22.30 -65.75 20.38
CA SER C 7 21.86 -67.00 19.79
C SER C 7 23.06 -67.85 19.38
N GLY C 8 22.81 -69.13 19.17
CA GLY C 8 23.85 -70.02 18.70
C GLY C 8 24.19 -69.77 17.24
N ALA C 9 25.18 -70.53 16.75
CA ALA C 9 25.62 -70.35 15.37
C ALA C 9 24.50 -70.72 14.41
N GLN C 10 24.56 -70.14 13.21
CA GLN C 10 23.54 -70.30 12.19
C GLN C 10 24.18 -70.68 10.86
N MET C 11 23.41 -71.41 10.05
CA MET C 11 23.82 -71.81 8.71
C MET C 11 22.62 -71.65 7.79
N LYS C 12 22.84 -71.10 6.61
CA LYS C 12 21.74 -70.77 5.70
C LYS C 12 22.21 -70.84 4.26
N ASN C 13 21.23 -70.97 3.36
CA ASN C 13 21.45 -70.71 1.95
C ASN C 13 21.21 -69.23 1.66
N PRO C 14 21.67 -68.72 0.52
CA PRO C 14 21.40 -67.32 0.19
C PRO C 14 19.90 -67.03 0.09
N GLY C 15 19.52 -65.82 0.51
CA GLY C 15 18.16 -65.36 0.41
C GLY C 15 17.22 -65.84 1.50
N ALA C 16 17.74 -66.43 2.58
CA ALA C 16 16.88 -67.04 3.58
C ALA C 16 16.49 -66.07 4.69
N SER C 17 17.35 -65.09 5.00
CA SER C 17 17.14 -64.12 6.08
C SER C 17 17.21 -64.79 7.44
N VAL C 18 17.76 -64.09 8.44
CA VAL C 18 17.97 -64.64 9.78
C VAL C 18 17.64 -63.56 10.80
N LYS C 19 17.01 -63.98 11.90
CA LYS C 19 16.68 -63.11 13.02
C LYS C 19 17.54 -63.51 14.22
N VAL C 20 18.64 -62.77 14.43
CA VAL C 20 19.51 -63.03 15.57
C VAL C 20 18.89 -62.43 16.82
N SER C 21 19.15 -63.07 17.97
CA SER C 21 18.56 -62.68 19.24
C SER C 21 19.65 -62.39 20.27
N CYS C 22 19.34 -61.45 21.15
CA CYS C 22 20.26 -61.02 22.21
C CYS C 22 19.46 -60.88 23.49
N ALA C 23 20.12 -61.16 24.63
CA ALA C 23 19.44 -61.24 25.93
C ALA C 23 20.37 -60.71 27.02
N PRO C 24 20.33 -59.40 27.31
CA PRO C 24 21.22 -58.88 28.36
C PRO C 24 20.80 -59.34 29.74
N SER C 25 21.77 -59.34 30.66
CA SER C 25 21.57 -59.77 32.03
C SER C 25 22.43 -58.95 32.97
N GLY C 26 21.89 -58.65 34.15
CA GLY C 26 22.61 -57.94 35.19
C GLY C 26 22.32 -56.46 35.31
N TYR C 27 21.47 -55.91 34.46
CA TYR C 27 21.10 -54.50 34.53
C TYR C 27 19.71 -54.33 33.95
N THR C 28 19.07 -53.22 34.27
CA THR C 28 17.71 -52.94 33.80
C THR C 28 17.73 -52.82 32.28
N PHE C 29 16.86 -53.59 31.61
CA PHE C 29 16.98 -53.75 30.16
C PHE C 29 16.82 -52.42 29.42
N THR C 30 15.89 -51.58 29.86
CA THR C 30 15.56 -50.35 29.17
C THR C 30 16.35 -49.15 29.67
N ASP C 31 17.53 -49.35 30.26
CA ASP C 31 18.36 -48.25 30.73
C ASP C 31 19.51 -47.93 29.79
N PHE C 32 19.84 -48.80 28.84
CA PHE C 32 20.97 -48.60 27.95
C PHE C 32 20.59 -48.98 26.52
N TYR C 33 21.12 -48.21 25.56
CA TYR C 33 20.92 -48.53 24.15
C TYR C 33 21.50 -49.90 23.83
N ILE C 34 21.07 -50.46 22.70
CA ILE C 34 21.62 -51.69 22.15
C ILE C 34 22.20 -51.37 20.79
N HIS C 35 23.48 -51.67 20.60
CA HIS C 35 24.20 -51.41 19.36
C HIS C 35 24.61 -52.74 18.75
N TRP C 36 24.32 -52.94 17.47
CA TRP C 36 24.57 -54.19 16.76
C TRP C 36 25.77 -54.04 15.85
N LEU C 37 26.73 -54.97 15.95
CA LEU C 37 27.99 -54.88 15.25
C LEU C 37 28.28 -56.19 14.52
N ARG C 38 29.02 -56.09 13.42
CA ARG C 38 29.36 -57.20 12.55
C ARG C 38 30.86 -57.26 12.37
N GLN C 39 31.38 -58.49 12.23
CA GLN C 39 32.81 -58.71 11.96
C GLN C 39 32.92 -59.90 11.01
N ALA C 40 33.15 -59.62 9.74
CA ALA C 40 33.39 -60.69 8.78
C ALA C 40 34.69 -61.40 9.14
N PRO C 41 34.86 -62.67 8.76
CA PRO C 41 36.08 -63.39 9.14
C PRO C 41 37.32 -62.77 8.53
N GLY C 42 38.24 -62.35 9.39
CA GLY C 42 39.47 -61.72 8.96
C GLY C 42 39.36 -60.23 8.66
N GLN C 43 38.20 -59.62 8.88
CA GLN C 43 37.96 -58.22 8.56
C GLN C 43 37.78 -57.40 9.84
N GLY C 44 37.58 -56.09 9.64
CA GLY C 44 37.39 -55.18 10.76
C GLY C 44 35.94 -55.07 11.18
N LEU C 45 35.74 -54.41 12.31
CA LEU C 45 34.39 -54.22 12.84
C LEU C 45 33.60 -53.28 11.94
N GLN C 46 32.31 -53.57 11.79
CA GLN C 46 31.39 -52.77 11.00
C GLN C 46 30.13 -52.55 11.82
N TRP C 47 29.58 -51.34 11.73
CA TRP C 47 28.43 -50.95 12.55
C TRP C 47 27.15 -51.09 11.73
N MET C 48 26.14 -51.75 12.31
CA MET C 48 24.88 -52.03 11.64
C MET C 48 23.78 -51.07 12.06
N GLY C 49 23.51 -50.96 13.36
CA GLY C 49 22.46 -50.07 13.84
C GLY C 49 22.41 -50.05 15.35
N TRP C 50 21.68 -49.06 15.87
CA TRP C 50 21.40 -48.95 17.30
C TRP C 50 19.90 -49.04 17.51
N MET C 51 19.51 -49.29 18.76
CA MET C 51 18.11 -49.43 19.13
C MET C 51 17.87 -48.78 20.49
N ASN C 52 16.71 -48.17 20.65
CA ASN C 52 16.26 -47.56 21.89
C ASN C 52 15.29 -48.52 22.57
N PRO C 53 15.72 -49.35 23.52
CA PRO C 53 14.79 -50.35 24.07
C PRO C 53 13.61 -49.75 24.81
N GLN C 54 13.69 -48.49 25.24
CA GLN C 54 12.57 -47.87 25.94
C GLN C 54 11.38 -47.67 25.02
N THR C 55 11.61 -47.30 23.75
CA THR C 55 10.54 -46.95 22.84
C THR C 55 10.66 -47.61 21.46
N GLY C 56 11.66 -48.45 21.23
CA GLY C 56 11.74 -49.20 20.00
C GLY C 56 12.30 -48.44 18.82
N ARG C 57 12.58 -47.15 18.96
CA ARG C 57 13.20 -46.38 17.90
C ARG C 57 14.55 -46.99 17.54
N THR C 58 14.85 -47.05 16.24
CA THR C 58 16.10 -47.63 15.78
C THR C 58 16.57 -46.95 14.51
N ASN C 59 17.87 -47.07 14.25
CA ASN C 59 18.51 -46.46 13.09
C ASN C 59 19.63 -47.38 12.63
N THR C 60 19.83 -47.43 11.31
CA THR C 60 20.78 -48.34 10.69
C THR C 60 21.64 -47.58 9.70
N ALA C 61 22.85 -48.09 9.45
CA ALA C 61 23.77 -47.43 8.54
C ALA C 61 23.19 -47.39 7.14
N ARG C 62 23.79 -46.56 6.28
CA ARG C 62 23.24 -46.35 4.94
C ARG C 62 23.28 -47.64 4.12
N ASN C 63 24.34 -48.44 4.27
CA ASN C 63 24.46 -49.68 3.53
C ASN C 63 23.69 -50.84 4.16
N PHE C 64 22.74 -50.56 5.07
CA PHE C 64 21.78 -51.55 5.54
C PHE C 64 20.35 -51.01 5.54
N GLN C 65 20.11 -49.88 4.86
CA GLN C 65 18.79 -49.25 4.91
C GLN C 65 17.74 -50.15 4.28
N GLY C 66 16.86 -50.71 5.11
CA GLY C 66 15.83 -51.62 4.66
C GLY C 66 16.28 -53.07 4.69
N ARG C 67 17.57 -53.28 4.47
CA ARG C 67 18.15 -54.61 4.51
C ARG C 67 18.13 -55.22 5.90
N VAL C 68 18.05 -54.40 6.95
CA VAL C 68 18.12 -54.86 8.34
C VAL C 68 17.01 -54.19 9.14
N THR C 69 16.37 -54.96 10.03
CA THR C 69 15.40 -54.43 10.97
C THR C 69 15.57 -55.16 12.30
N MET C 70 15.43 -54.40 13.39
CA MET C 70 15.65 -54.92 14.74
C MET C 70 14.51 -54.47 15.66
N THR C 71 14.09 -55.37 16.53
CA THR C 71 13.01 -55.11 17.47
C THR C 71 13.37 -55.77 18.80
N ARG C 72 12.45 -55.70 19.75
CA ARG C 72 12.73 -56.16 21.11
C ARG C 72 11.44 -56.57 21.80
N ASP C 73 11.61 -57.28 22.91
CA ASP C 73 10.51 -57.66 23.79
C ASP C 73 10.95 -57.33 25.21
N THR C 74 10.39 -56.25 25.77
CA THR C 74 10.79 -55.80 27.10
C THR C 74 10.37 -56.77 28.19
N SER C 75 9.24 -57.46 28.04
CA SER C 75 8.80 -58.42 29.03
C SER C 75 9.80 -59.56 29.18
N ILE C 76 10.22 -60.15 28.05
CA ILE C 76 11.25 -61.19 28.10
C ILE C 76 12.59 -60.58 28.49
N GLY C 77 12.87 -59.37 28.02
CA GLY C 77 14.18 -58.77 28.21
C GLY C 77 15.16 -59.26 27.17
N THR C 78 14.83 -59.04 25.89
CA THR C 78 15.65 -59.53 24.79
C THR C 78 15.48 -58.61 23.59
N ALA C 79 16.46 -58.66 22.68
CA ALA C 79 16.47 -57.84 21.48
C ALA C 79 16.73 -58.73 20.26
N TYR C 80 16.10 -58.37 19.15
CA TYR C 80 16.14 -59.16 17.92
C TYR C 80 16.67 -58.29 16.78
N MET C 81 17.29 -58.95 15.79
CA MET C 81 17.84 -58.26 14.64
C MET C 81 17.66 -59.15 13.41
N GLU C 82 16.82 -58.70 12.48
CA GLU C 82 16.53 -59.44 11.26
C GLU C 82 17.37 -58.87 10.12
N LEU C 83 18.17 -59.72 9.48
CA LEU C 83 18.98 -59.35 8.33
C LEU C 83 18.37 -60.01 7.11
N ARG C 84 18.20 -59.24 6.04
CA ARG C 84 17.46 -59.66 4.86
C ARG C 84 18.37 -59.77 3.65
N SER C 85 17.96 -60.61 2.70
CA SER C 85 18.67 -60.79 1.43
C SER C 85 20.10 -61.25 1.65
N LEU C 86 20.25 -62.44 2.24
CA LEU C 86 21.56 -62.97 2.57
C LEU C 86 22.39 -63.21 1.32
N THR C 87 23.67 -62.85 1.40
CA THR C 87 24.67 -63.22 0.40
C THR C 87 25.75 -64.07 1.07
N SER C 88 26.69 -64.54 0.25
CA SER C 88 27.82 -65.29 0.81
C SER C 88 28.76 -64.37 1.57
N ASP C 89 28.74 -63.07 1.28
CA ASP C 89 29.59 -62.11 1.95
C ASP C 89 29.06 -61.68 3.32
N ASP C 90 27.83 -62.05 3.67
CA ASP C 90 27.29 -61.75 4.99
C ASP C 90 27.75 -62.74 6.06
N THR C 91 28.52 -63.75 5.70
CA THR C 91 29.09 -64.65 6.70
C THR C 91 30.00 -63.86 7.63
N ALA C 92 29.63 -63.79 8.90
CA ALA C 92 30.32 -62.91 9.83
C ALA C 92 29.94 -63.27 11.26
N ILE C 93 30.73 -62.77 12.20
CA ILE C 93 30.34 -62.77 13.61
C ILE C 93 29.49 -61.53 13.87
N TYR C 94 28.43 -61.71 14.65
CA TYR C 94 27.50 -60.64 15.00
C TYR C 94 27.51 -60.42 16.51
N TYR C 95 27.79 -59.18 16.92
CA TYR C 95 27.93 -58.83 18.33
C TYR C 95 26.75 -57.97 18.77
N CYS C 96 26.30 -58.21 20.00
CA CYS C 96 25.30 -57.39 20.68
C CYS C 96 26.00 -56.64 21.81
N THR C 97 25.87 -55.31 21.80
CA THR C 97 26.67 -54.46 22.68
C THR C 97 25.79 -53.42 23.35
N THR C 98 26.26 -52.92 24.49
CA THR C 98 25.52 -52.02 25.35
C THR C 98 26.03 -50.59 25.15
N GLY C 99 25.16 -49.71 24.70
CA GLY C 99 25.54 -48.36 24.31
C GLY C 99 25.49 -47.37 25.46
N GLY C 100 25.06 -46.16 25.15
CA GLY C 100 24.96 -45.11 26.14
C GLY C 100 23.81 -45.33 27.10
N TRP C 101 23.56 -44.29 27.91
CA TRP C 101 22.46 -44.30 28.86
C TRP C 101 21.30 -43.46 28.32
N ILE C 102 20.09 -44.04 28.33
CA ILE C 102 18.92 -43.29 27.87
C ILE C 102 18.60 -42.19 28.86
N SER C 103 18.27 -41.01 28.34
CA SER C 103 17.68 -39.95 29.15
C SER C 103 16.85 -39.06 28.26
N LEU C 104 15.86 -38.40 28.86
CA LEU C 104 14.90 -37.64 28.08
C LEU C 104 15.46 -36.33 27.55
N TYR C 105 16.66 -35.93 27.98
CA TYR C 105 17.11 -34.55 27.81
C TYR C 105 18.29 -34.38 26.85
N TYR C 106 19.05 -35.43 26.56
CA TYR C 106 20.15 -35.32 25.60
C TYR C 106 20.32 -36.64 24.86
N ASP C 107 20.55 -36.53 23.56
CA ASP C 107 20.62 -37.69 22.66
C ASP C 107 21.95 -38.40 22.86
N SER C 108 21.91 -39.52 23.58
CA SER C 108 23.08 -40.37 23.79
C SER C 108 23.12 -41.56 22.86
N SER C 109 22.36 -41.53 21.77
CA SER C 109 22.22 -42.71 20.91
C SER C 109 23.52 -43.02 20.18
N TYR C 110 24.11 -42.01 19.56
CA TYR C 110 25.29 -42.19 18.72
C TYR C 110 26.60 -42.24 19.50
N TYR C 111 26.55 -42.24 20.83
CA TYR C 111 27.78 -42.23 21.60
C TYR C 111 28.48 -43.57 21.45
N PRO C 112 29.70 -43.64 20.90
CA PRO C 112 30.37 -44.94 20.80
C PRO C 112 30.94 -45.40 22.14
N ASN C 113 30.07 -45.79 23.06
CA ASN C 113 30.45 -46.33 24.35
C ASN C 113 29.87 -47.74 24.46
N PHE C 114 30.61 -48.72 23.93
CA PHE C 114 30.17 -50.11 23.94
C PHE C 114 30.76 -50.80 25.18
N ASP C 115 30.10 -50.54 26.31
CA ASP C 115 30.65 -50.94 27.60
C ASP C 115 30.81 -52.45 27.72
N HIS C 116 29.81 -53.21 27.28
CA HIS C 116 29.79 -54.65 27.47
C HIS C 116 29.35 -55.32 26.18
N TRP C 117 30.06 -56.37 25.81
CA TRP C 117 29.87 -57.04 24.52
C TRP C 117 29.27 -58.42 24.73
N GLY C 118 28.40 -58.82 23.81
CA GLY C 118 27.93 -60.18 23.80
C GLY C 118 29.00 -61.14 23.37
N GLN C 119 28.72 -62.43 23.58
CA GLN C 119 29.70 -63.47 23.22
C GLN C 119 29.94 -63.56 21.72
N GLY C 120 29.02 -63.04 20.90
CA GLY C 120 29.16 -63.13 19.46
C GLY C 120 28.66 -64.45 18.92
N THR C 121 28.00 -64.41 17.78
CA THR C 121 27.41 -65.59 17.17
C THR C 121 27.74 -65.60 15.68
N LEU C 122 28.03 -66.79 15.14
CA LEU C 122 28.47 -66.92 13.77
C LEU C 122 27.28 -67.28 12.88
N LEU C 123 27.07 -66.49 11.83
CA LEU C 123 26.10 -66.78 10.79
C LEU C 123 26.87 -67.17 9.53
N THR C 124 26.50 -68.30 8.94
CA THR C 124 27.17 -68.85 7.76
C THR C 124 26.20 -68.91 6.60
N VAL C 125 26.62 -68.38 5.44
CA VAL C 125 25.84 -68.40 4.21
C VAL C 125 26.64 -69.16 3.18
N SER C 126 26.04 -70.21 2.61
CA SER C 126 26.71 -71.03 1.62
C SER C 126 25.73 -71.96 0.94
N ALA D 1 34.63 -47.56 5.39
CA ALA D 1 34.76 -46.11 5.69
C ALA D 1 35.68 -45.86 6.88
N LEU D 2 36.20 -44.63 6.94
CA LEU D 2 37.15 -44.18 7.97
C LEU D 2 38.47 -44.93 7.80
N THR D 3 39.57 -44.18 7.70
CA THR D 3 40.87 -44.73 7.35
C THR D 3 41.69 -44.99 8.60
N GLN D 4 42.48 -46.08 8.56
CA GLN D 4 43.33 -46.46 9.68
C GLN D 4 44.55 -47.18 9.11
N PRO D 5 45.73 -47.09 9.75
CA PRO D 5 46.87 -47.87 9.26
C PRO D 5 46.69 -49.36 9.49
N ALA D 6 47.44 -50.15 8.71
CA ALA D 6 47.26 -51.60 8.74
C ALA D 6 47.95 -52.24 9.94
N SER D 7 49.15 -51.79 10.28
CA SER D 7 49.92 -52.44 11.33
C SER D 7 50.97 -51.49 11.88
N VAL D 8 51.53 -51.88 13.03
CA VAL D 8 52.58 -51.12 13.70
C VAL D 8 53.35 -52.08 14.57
N SER D 9 54.60 -51.74 14.87
CA SER D 9 55.46 -52.63 15.65
C SER D 9 56.50 -51.83 16.42
N GLY D 10 57.08 -52.48 17.42
CA GLY D 10 58.13 -51.89 18.24
C GLY D 10 58.66 -52.94 19.19
N SER D 11 59.71 -52.56 19.92
CA SER D 11 60.33 -53.45 20.89
C SER D 11 59.67 -53.25 22.26
N PRO D 12 59.87 -54.19 23.19
CA PRO D 12 59.37 -53.97 24.55
C PRO D 12 60.00 -52.75 25.19
N GLY D 13 59.22 -52.05 26.01
CA GLY D 13 59.66 -50.84 26.67
C GLY D 13 59.49 -49.57 25.87
N GLN D 14 59.21 -49.67 24.57
CA GLN D 14 58.99 -48.51 23.73
C GLN D 14 57.54 -48.05 23.83
N SER D 15 57.24 -46.93 23.17
CA SER D 15 55.89 -46.41 23.04
C SER D 15 55.57 -46.17 21.57
N ILE D 16 54.34 -46.52 21.18
CA ILE D 16 53.89 -46.41 19.80
C ILE D 16 52.51 -45.76 19.79
N THR D 17 52.10 -45.31 18.61
CA THR D 17 50.82 -44.66 18.41
C THR D 17 50.12 -45.26 17.19
N ILE D 18 48.79 -45.31 17.26
CA ILE D 18 47.94 -45.75 16.18
C ILE D 18 46.95 -44.62 15.89
N SER D 19 46.80 -44.28 14.60
CA SER D 19 46.04 -43.12 14.19
C SER D 19 44.76 -43.54 13.46
N CYS D 20 43.77 -42.65 13.49
CA CYS D 20 42.53 -42.81 12.75
C CYS D 20 42.12 -41.47 12.17
N THR D 21 41.57 -41.50 10.96
CA THR D 21 41.24 -40.29 10.22
C THR D 21 39.93 -40.47 9.49
N GLY D 22 39.14 -39.40 9.44
CA GLY D 22 37.87 -39.39 8.72
C GLY D 22 37.56 -38.01 8.20
N THR D 23 36.33 -37.80 7.73
CA THR D 23 35.97 -36.50 7.19
C THR D 23 35.84 -35.47 8.31
N LYS D 24 35.48 -34.24 7.93
CA LYS D 24 35.19 -33.22 8.93
C LYS D 24 33.88 -33.53 9.67
N TYR D 25 33.03 -34.37 9.08
CA TYR D 25 31.74 -34.67 9.71
C TYR D 25 31.88 -35.72 10.80
N ASP D 26 32.55 -36.83 10.50
CA ASP D 26 32.61 -37.94 11.46
C ASP D 26 33.42 -37.57 12.69
N VAL D 27 34.73 -37.34 12.51
CA VAL D 27 35.61 -37.14 13.66
C VAL D 27 35.81 -35.67 13.93
N GLY D 28 35.76 -34.83 12.89
CA GLY D 28 36.02 -33.41 13.07
C GLY D 28 34.94 -32.67 13.80
N SER D 29 33.72 -33.20 13.84
CA SER D 29 32.57 -32.49 14.40
C SER D 29 32.37 -32.71 15.88
N HIS D 30 32.75 -33.88 16.40
CA HIS D 30 32.50 -34.25 17.78
C HIS D 30 33.73 -34.90 18.38
N ASP D 31 33.81 -34.87 19.71
CA ASP D 31 34.88 -35.53 20.45
C ASP D 31 34.57 -36.99 20.75
N LEU D 32 33.67 -37.61 19.99
CA LEU D 32 33.24 -38.99 20.22
C LEU D 32 34.15 -39.92 19.42
N VAL D 33 35.19 -40.41 20.09
CA VAL D 33 36.10 -41.40 19.54
C VAL D 33 36.39 -42.42 20.62
N SER D 34 36.32 -43.70 20.27
CA SER D 34 36.57 -44.79 21.21
C SER D 34 37.45 -45.84 20.55
N TRP D 35 38.32 -46.45 21.35
CA TRP D 35 39.30 -47.43 20.89
C TRP D 35 39.00 -48.76 21.55
N TYR D 36 38.97 -49.83 20.75
CA TYR D 36 38.67 -51.17 21.22
C TYR D 36 39.81 -52.11 20.86
N GLN D 37 40.34 -52.81 21.87
CA GLN D 37 41.34 -53.85 21.66
C GLN D 37 40.66 -55.16 21.34
N GLN D 38 41.32 -56.00 20.56
CA GLN D 38 40.82 -57.35 20.28
C GLN D 38 42.00 -58.28 20.13
N TYR D 39 42.16 -59.19 21.08
CA TYR D 39 43.04 -60.33 20.86
C TYR D 39 42.40 -61.23 19.80
N PRO D 40 43.18 -61.90 18.96
CA PRO D 40 42.57 -62.78 17.95
C PRO D 40 41.73 -63.89 18.58
N GLY D 41 40.57 -64.13 17.99
CA GLY D 41 39.68 -65.17 18.50
C GLY D 41 38.98 -64.82 19.79
N LYS D 42 38.82 -63.52 20.09
CA LYS D 42 38.16 -63.07 21.30
C LYS D 42 37.27 -61.89 20.98
N VAL D 43 36.27 -61.68 21.83
CA VAL D 43 35.40 -60.51 21.71
C VAL D 43 36.30 -59.29 21.91
N PRO D 44 36.05 -58.14 21.27
CA PRO D 44 36.88 -56.96 21.55
C PRO D 44 36.82 -56.57 23.02
N LYS D 45 37.70 -55.65 23.40
CA LYS D 45 37.77 -55.12 24.75
C LYS D 45 37.69 -53.60 24.68
N TYR D 46 37.40 -52.99 25.82
CA TYR D 46 36.97 -51.59 25.93
C TYR D 46 38.03 -50.74 26.63
N MET D 47 38.73 -49.91 25.85
CA MET D 47 39.96 -49.24 26.27
C MET D 47 39.77 -47.75 26.53
N ILE D 48 39.24 -47.01 25.56
CA ILE D 48 39.07 -45.56 25.64
C ILE D 48 37.67 -45.24 25.15
N TYR D 49 36.88 -44.50 25.94
CA TYR D 49 35.50 -44.23 25.57
C TYR D 49 35.30 -42.85 24.96
N GLU D 50 35.70 -41.78 25.65
CA GLU D 50 35.85 -40.46 25.04
C GLU D 50 37.33 -40.27 24.74
N VAL D 51 37.62 -39.31 23.85
CA VAL D 51 38.87 -39.33 23.09
C VAL D 51 40.11 -39.45 23.98
N ASN D 52 40.03 -38.96 25.22
CA ASN D 52 41.14 -39.09 26.17
C ASN D 52 40.65 -39.41 27.58
N LYS D 53 39.75 -40.39 27.73
CA LYS D 53 39.29 -40.86 29.04
C LYS D 53 39.29 -42.39 29.04
N ARG D 54 39.68 -42.99 30.18
CA ARG D 54 39.75 -44.44 30.36
C ARG D 54 38.59 -44.96 31.20
N PRO D 55 38.17 -46.22 31.05
CA PRO D 55 37.26 -46.84 32.03
C PRO D 55 38.03 -47.47 33.18
N SER D 56 37.27 -48.09 34.08
CA SER D 56 37.89 -48.86 35.14
C SER D 56 38.52 -50.13 34.58
N GLY D 57 39.70 -50.46 35.13
CA GLY D 57 40.42 -51.66 34.77
C GLY D 57 41.42 -51.51 33.65
N VAL D 58 41.37 -50.44 32.87
CA VAL D 58 42.32 -50.20 31.79
C VAL D 58 43.57 -49.56 32.37
N SER D 59 44.73 -50.05 31.95
CA SER D 59 46.00 -49.55 32.44
C SER D 59 46.22 -48.12 31.96
N ASN D 60 47.09 -47.39 32.68
CA ASN D 60 47.45 -46.04 32.28
C ASN D 60 48.44 -46.03 31.13
N ARG D 61 48.89 -47.21 30.69
CA ARG D 61 49.72 -47.30 29.49
C ARG D 61 49.02 -46.73 28.26
N PHE D 62 47.68 -46.78 28.22
CA PHE D 62 46.91 -46.38 27.06
C PHE D 62 46.37 -44.96 27.26
N SER D 63 46.44 -44.16 26.21
CA SER D 63 45.85 -42.83 26.21
C SER D 63 45.61 -42.40 24.77
N GLY D 64 44.67 -41.46 24.60
CA GLY D 64 44.23 -41.03 23.29
C GLY D 64 44.40 -39.53 23.10
N SER D 65 44.10 -39.08 21.88
CA SER D 65 44.24 -37.68 21.51
C SER D 65 43.44 -37.43 20.25
N LYS D 66 43.21 -36.14 19.97
CA LYS D 66 42.50 -35.72 18.77
C LYS D 66 43.17 -34.48 18.20
N SER D 67 43.09 -34.34 16.88
CA SER D 67 43.59 -33.15 16.20
C SER D 67 42.88 -33.03 14.86
N GLY D 68 42.05 -32.00 14.72
CA GLY D 68 41.37 -31.77 13.45
C GLY D 68 40.49 -32.94 13.06
N ASN D 69 40.65 -33.41 11.84
CA ASN D 69 39.88 -34.53 11.31
C ASN D 69 40.52 -35.89 11.58
N THR D 70 41.39 -35.99 12.58
CA THR D 70 42.08 -37.24 12.88
C THR D 70 42.32 -37.35 14.38
N ALA D 71 42.46 -38.59 14.83
CA ALA D 71 42.70 -38.91 16.23
C ALA D 71 43.65 -40.08 16.30
N SER D 72 44.24 -40.30 17.48
CA SER D 72 45.24 -41.35 17.61
C SER D 72 45.32 -41.85 19.05
N LEU D 73 45.51 -43.16 19.18
CA LEU D 73 45.80 -43.78 20.46
C LEU D 73 47.30 -43.79 20.70
N THR D 74 47.69 -43.83 21.97
CA THR D 74 49.08 -43.93 22.38
C THR D 74 49.26 -45.13 23.31
N ILE D 75 50.13 -46.05 22.92
CA ILE D 75 50.46 -47.23 23.72
C ILE D 75 51.86 -46.99 24.26
N SER D 76 52.01 -47.07 25.58
CA SER D 76 53.26 -46.78 26.27
C SER D 76 53.71 -47.99 27.08
N GLY D 77 55.03 -48.16 27.18
CA GLY D 77 55.60 -49.28 27.90
C GLY D 77 55.18 -50.61 27.30
N LEU D 78 55.63 -50.86 26.06
CA LEU D 78 55.18 -52.03 25.33
C LEU D 78 55.63 -53.31 26.01
N ARG D 79 54.76 -54.32 25.96
CA ARG D 79 55.10 -55.66 26.40
C ARG D 79 54.28 -56.64 25.57
N ALA D 80 54.54 -57.93 25.76
CA ALA D 80 53.91 -58.95 24.92
C ALA D 80 52.39 -58.94 25.06
N GLU D 81 51.86 -58.45 26.18
CA GLU D 81 50.42 -58.40 26.36
C GLU D 81 49.73 -57.43 25.42
N ASP D 82 50.47 -56.46 24.86
CA ASP D 82 49.88 -55.49 23.94
C ASP D 82 49.79 -55.99 22.50
N GLU D 83 50.18 -57.24 22.24
CA GLU D 83 50.08 -57.80 20.90
C GLU D 83 48.64 -58.16 20.57
N ALA D 84 47.89 -57.22 20.00
CA ALA D 84 46.49 -57.45 19.67
C ALA D 84 46.04 -56.41 18.66
N ASP D 85 44.89 -56.66 18.04
CA ASP D 85 44.31 -55.71 17.10
C ASP D 85 43.61 -54.59 17.85
N TYR D 86 43.62 -53.40 17.25
CA TYR D 86 43.00 -52.22 17.83
C TYR D 86 42.16 -51.51 16.77
N TYR D 87 40.88 -51.32 17.06
CA TYR D 87 39.94 -50.63 16.18
C TYR D 87 39.49 -49.34 16.84
N CYS D 88 39.24 -48.32 16.02
CA CYS D 88 38.63 -47.08 16.46
C CYS D 88 37.22 -46.99 15.90
N CYS D 89 36.29 -46.59 16.78
CA CYS D 89 34.92 -46.31 16.41
C CYS D 89 34.58 -44.91 16.88
N SER D 90 33.98 -44.12 16.00
CA SER D 90 33.72 -42.71 16.25
C SER D 90 32.38 -42.33 15.66
N PHE D 91 31.85 -41.20 16.13
CA PHE D 91 30.58 -40.67 15.63
C PHE D 91 30.63 -40.52 14.12
N GLY D 92 29.62 -41.07 13.46
CA GLY D 92 29.63 -41.20 12.01
C GLY D 92 28.90 -40.09 11.30
N GLY D 93 27.84 -40.44 10.60
CA GLY D 93 27.14 -39.47 9.77
C GLY D 93 26.05 -38.74 10.53
N SER D 94 24.80 -38.99 10.17
CA SER D 94 23.68 -38.27 10.77
C SER D 94 23.54 -38.62 12.24
N ALA D 95 23.20 -39.87 12.54
CA ALA D 95 23.07 -40.34 13.91
C ALA D 95 23.66 -41.75 13.99
N THR D 96 24.81 -41.93 13.36
CA THR D 96 25.46 -43.23 13.21
C THR D 96 26.85 -43.19 13.83
N VAL D 97 27.44 -44.37 13.96
CA VAL D 97 28.83 -44.53 14.37
C VAL D 97 29.49 -45.46 13.37
N VAL D 98 30.68 -45.06 12.92
CA VAL D 98 31.45 -45.79 11.91
C VAL D 98 32.76 -46.23 12.54
N CYS D 99 33.25 -47.40 12.12
CA CYS D 99 34.42 -48.03 12.72
C CYS D 99 35.49 -48.26 11.67
N GLY D 100 36.76 -48.23 12.11
CA GLY D 100 37.87 -48.36 11.19
C GLY D 100 38.22 -49.80 10.90
N GLY D 101 39.21 -49.96 10.03
CA GLY D 101 39.65 -51.29 9.59
C GLY D 101 40.49 -52.04 10.61
N GLY D 102 41.12 -51.34 11.55
CA GLY D 102 41.90 -51.98 12.59
C GLY D 102 43.40 -52.00 12.33
N THR D 103 44.19 -51.98 13.41
CA THR D 103 45.65 -51.99 13.34
C THR D 103 46.17 -53.12 14.21
N LYS D 104 47.11 -53.90 13.67
CA LYS D 104 47.75 -54.95 14.44
C LYS D 104 49.03 -54.43 15.09
N VAL D 105 49.30 -54.92 16.29
CA VAL D 105 50.47 -54.52 17.07
C VAL D 105 51.36 -55.74 17.26
N THR D 106 52.63 -55.60 16.87
CA THR D 106 53.63 -56.65 17.01
C THR D 106 54.75 -56.16 17.91
N VAL D 107 54.97 -56.85 19.02
CA VAL D 107 56.01 -56.51 19.98
C VAL D 107 57.18 -57.44 19.74
N LEU D 108 58.32 -56.87 19.36
CA LEU D 108 59.50 -57.65 18.98
C LEU D 108 60.19 -58.22 20.21
N GLU E 1 11.62 68.56 0.93
CA GLU E 1 10.31 68.04 0.53
C GLU E 1 10.45 66.73 -0.27
N ASN E 2 11.61 66.10 -0.19
CA ASN E 2 11.80 64.84 -0.90
C ASN E 2 10.94 63.75 -0.29
N LEU E 3 10.42 62.87 -1.14
CA LEU E 3 9.48 61.83 -0.75
C LEU E 3 10.23 60.52 -0.55
N TRP E 4 10.09 59.93 0.64
CA TRP E 4 10.78 58.70 1.01
C TRP E 4 9.78 57.56 1.10
N VAL E 5 10.17 56.41 0.56
CA VAL E 5 9.31 55.23 0.54
C VAL E 5 9.51 54.46 1.84
N THR E 6 8.42 53.86 2.33
CA THR E 6 8.42 53.08 3.56
C THR E 6 7.70 51.76 3.32
N VAL E 7 7.90 50.82 4.25
CA VAL E 7 7.35 49.47 4.15
C VAL E 7 6.64 49.13 5.45
N TYR E 8 5.53 48.40 5.33
CA TYR E 8 4.75 47.96 6.48
C TYR E 8 4.49 46.47 6.36
N TYR E 9 4.62 45.76 7.48
CA TYR E 9 4.41 44.32 7.56
C TYR E 9 3.17 44.01 8.39
N GLY E 10 2.34 43.11 7.89
CA GLY E 10 1.10 42.78 8.55
C GLY E 10 -0.07 43.65 8.15
N VAL E 11 -0.03 44.23 6.95
CA VAL E 11 -1.13 45.07 6.46
C VAL E 11 -2.27 44.18 6.00
N PRO E 12 -3.55 44.61 6.12
CA PRO E 12 -4.65 43.76 5.67
C PRO E 12 -4.98 43.86 4.19
N VAL E 13 -4.28 43.10 3.36
CA VAL E 13 -4.63 42.95 1.95
C VAL E 13 -4.49 41.48 1.57
N TRP E 14 -5.17 41.09 0.49
CA TRP E 14 -5.26 39.68 0.13
C TRP E 14 -5.40 39.52 -1.38
N LYS E 15 -5.15 38.28 -1.82
CA LYS E 15 -5.35 37.88 -3.21
C LYS E 15 -5.79 36.42 -3.22
N GLU E 16 -6.54 36.04 -4.26
CA GLU E 16 -7.09 34.70 -4.32
C GLU E 16 -5.99 33.66 -4.50
N ALA E 17 -6.28 32.43 -4.06
CA ALA E 17 -5.31 31.34 -4.14
C ALA E 17 -6.04 30.01 -4.06
N LYS E 18 -5.27 28.93 -4.21
CA LYS E 18 -5.79 27.57 -4.26
C LYS E 18 -5.08 26.65 -3.28
N THR E 19 -4.97 27.08 -2.02
CA THR E 19 -4.30 26.29 -1.00
C THR E 19 -5.03 24.96 -0.76
N THR E 20 -4.44 24.17 0.13
CA THR E 20 -5.01 22.88 0.52
C THR E 20 -5.82 23.07 1.80
N LEU E 21 -7.14 23.05 1.67
CA LEU E 21 -8.01 23.18 2.82
C LEU E 21 -8.06 21.85 3.57
N PHE E 22 -8.41 21.92 4.86
CA PHE E 22 -8.36 20.75 5.73
C PHE E 22 -9.58 20.70 6.64
N CYS E 23 -9.66 19.61 7.41
CA CYS E 23 -10.79 19.24 8.24
C CYS E 23 -10.24 18.59 9.51
N ALA E 24 -10.64 19.03 10.71
CA ALA E 24 -11.62 19.95 11.32
C ALA E 24 -13.10 19.53 11.19
N SER E 25 -13.41 18.33 11.67
CA SER E 25 -14.79 17.91 11.85
C SER E 25 -15.35 18.48 13.15
N ASP E 26 -16.59 18.09 13.46
CA ASP E 26 -17.34 18.68 14.57
C ASP E 26 -16.80 18.33 15.95
N ALA E 27 -15.95 17.30 16.07
CA ALA E 27 -15.30 16.93 17.32
C ALA E 27 -16.25 16.38 18.38
N ARG E 28 -17.50 16.11 18.01
CA ARG E 28 -18.44 15.44 18.90
C ARG E 28 -18.54 13.95 18.59
N ALA E 29 -18.44 13.58 17.31
CA ALA E 29 -18.42 12.17 16.91
C ALA E 29 -17.02 11.57 16.93
N TYR E 30 -16.33 11.67 18.07
CA TYR E 30 -14.97 11.15 18.22
C TYR E 30 -14.83 10.20 19.40
N GLU E 31 -15.91 9.47 19.70
CA GLU E 31 -15.82 8.15 20.32
C GLU E 31 -15.48 7.18 19.20
N LYS E 32 -15.78 5.89 19.36
CA LYS E 32 -15.53 4.90 18.29
C LYS E 32 -16.08 5.31 16.92
N GLU E 33 -17.02 6.27 16.85
CA GLU E 33 -17.51 6.79 15.58
C GLU E 33 -16.39 7.35 14.70
N VAL E 34 -15.27 7.79 15.28
CA VAL E 34 -14.14 8.23 14.46
C VAL E 34 -13.67 7.09 13.56
N HIS E 35 -13.65 5.86 14.10
CA HIS E 35 -13.33 4.71 13.28
C HIS E 35 -14.51 4.31 12.40
N ASN E 36 -15.74 4.52 12.88
CA ASN E 36 -16.90 4.01 12.17
C ASN E 36 -17.36 4.94 11.05
N VAL E 37 -17.40 6.24 11.31
CA VAL E 37 -18.04 7.17 10.39
C VAL E 37 -17.21 7.27 9.11
N TRP E 38 -17.89 7.14 7.97
CA TRP E 38 -17.28 7.44 6.69
C TRP E 38 -17.10 8.95 6.53
N ALA E 39 -16.00 9.33 5.87
CA ALA E 39 -15.71 10.74 5.56
C ALA E 39 -15.44 11.58 6.80
N THR E 40 -15.06 10.96 7.91
CA THR E 40 -14.65 11.70 9.10
C THR E 40 -13.45 11.07 9.80
N HIS E 41 -13.02 9.88 9.36
CA HIS E 41 -11.94 9.19 10.06
C HIS E 41 -10.63 9.97 10.02
N ALA E 42 -10.37 10.65 8.91
CA ALA E 42 -9.12 11.39 8.75
C ALA E 42 -9.21 12.84 9.22
N CYS E 43 -10.40 13.33 9.56
CA CYS E 43 -10.54 14.73 9.97
C CYS E 43 -9.96 14.94 11.36
N VAL E 44 -9.38 16.12 11.57
CA VAL E 44 -8.95 16.53 12.91
C VAL E 44 -10.17 16.95 13.71
N PRO E 45 -10.32 16.54 14.98
CA PRO E 45 -11.46 17.04 15.77
C PRO E 45 -11.16 18.41 16.35
N THR E 46 -11.92 19.41 15.92
CA THR E 46 -11.76 20.79 16.36
C THR E 46 -13.14 21.41 16.58
N ASP E 47 -13.14 22.60 17.19
CA ASP E 47 -14.36 23.34 17.52
C ASP E 47 -14.23 24.77 16.98
N PRO E 48 -14.29 24.94 15.65
CA PRO E 48 -14.16 26.29 15.09
C PRO E 48 -15.37 27.17 15.34
N SER E 49 -15.24 28.15 16.23
CA SER E 49 -16.34 29.03 16.55
C SER E 49 -16.50 30.11 15.48
N PRO E 50 -17.68 30.73 15.39
CA PRO E 50 -17.84 31.83 14.43
C PRO E 50 -17.05 33.07 14.86
N GLN E 51 -16.90 33.99 13.90
CA GLN E 51 -16.28 35.29 14.14
C GLN E 51 -17.24 36.37 13.66
N GLU E 52 -17.46 37.38 14.50
CA GLU E 52 -18.35 38.49 14.19
C GLU E 52 -17.61 39.59 13.46
N LEU E 53 -16.95 39.23 12.35
CA LEU E 53 -16.26 40.16 11.47
C LEU E 53 -16.69 39.71 10.07
N VAL E 54 -17.62 40.42 9.41
CA VAL E 54 -18.22 41.75 9.55
C VAL E 54 -17.08 42.75 9.49
N LEU E 55 -16.53 42.89 8.28
CA LEU E 55 -15.38 43.75 8.04
C LEU E 55 -15.74 45.22 7.96
N GLY E 56 -16.96 45.54 7.52
CA GLY E 56 -17.39 46.94 7.36
C GLY E 56 -17.47 47.33 5.89
N ASN E 57 -16.51 48.13 5.43
CA ASN E 57 -16.56 48.71 4.09
C ASN E 57 -16.01 47.78 3.00
N VAL E 58 -15.90 46.47 3.20
CA VAL E 58 -15.35 45.60 2.18
C VAL E 58 -16.41 45.29 1.14
N THR E 59 -15.99 45.23 -0.13
CA THR E 59 -16.87 44.86 -1.25
C THR E 59 -16.10 43.84 -2.08
N GLU E 60 -16.34 42.55 -1.82
CA GLU E 60 -15.58 41.46 -2.39
C GLU E 60 -16.39 40.77 -3.48
N ASN E 61 -15.76 40.51 -4.61
CA ASN E 61 -16.40 39.79 -5.70
C ASN E 61 -16.32 38.29 -5.45
N PHE E 62 -17.48 37.64 -5.36
CA PHE E 62 -17.58 36.21 -5.15
C PHE E 62 -17.96 35.51 -6.45
N ASN E 63 -17.68 34.20 -6.49
CA ASN E 63 -18.09 33.36 -7.61
C ASN E 63 -18.28 31.96 -7.07
N MET E 64 -19.20 31.22 -7.69
CA MET E 64 -19.53 29.86 -7.28
C MET E 64 -19.15 28.80 -8.31
N TRP E 65 -19.32 29.08 -9.59
CA TRP E 65 -19.06 28.07 -10.62
C TRP E 65 -17.60 27.97 -11.02
N LYS E 66 -16.76 28.92 -10.57
CA LYS E 66 -15.31 28.82 -10.66
C LYS E 66 -14.66 28.65 -9.29
N ASN E 67 -15.42 28.21 -8.29
CA ASN E 67 -14.93 28.09 -6.92
C ASN E 67 -14.34 26.69 -6.75
N ASP E 68 -13.03 26.60 -6.97
CA ASP E 68 -12.37 25.30 -6.96
C ASP E 68 -12.20 24.69 -5.58
N MET E 69 -12.70 25.34 -4.51
CA MET E 69 -12.81 24.68 -3.23
C MET E 69 -13.73 23.46 -3.32
N VAL E 70 -14.76 23.53 -4.16
CA VAL E 70 -15.67 22.40 -4.33
C VAL E 70 -14.94 21.23 -4.98
N ASP E 71 -13.99 21.50 -5.88
CA ASP E 71 -13.21 20.42 -6.45
C ASP E 71 -12.33 19.75 -5.41
N GLN E 72 -11.78 20.51 -4.47
CA GLN E 72 -11.03 19.91 -3.37
C GLN E 72 -11.95 19.03 -2.52
N MET E 73 -13.17 19.49 -2.25
CA MET E 73 -14.10 18.64 -1.52
C MET E 73 -14.42 17.38 -2.31
N HIS E 74 -14.60 17.50 -3.62
CA HIS E 74 -14.91 16.34 -4.45
C HIS E 74 -13.78 15.33 -4.40
N GLU E 75 -12.54 15.79 -4.56
CA GLU E 75 -11.40 14.88 -4.49
C GLU E 75 -11.30 14.24 -3.11
N ASP E 76 -11.58 15.01 -2.05
CA ASP E 76 -11.53 14.44 -0.71
C ASP E 76 -12.57 13.33 -0.54
N ILE E 77 -13.79 13.57 -1.02
CA ILE E 77 -14.85 12.57 -0.90
C ILE E 77 -14.50 11.31 -1.69
N ILE E 78 -13.99 11.48 -2.91
CA ILE E 78 -13.55 10.34 -3.70
C ILE E 78 -12.50 9.54 -2.94
N SER E 79 -11.38 10.18 -2.60
CA SER E 79 -10.25 9.44 -2.04
C SER E 79 -10.52 8.93 -0.63
N LEU E 80 -11.52 9.47 0.08
CA LEU E 80 -11.84 8.99 1.42
C LEU E 80 -12.90 7.90 1.39
N TRP E 81 -13.76 7.92 0.38
CA TRP E 81 -14.61 6.77 0.11
C TRP E 81 -13.78 5.54 -0.27
N ASP E 82 -12.85 5.73 -1.19
CA ASP E 82 -12.00 4.64 -1.65
C ASP E 82 -11.11 4.13 -0.52
N GLN E 83 -10.65 5.03 0.35
CA GLN E 83 -9.79 4.63 1.46
C GLN E 83 -10.53 3.74 2.44
N SER E 84 -11.83 3.96 2.63
CA SER E 84 -12.59 3.20 3.62
C SER E 84 -12.93 1.79 3.15
N LEU E 85 -13.01 1.56 1.83
CA LEU E 85 -13.32 0.24 1.29
C LEU E 85 -12.10 -0.66 1.17
N LYS E 86 -10.89 -0.11 1.33
CA LYS E 86 -9.68 -0.89 1.13
C LYS E 86 -9.54 -2.08 2.08
N PRO E 87 -9.76 -1.98 3.39
CA PRO E 87 -9.32 -3.04 4.30
C PRO E 87 -10.31 -4.18 4.51
N CYS E 88 -11.37 -4.35 3.70
CA CYS E 88 -12.33 -5.42 3.95
C CYS E 88 -12.78 -6.05 2.64
N VAL E 89 -13.77 -6.94 2.75
CA VAL E 89 -13.94 -8.12 1.91
C VAL E 89 -14.05 -7.79 0.43
N LYS E 90 -13.36 -8.57 -0.40
CA LYS E 90 -13.64 -8.59 -1.84
C LYS E 90 -14.57 -9.75 -2.16
N LEU E 91 -15.53 -9.51 -3.05
CA LEU E 91 -16.50 -10.52 -3.44
C LEU E 91 -16.15 -11.21 -4.74
N THR E 92 -14.86 -11.41 -5.01
CA THR E 92 -14.48 -12.29 -6.11
C THR E 92 -14.98 -13.72 -5.94
N PRO E 93 -14.99 -14.33 -4.75
CA PRO E 93 -15.53 -15.70 -4.66
C PRO E 93 -17.01 -15.81 -5.00
N LEU E 94 -17.77 -14.72 -4.92
CA LEU E 94 -19.20 -14.75 -5.23
C LEU E 94 -19.49 -14.72 -6.72
N CYS E 95 -18.52 -14.36 -7.55
CA CYS E 95 -18.72 -14.36 -9.00
C CYS E 95 -18.69 -15.80 -9.52
N VAL E 96 -19.83 -16.47 -9.32
CA VAL E 96 -20.01 -17.86 -9.76
C VAL E 96 -21.30 -17.95 -10.55
N THR E 97 -21.67 -19.15 -10.98
CA THR E 97 -22.97 -19.36 -11.61
C THR E 97 -24.04 -19.53 -10.55
N LEU E 98 -25.07 -18.69 -10.59
CA LEU E 98 -26.17 -18.71 -9.64
C LEU E 98 -27.35 -19.41 -10.28
N ILE E 99 -27.85 -20.45 -9.64
CA ILE E 99 -29.04 -21.18 -10.11
C ILE E 99 -30.24 -20.59 -9.42
N CYS E 100 -31.03 -19.80 -10.16
CA CYS E 100 -32.12 -19.03 -9.60
C CYS E 100 -33.44 -19.78 -9.75
N SER E 101 -34.44 -19.28 -9.03
CA SER E 101 -35.80 -19.76 -9.15
C SER E 101 -36.72 -18.67 -8.62
N ASP E 102 -38.03 -18.92 -8.67
CA ASP E 102 -38.97 -18.01 -8.04
C ASP E 102 -38.70 -17.95 -6.54
N ALA E 103 -38.69 -16.73 -5.99
CA ALA E 103 -38.46 -16.52 -4.57
C ALA E 103 -39.77 -16.68 -3.81
N THR E 104 -40.35 -17.86 -3.93
CA THR E 104 -41.63 -18.15 -3.28
C THR E 104 -41.42 -18.29 -1.79
N VAL E 105 -42.32 -17.68 -1.01
CA VAL E 105 -42.20 -17.67 0.45
C VAL E 105 -43.52 -18.11 1.05
N LYS E 106 -43.61 -19.40 1.35
CA LYS E 106 -44.65 -20.08 2.12
C LYS E 106 -45.99 -20.27 1.39
N THR E 107 -46.32 -19.43 0.42
CA THR E 107 -47.19 -19.85 -0.67
C THR E 107 -46.98 -19.06 -1.95
N GLY E 108 -46.54 -17.80 -1.83
CA GLY E 108 -46.52 -16.86 -2.92
C GLY E 108 -45.15 -16.26 -3.14
N THR E 109 -45.06 -15.44 -4.19
CA THR E 109 -43.78 -15.00 -4.74
C THR E 109 -43.60 -13.51 -4.50
N VAL E 110 -42.43 -13.15 -3.97
CA VAL E 110 -42.00 -11.76 -3.96
C VAL E 110 -41.56 -11.38 -5.36
N GLU E 111 -42.07 -10.26 -5.86
CA GLU E 111 -41.88 -9.95 -7.27
C GLU E 111 -40.46 -9.47 -7.56
N GLU E 112 -39.77 -8.89 -6.57
CA GLU E 112 -38.49 -8.25 -6.81
C GLU E 112 -37.28 -9.17 -6.63
N MET E 113 -37.33 -10.13 -5.70
CA MET E 113 -36.16 -10.85 -5.25
C MET E 113 -36.11 -12.25 -5.85
N LYS E 114 -34.89 -12.75 -6.03
CA LYS E 114 -34.61 -14.08 -6.58
C LYS E 114 -33.94 -14.92 -5.51
N ASN E 115 -34.35 -16.18 -5.39
CA ASN E 115 -33.79 -17.09 -4.38
C ASN E 115 -32.60 -17.84 -5.00
N CYS E 116 -31.50 -17.12 -5.13
CA CYS E 116 -30.32 -17.66 -5.79
C CYS E 116 -29.64 -18.70 -4.92
N SER E 117 -29.04 -19.70 -5.57
CA SER E 117 -28.25 -20.74 -4.91
C SER E 117 -26.94 -20.93 -5.66
N PHE E 118 -25.85 -21.11 -4.90
CA PHE E 118 -24.52 -21.16 -5.50
C PHE E 118 -23.58 -21.97 -4.62
N ASN E 119 -22.53 -22.49 -5.23
CA ASN E 119 -21.52 -23.29 -4.53
C ASN E 119 -20.42 -22.35 -4.04
N THR E 120 -20.41 -22.07 -2.74
CA THR E 120 -19.40 -21.21 -2.14
C THR E 120 -18.28 -22.04 -1.54
N THR E 121 -17.07 -21.48 -1.57
CA THR E 121 -15.93 -22.16 -0.97
C THR E 121 -16.02 -22.08 0.55
N THR E 122 -15.66 -23.17 1.23
CA THR E 122 -15.55 -23.15 2.67
C THR E 122 -14.21 -22.54 3.05
N GLU E 123 -13.85 -22.57 4.33
CA GLU E 123 -12.51 -22.14 4.71
C GLU E 123 -11.46 -23.08 4.12
N ILE E 124 -11.75 -24.37 4.06
CA ILE E 124 -10.85 -25.36 3.49
C ILE E 124 -10.95 -25.27 1.97
N ARG E 125 -9.80 -25.19 1.31
CA ARG E 125 -9.79 -24.94 -0.13
C ARG E 125 -10.42 -26.08 -0.92
N ASP E 126 -10.31 -27.31 -0.42
CA ASP E 126 -10.81 -28.46 -1.19
C ASP E 126 -12.33 -28.50 -1.23
N LYS E 127 -12.99 -28.20 -0.12
CA LYS E 127 -14.42 -28.47 0.05
C LYS E 127 -15.23 -27.25 -0.36
N GLU E 128 -16.23 -27.47 -1.20
CA GLU E 128 -17.19 -26.44 -1.58
C GLU E 128 -18.55 -26.80 -1.03
N LYS E 129 -19.28 -25.78 -0.57
CA LYS E 129 -20.58 -25.95 0.08
C LYS E 129 -21.65 -25.26 -0.74
N LYS E 130 -22.81 -25.87 -0.84
CA LYS E 130 -23.94 -25.24 -1.52
C LYS E 130 -24.63 -24.28 -0.57
N GLU E 131 -24.92 -23.08 -1.06
CA GLU E 131 -25.40 -21.99 -0.23
C GLU E 131 -26.40 -21.17 -1.03
N TYR E 132 -27.21 -20.36 -0.35
CA TYR E 132 -28.24 -19.56 -1.01
C TYR E 132 -28.34 -18.20 -0.33
N ALA E 133 -28.99 -17.27 -1.02
CA ALA E 133 -29.27 -15.95 -0.48
C ALA E 133 -30.22 -15.24 -1.44
N LEU E 134 -31.12 -14.42 -0.91
CA LEU E 134 -32.11 -13.73 -1.73
C LEU E 134 -31.48 -12.47 -2.31
N PHE E 135 -31.09 -12.51 -3.58
CA PHE E 135 -30.55 -11.34 -4.27
C PHE E 135 -31.68 -10.56 -4.90
N TYR E 136 -31.58 -9.24 -4.83
CA TYR E 136 -32.50 -8.40 -5.59
C TYR E 136 -32.31 -8.61 -7.07
N LYS E 137 -33.29 -8.17 -7.84
CA LYS E 137 -33.10 -7.91 -9.25
C LYS E 137 -32.41 -6.54 -9.33
N PRO E 138 -32.22 -5.95 -10.50
CA PRO E 138 -31.01 -5.16 -10.79
C PRO E 138 -29.65 -5.75 -10.44
N ASP E 139 -29.43 -6.35 -9.26
CA ASP E 139 -28.13 -6.96 -8.96
C ASP E 139 -27.83 -8.20 -9.81
N ILE E 140 -28.82 -8.73 -10.53
CA ILE E 140 -28.74 -10.06 -11.12
C ILE E 140 -29.00 -9.97 -12.62
N VAL E 141 -28.22 -10.72 -13.40
CA VAL E 141 -28.27 -10.69 -14.86
C VAL E 141 -28.26 -12.13 -15.36
N PRO E 142 -28.91 -12.47 -16.49
CA PRO E 142 -28.80 -13.85 -16.99
C PRO E 142 -27.38 -14.18 -17.43
N LEU E 143 -27.04 -15.47 -17.32
CA LEU E 143 -25.67 -15.91 -17.53
C LEU E 143 -25.27 -15.73 -18.99
N SER E 144 -23.96 -15.61 -19.21
CA SER E 144 -23.41 -15.40 -20.54
C SER E 144 -23.66 -16.59 -21.45
N GLU E 145 -24.51 -16.41 -22.46
CA GLU E 145 -24.69 -17.38 -23.53
C GLU E 145 -25.16 -18.75 -23.03
N THR E 146 -26.36 -18.80 -22.46
CA THR E 146 -27.02 -20.06 -22.12
C THR E 146 -28.39 -20.07 -22.78
N ASN E 147 -28.98 -21.26 -22.83
CA ASN E 147 -30.22 -21.46 -23.57
C ASN E 147 -31.45 -21.04 -22.78
N ASN E 148 -31.49 -19.78 -22.32
CA ASN E 148 -32.63 -19.22 -21.60
C ASN E 148 -32.96 -20.02 -20.34
N THR E 149 -31.96 -20.66 -19.74
CA THR E 149 -32.17 -21.40 -18.52
C THR E 149 -32.21 -20.44 -17.33
N SER E 150 -32.46 -20.99 -16.14
CA SER E 150 -32.42 -20.23 -14.91
C SER E 150 -31.01 -20.15 -14.32
N GLU E 151 -30.05 -19.72 -15.11
CA GLU E 151 -28.67 -19.49 -14.67
C GLU E 151 -28.38 -18.00 -14.74
N TYR E 152 -27.88 -17.44 -13.65
CA TYR E 152 -27.70 -16.00 -13.52
C TYR E 152 -26.33 -15.73 -12.93
N ARG E 153 -25.90 -14.46 -13.04
CA ARG E 153 -24.64 -14.01 -12.47
C ARG E 153 -24.84 -12.63 -11.90
N LEU E 154 -23.90 -12.20 -11.06
CA LEU E 154 -23.96 -10.84 -10.53
C LEU E 154 -23.71 -9.84 -11.64
N ILE E 155 -24.10 -8.60 -11.38
CA ILE E 155 -24.07 -7.57 -12.41
C ILE E 155 -22.63 -7.26 -12.81
N ASN E 156 -21.73 -7.22 -11.84
CA ASN E 156 -20.42 -6.62 -12.06
C ASN E 156 -19.31 -7.58 -12.47
N CYS E 157 -19.58 -8.88 -12.64
CA CYS E 157 -18.49 -9.78 -13.03
C CYS E 157 -17.82 -9.40 -14.34
N ASN E 158 -18.56 -8.84 -15.28
CA ASN E 158 -17.95 -8.54 -16.56
C ASN E 158 -17.26 -7.18 -16.58
N THR E 159 -17.16 -6.48 -15.44
CA THR E 159 -16.49 -5.18 -15.40
C THR E 159 -15.52 -4.99 -14.24
N SER E 160 -15.79 -5.57 -13.07
CA SER E 160 -14.93 -5.35 -11.92
C SER E 160 -15.37 -6.25 -10.76
N ALA E 161 -14.56 -6.24 -9.69
CA ALA E 161 -14.84 -7.02 -8.48
C ALA E 161 -15.21 -6.05 -7.37
N CYS E 162 -16.40 -6.21 -6.81
CA CYS E 162 -16.91 -5.27 -5.82
C CYS E 162 -16.57 -5.71 -4.40
N THR E 163 -16.10 -4.76 -3.60
CA THR E 163 -15.80 -5.01 -2.20
C THR E 163 -17.04 -4.79 -1.35
N GLN E 164 -17.30 -5.69 -0.42
CA GLN E 164 -18.42 -5.48 0.49
C GLN E 164 -18.12 -4.29 1.39
N ALA E 165 -19.15 -3.52 1.69
CA ALA E 165 -19.01 -2.40 2.61
C ALA E 165 -18.65 -2.95 3.98
N CYS E 166 -17.63 -2.39 4.61
CA CYS E 166 -17.19 -2.85 5.91
C CYS E 166 -18.34 -2.62 6.89
N PRO E 167 -19.07 -3.64 7.37
CA PRO E 167 -20.34 -3.37 8.07
C PRO E 167 -20.19 -2.57 9.35
N LYS E 168 -19.00 -2.55 9.95
CA LYS E 168 -18.75 -1.65 11.07
C LYS E 168 -18.79 -0.19 10.62
N VAL E 169 -18.35 0.09 9.39
CA VAL E 169 -18.34 1.46 8.88
C VAL E 169 -19.77 1.93 8.67
N THR E 170 -20.02 3.19 9.01
CA THR E 170 -21.34 3.80 8.94
C THR E 170 -21.33 4.92 7.92
N PHE E 171 -22.32 4.93 7.03
CA PHE E 171 -22.53 6.02 6.09
C PHE E 171 -23.53 6.99 6.71
N GLU E 172 -23.06 8.20 7.07
CA GLU E 172 -23.95 9.22 7.57
C GLU E 172 -23.35 10.58 7.25
N PRO E 173 -24.16 11.62 6.97
CA PRO E 173 -23.56 12.94 6.74
C PRO E 173 -23.22 13.69 8.04
N ILE E 174 -22.18 13.23 8.71
CA ILE E 174 -21.67 13.98 9.87
C ILE E 174 -21.07 15.30 9.36
N PRO E 175 -21.40 16.46 9.95
CA PRO E 175 -20.99 17.73 9.32
C PRO E 175 -19.48 17.91 9.28
N ILE E 176 -19.03 18.59 8.22
CA ILE E 176 -17.62 18.80 7.94
C ILE E 176 -17.38 20.30 7.84
N HIS E 177 -16.39 20.79 8.59
CA HIS E 177 -15.95 22.18 8.51
C HIS E 177 -14.64 22.22 7.74
N TYR E 178 -14.60 23.01 6.68
CA TYR E 178 -13.39 23.19 5.89
C TYR E 178 -12.66 24.44 6.38
N CYS E 179 -11.34 24.32 6.51
CA CYS E 179 -10.51 25.34 7.12
C CYS E 179 -9.38 25.68 6.16
N ALA E 180 -8.94 26.97 6.19
CA ALA E 180 -7.79 27.40 5.40
C ALA E 180 -6.52 27.35 6.25
N PRO E 181 -5.35 27.03 5.69
CA PRO E 181 -4.15 27.02 6.52
C PRO E 181 -3.78 28.42 6.98
N ALA E 182 -2.73 28.51 7.79
CA ALA E 182 -2.24 29.81 8.21
C ALA E 182 -1.72 30.57 6.99
N GLY E 183 -1.92 31.88 7.01
CA GLY E 183 -1.56 32.72 5.89
C GLY E 183 -2.66 32.90 4.86
N TYR E 184 -3.75 32.15 4.96
CA TYR E 184 -4.93 32.31 4.13
C TYR E 184 -6.13 32.56 5.04
N ALA E 185 -7.21 33.08 4.45
CA ALA E 185 -8.42 33.38 5.17
C ALA E 185 -9.62 32.96 4.33
N ILE E 186 -10.70 32.58 5.01
CA ILE E 186 -11.95 32.21 4.35
C ILE E 186 -12.91 33.38 4.48
N LEU E 187 -13.31 33.95 3.35
CA LEU E 187 -14.31 34.99 3.30
C LEU E 187 -15.66 34.37 2.93
N LYS E 188 -16.74 34.96 3.45
CA LYS E 188 -18.09 34.50 3.12
C LYS E 188 -19.00 35.71 2.96
N CYS E 189 -20.03 35.53 2.14
CA CYS E 189 -21.00 36.58 1.93
C CYS E 189 -21.98 36.67 3.10
N ASN E 190 -22.69 37.78 3.17
CA ASN E 190 -23.87 37.91 4.02
C ASN E 190 -25.05 38.54 3.28
N ASP E 191 -24.89 38.92 2.02
CA ASP E 191 -25.99 39.54 1.28
C ASP E 191 -27.07 38.51 0.99
N GLU E 192 -28.32 38.97 1.00
CA GLU E 192 -29.47 38.10 0.79
C GLU E 192 -29.82 38.04 -0.69
N THR E 193 -30.27 36.86 -1.12
CA THR E 193 -30.61 36.63 -2.52
C THR E 193 -29.39 36.85 -3.42
N PHE E 194 -28.31 36.16 -3.12
CA PHE E 194 -27.08 36.30 -3.89
C PHE E 194 -27.21 35.53 -5.21
N ASN E 195 -26.83 36.19 -6.31
CA ASN E 195 -26.95 35.57 -7.62
C ASN E 195 -26.10 34.31 -7.76
N GLY E 196 -25.03 34.20 -6.97
CA GLY E 196 -23.98 33.22 -7.19
C GLY E 196 -22.72 33.81 -7.82
N THR E 197 -22.83 34.98 -8.44
CA THR E 197 -21.68 35.73 -8.92
C THR E 197 -21.94 37.21 -8.68
N GLY E 198 -20.85 37.98 -8.66
CA GLY E 198 -20.93 39.41 -8.44
C GLY E 198 -20.62 39.80 -7.01
N PRO E 199 -20.62 41.10 -6.74
CA PRO E 199 -20.16 41.58 -5.43
C PRO E 199 -21.11 41.24 -4.31
N CYS E 200 -20.56 41.15 -3.10
CA CYS E 200 -21.32 41.05 -1.87
C CYS E 200 -21.00 42.27 -1.01
N SER E 201 -22.03 43.06 -0.71
CA SER E 201 -21.84 44.31 0.02
C SER E 201 -21.62 44.10 1.52
N ASN E 202 -21.77 42.86 2.02
CA ASN E 202 -21.60 42.55 3.42
C ASN E 202 -20.82 41.24 3.52
N VAL E 203 -19.53 41.34 3.84
CA VAL E 203 -18.61 40.20 3.77
C VAL E 203 -18.02 39.99 5.16
N SER E 204 -17.64 38.74 5.45
CA SER E 204 -17.15 38.35 6.75
C SER E 204 -16.01 37.34 6.62
N THR E 205 -15.04 37.43 7.52
CA THR E 205 -14.07 36.37 7.69
C THR E 205 -14.62 35.33 8.67
N VAL E 206 -14.13 34.10 8.52
CA VAL E 206 -14.47 33.01 9.43
C VAL E 206 -13.25 32.11 9.55
N GLN E 207 -13.10 31.55 10.75
CA GLN E 207 -12.03 30.57 10.96
C GLN E 207 -12.21 29.37 10.04
N CYS E 208 -13.42 28.82 9.97
CA CYS E 208 -13.71 27.64 9.17
C CYS E 208 -15.16 27.70 8.71
N THR E 209 -15.47 26.88 7.70
CA THR E 209 -16.82 26.87 7.14
C THR E 209 -17.82 26.31 8.16
N HIS E 210 -19.09 26.64 7.96
CA HIS E 210 -20.14 26.38 8.94
C HIS E 210 -20.92 25.11 8.56
N GLY E 211 -20.44 23.96 9.02
CA GLY E 211 -21.23 22.75 9.09
C GLY E 211 -21.74 22.19 7.78
N ILE E 212 -20.85 21.99 6.80
CA ILE E 212 -21.26 21.38 5.54
C ILE E 212 -21.52 19.89 5.76
N ARG E 213 -22.63 19.38 5.18
CA ARG E 213 -23.00 17.96 5.25
C ARG E 213 -22.62 17.28 3.94
N PRO E 214 -21.89 16.11 3.93
CA PRO E 214 -21.55 15.45 2.67
C PRO E 214 -22.65 14.52 2.15
N VAL E 215 -23.88 15.03 2.10
CA VAL E 215 -24.98 14.27 1.51
C VAL E 215 -24.74 14.09 0.01
N VAL E 216 -25.10 12.93 -0.51
CA VAL E 216 -25.09 12.69 -1.94
C VAL E 216 -26.43 12.06 -2.35
N SER E 217 -27.05 12.63 -3.38
CA SER E 217 -28.35 12.21 -3.87
C SER E 217 -28.47 12.69 -5.31
N THR E 218 -29.67 12.71 -5.85
CA THR E 218 -29.89 13.25 -7.18
C THR E 218 -31.34 13.66 -7.31
N GLN E 219 -31.56 14.79 -7.98
CA GLN E 219 -32.86 15.39 -8.27
C GLN E 219 -33.53 16.05 -7.08
N LEU E 220 -32.98 15.91 -5.89
CA LEU E 220 -33.45 16.62 -4.71
C LEU E 220 -32.33 16.65 -3.68
N LEU E 221 -31.77 17.82 -3.43
CA LEU E 221 -30.89 17.94 -2.29
C LEU E 221 -31.71 17.79 -1.03
N LEU E 222 -31.05 17.43 0.07
CA LEU E 222 -31.78 17.15 1.29
C LEU E 222 -30.85 17.29 2.50
N ASN E 223 -31.47 17.56 3.64
CA ASN E 223 -30.78 17.82 4.91
C ASN E 223 -29.81 19.00 4.82
N GLY E 224 -29.96 19.85 3.82
CA GLY E 224 -29.07 20.99 3.67
C GLY E 224 -29.58 22.21 4.42
N SER E 225 -28.74 23.24 4.43
CA SER E 225 -29.13 24.52 4.99
C SER E 225 -30.08 25.23 4.03
N LEU E 226 -30.83 26.20 4.57
CA LEU E 226 -31.92 26.86 3.86
C LEU E 226 -31.59 28.33 3.64
N ALA E 227 -32.26 28.91 2.64
CA ALA E 227 -32.11 30.33 2.38
C ALA E 227 -32.73 31.14 3.50
N GLU E 228 -32.55 32.46 3.43
CA GLU E 228 -32.89 33.37 4.53
C GLU E 228 -34.15 34.18 4.27
N LYS E 229 -34.29 34.78 3.09
CA LYS E 229 -35.40 35.69 2.78
C LYS E 229 -36.42 35.11 1.81
N GLU E 230 -35.98 34.43 0.75
CA GLU E 230 -36.90 33.95 -0.27
C GLU E 230 -36.19 32.85 -1.03
N ILE E 231 -36.98 32.05 -1.76
CA ILE E 231 -36.43 31.05 -2.66
C ILE E 231 -35.45 31.72 -3.62
N VAL E 232 -34.28 31.14 -3.78
CA VAL E 232 -33.22 31.66 -4.63
C VAL E 232 -32.96 30.65 -5.74
N ILE E 233 -33.02 31.12 -6.98
CA ILE E 233 -32.79 30.30 -8.15
C ILE E 233 -31.44 30.70 -8.74
N ARG E 234 -30.66 29.71 -9.15
CA ARG E 234 -29.22 29.88 -9.23
C ARG E 234 -28.68 29.01 -10.35
N SER E 235 -28.13 29.63 -11.39
CA SER E 235 -27.59 28.89 -12.52
C SER E 235 -26.48 29.72 -13.17
N GLU E 236 -25.54 29.02 -13.79
CA GLU E 236 -24.42 29.69 -14.44
C GLU E 236 -24.88 30.58 -15.58
N ASN E 237 -25.78 30.08 -16.43
CA ASN E 237 -26.29 30.86 -17.55
C ASN E 237 -27.69 30.32 -17.87
N LEU E 238 -28.71 31.03 -17.41
CA LEU E 238 -30.08 30.56 -17.56
C LEU E 238 -30.47 30.45 -19.04
N THR E 239 -29.87 31.27 -19.90
CA THR E 239 -30.15 31.19 -21.33
C THR E 239 -29.56 29.95 -21.98
N ASN E 240 -28.70 29.21 -21.28
CA ASN E 240 -28.16 27.94 -21.77
C ASN E 240 -28.91 26.81 -21.08
N ASN E 241 -29.45 25.89 -21.88
CA ASN E 241 -30.29 24.84 -21.33
C ASN E 241 -29.50 23.72 -20.67
N ALA E 242 -28.17 23.70 -20.82
CA ALA E 242 -27.38 22.59 -20.30
C ALA E 242 -26.99 22.77 -18.83
N LYS E 243 -27.31 23.92 -18.22
CA LYS E 243 -26.88 24.19 -16.86
C LYS E 243 -27.89 23.66 -15.84
N ILE E 244 -27.38 23.08 -14.76
CA ILE E 244 -28.21 22.52 -13.70
C ILE E 244 -28.70 23.65 -12.82
N ILE E 245 -29.99 23.99 -12.92
CA ILE E 245 -30.55 25.14 -12.22
C ILE E 245 -30.76 24.77 -10.76
N ILE E 246 -29.86 25.20 -9.88
CA ILE E 246 -30.03 24.98 -8.46
C ILE E 246 -31.17 25.87 -7.96
N VAL E 247 -32.11 25.27 -7.22
CA VAL E 247 -33.26 26.02 -6.70
C VAL E 247 -33.28 25.92 -5.19
N HIS E 248 -32.62 26.87 -4.54
CA HIS E 248 -32.50 26.84 -3.08
C HIS E 248 -33.81 27.30 -2.45
N LEU E 249 -34.38 26.47 -1.58
CA LEU E 249 -35.65 26.81 -0.95
C LEU E 249 -35.45 27.59 0.34
N HIS E 250 -36.51 28.30 0.74
CA HIS E 250 -36.53 29.00 2.02
C HIS E 250 -37.17 28.13 3.10
N THR E 251 -38.27 27.43 2.75
CA THR E 251 -39.02 26.58 3.69
C THR E 251 -38.72 25.11 3.39
N PRO E 252 -38.55 24.25 4.40
CA PRO E 252 -38.30 22.83 4.11
C PRO E 252 -39.59 22.03 3.99
N VAL E 253 -39.58 21.11 3.04
CA VAL E 253 -40.64 20.11 2.88
C VAL E 253 -40.17 18.83 3.55
N GLU E 254 -41.09 18.11 4.18
CA GLU E 254 -40.78 16.87 4.88
C GLU E 254 -40.99 15.69 3.95
N ILE E 255 -40.01 14.79 3.89
CA ILE E 255 -40.11 13.54 3.12
C ILE E 255 -39.89 12.38 4.07
N VAL E 256 -40.76 11.37 3.99
CA VAL E 256 -40.72 10.20 4.86
C VAL E 256 -40.60 8.97 3.97
N CYS E 257 -39.50 8.23 4.12
CA CYS E 257 -39.19 7.06 3.32
C CYS E 257 -39.05 5.84 4.21
N THR E 258 -39.43 4.67 3.68
CA THR E 258 -39.47 3.47 4.49
C THR E 258 -39.38 2.23 3.60
N ARG E 259 -39.03 1.12 4.23
CA ARG E 259 -39.00 -0.20 3.59
C ARG E 259 -39.73 -1.17 4.51
N PRO E 260 -41.03 -1.40 4.36
CA PRO E 260 -41.80 -2.00 5.46
C PRO E 260 -41.58 -3.47 5.78
N ASN E 261 -40.92 -4.27 4.95
CA ASN E 261 -40.84 -5.71 5.21
C ASN E 261 -39.66 -6.04 6.11
N ASN E 262 -39.83 -7.13 6.87
CA ASN E 262 -38.94 -7.47 7.98
C ASN E 262 -37.85 -8.43 7.50
N ASN E 263 -36.89 -7.87 6.76
CA ASN E 263 -35.79 -8.68 6.24
C ASN E 263 -34.98 -9.27 7.38
N THR E 264 -34.30 -10.38 7.08
CA THR E 264 -33.33 -11.00 7.97
C THR E 264 -31.97 -11.00 7.30
N ARG E 265 -30.93 -11.20 8.09
CA ARG E 265 -29.56 -11.10 7.64
C ARG E 265 -28.81 -12.38 8.01
N LYS E 266 -28.21 -13.03 7.03
CA LYS E 266 -27.46 -14.26 7.23
C LYS E 266 -26.06 -14.12 6.66
N SER E 267 -25.10 -14.75 7.33
CA SER E 267 -23.69 -14.64 7.00
C SER E 267 -23.22 -15.91 6.32
N VAL E 268 -22.47 -15.75 5.23
CA VAL E 268 -21.92 -16.86 4.45
C VAL E 268 -20.42 -16.87 4.64
N ARG E 269 -19.90 -17.95 5.25
CA ARG E 269 -18.47 -18.06 5.47
C ARG E 269 -17.77 -18.35 4.14
N ILE E 270 -16.71 -17.60 3.86
CA ILE E 270 -15.88 -17.79 2.69
C ILE E 270 -14.43 -17.68 3.11
N GLY E 271 -13.58 -18.54 2.56
CA GLY E 271 -12.14 -18.41 2.71
C GLY E 271 -11.68 -18.38 4.15
N PRO E 272 -10.45 -17.92 4.38
CA PRO E 272 -9.95 -17.80 5.76
C PRO E 272 -10.49 -16.56 6.48
N GLY E 273 -11.68 -16.72 7.06
CA GLY E 273 -12.23 -15.70 7.94
C GLY E 273 -13.05 -14.61 7.28
N GLN E 274 -13.30 -14.69 5.97
CA GLN E 274 -14.17 -13.74 5.31
C GLN E 274 -15.63 -14.14 5.54
N THR E 275 -16.51 -13.14 5.61
CA THR E 275 -17.94 -13.36 5.73
C THR E 275 -18.66 -12.45 4.75
N PHE E 276 -19.75 -12.96 4.18
CA PHE E 276 -20.53 -12.26 3.18
C PHE E 276 -21.98 -12.23 3.64
N TYR E 277 -22.46 -11.06 4.04
CA TYR E 277 -23.79 -10.91 4.61
C TYR E 277 -24.80 -10.70 3.49
N ALA E 278 -25.85 -11.51 3.49
CA ALA E 278 -26.90 -11.40 2.48
C ALA E 278 -28.23 -11.77 3.12
N THR E 279 -29.31 -11.32 2.48
CA THR E 279 -30.64 -11.58 2.99
C THR E 279 -30.92 -13.07 2.98
N GLY E 280 -31.60 -13.55 4.02
CA GLY E 280 -31.93 -14.95 4.15
C GLY E 280 -33.40 -15.24 3.96
N ASP E 281 -34.26 -14.35 4.46
CA ASP E 281 -35.70 -14.57 4.44
C ASP E 281 -36.37 -13.24 4.75
N ILE E 282 -37.66 -13.17 4.45
CA ILE E 282 -38.49 -11.99 4.74
C ILE E 282 -39.61 -12.47 5.65
N ILE E 283 -39.39 -12.39 6.96
CA ILE E 283 -40.31 -13.02 7.91
C ILE E 283 -41.45 -12.06 8.22
N GLY E 284 -42.50 -12.13 7.40
CA GLY E 284 -43.63 -11.24 7.51
C GLY E 284 -44.49 -11.33 6.26
N ASP E 285 -44.80 -10.19 5.67
CA ASP E 285 -45.49 -10.08 4.40
C ASP E 285 -44.62 -9.27 3.44
N ILE E 286 -45.19 -8.92 2.28
CA ILE E 286 -44.45 -8.27 1.20
C ILE E 286 -44.77 -6.78 1.18
N LYS E 287 -43.92 -6.00 0.52
CA LYS E 287 -43.70 -4.60 0.81
C LYS E 287 -44.03 -3.72 -0.38
N GLN E 288 -44.01 -2.42 -0.13
CA GLN E 288 -43.61 -1.43 -1.11
C GLN E 288 -42.66 -0.46 -0.43
N ALA E 289 -41.44 -0.38 -0.94
CA ALA E 289 -40.50 0.64 -0.49
C ALA E 289 -40.92 1.96 -1.11
N HIS E 290 -41.48 2.85 -0.29
CA HIS E 290 -42.14 4.06 -0.78
C HIS E 290 -41.64 5.26 -0.02
N CYS E 291 -41.91 6.44 -0.57
CA CYS E 291 -41.59 7.71 0.04
C CYS E 291 -42.81 8.63 -0.03
N ASN E 292 -43.03 9.41 1.02
CA ASN E 292 -44.24 10.20 1.17
C ASN E 292 -43.90 11.68 1.28
N ILE E 293 -44.64 12.50 0.55
CA ILE E 293 -44.54 13.96 0.60
C ILE E 293 -45.96 14.51 0.72
N SER E 294 -46.12 15.60 1.46
CA SER E 294 -47.43 16.24 1.55
C SER E 294 -47.79 16.86 0.20
N GLU E 295 -49.04 16.74 -0.20
CA GLU E 295 -49.45 17.31 -1.48
C GLU E 295 -49.64 18.83 -1.35
N GLU E 296 -50.17 19.29 -0.22
CA GLU E 296 -50.40 20.72 -0.04
C GLU E 296 -49.07 21.48 0.00
N LYS E 297 -48.12 20.98 0.81
CA LYS E 297 -46.84 21.66 0.91
C LYS E 297 -46.05 21.58 -0.38
N TRP E 298 -46.17 20.48 -1.12
CA TRP E 298 -45.49 20.42 -2.40
C TRP E 298 -46.12 21.36 -3.41
N ASN E 299 -47.44 21.50 -3.41
CA ASN E 299 -48.07 22.48 -4.27
C ASN E 299 -47.62 23.89 -3.92
N ASP E 300 -47.54 24.21 -2.63
CA ASP E 300 -47.05 25.52 -2.23
C ASP E 300 -45.62 25.74 -2.68
N THR E 301 -44.76 24.73 -2.51
CA THR E 301 -43.36 24.90 -2.87
C THR E 301 -43.18 25.07 -4.37
N LEU E 302 -43.90 24.30 -5.18
CA LEU E 302 -43.80 24.50 -6.62
C LEU E 302 -44.48 25.78 -7.09
N GLN E 303 -45.53 26.24 -6.39
CA GLN E 303 -46.10 27.54 -6.71
C GLN E 303 -45.07 28.65 -6.47
N LYS E 304 -44.38 28.59 -5.33
CA LYS E 304 -43.42 29.63 -5.01
C LYS E 304 -42.20 29.55 -5.93
N VAL E 305 -41.76 28.35 -6.28
CA VAL E 305 -40.69 28.22 -7.26
C VAL E 305 -41.14 28.78 -8.60
N GLY E 306 -42.40 28.56 -8.96
CA GLY E 306 -42.91 29.13 -10.20
C GLY E 306 -42.89 30.63 -10.19
N ILE E 307 -43.29 31.23 -9.06
CA ILE E 307 -43.25 32.70 -8.94
C ILE E 307 -41.83 33.19 -9.08
N GLU E 308 -40.90 32.60 -8.33
CA GLU E 308 -39.51 33.02 -8.40
C GLU E 308 -38.88 32.70 -9.75
N LEU E 309 -39.26 31.59 -10.36
CA LEU E 309 -38.71 31.21 -11.66
C LEU E 309 -39.35 31.98 -12.80
N GLN E 310 -40.52 32.59 -12.58
CA GLN E 310 -41.16 33.39 -13.62
C GLN E 310 -40.54 34.77 -13.76
N LYS E 311 -39.81 35.25 -12.75
CA LYS E 311 -39.13 36.54 -12.87
C LYS E 311 -38.08 36.51 -13.96
N HIS E 312 -37.28 35.44 -14.03
CA HIS E 312 -36.27 35.32 -15.07
C HIS E 312 -36.87 34.90 -16.41
N PHE E 313 -38.12 34.41 -16.41
CA PHE E 313 -38.83 33.99 -17.62
C PHE E 313 -40.19 34.67 -17.63
N PRO E 314 -40.23 35.99 -17.84
CA PRO E 314 -41.47 36.73 -17.66
C PRO E 314 -42.50 36.42 -18.74
N ASN E 315 -43.76 36.68 -18.41
CA ASN E 315 -44.89 36.47 -19.31
C ASN E 315 -44.98 35.02 -19.78
N LYS E 316 -44.84 34.07 -18.85
CA LYS E 316 -44.88 32.65 -19.17
C LYS E 316 -45.50 31.86 -18.03
N THR E 317 -46.38 30.92 -18.40
CA THR E 317 -46.72 29.80 -17.54
C THR E 317 -45.49 28.93 -17.36
N ILE E 318 -45.45 28.18 -16.26
CA ILE E 318 -44.30 27.31 -15.95
C ILE E 318 -44.80 25.88 -15.85
N LYS E 319 -44.10 24.98 -16.53
CA LYS E 319 -44.48 23.59 -16.68
C LYS E 319 -43.37 22.68 -16.17
N TYR E 320 -43.74 21.69 -15.37
CA TYR E 320 -42.83 20.65 -14.90
C TYR E 320 -43.19 19.35 -15.60
N ASN E 321 -42.22 18.45 -15.70
CA ASN E 321 -42.40 17.21 -16.47
C ASN E 321 -41.61 16.08 -15.81
N GLN E 322 -41.73 14.90 -16.38
CA GLN E 322 -41.00 13.74 -15.88
C GLN E 322 -39.53 13.84 -16.29
N SER E 323 -38.71 12.94 -15.73
CA SER E 323 -37.31 12.89 -16.09
C SER E 323 -37.14 12.40 -17.53
N ALA E 324 -35.89 12.37 -17.98
CA ALA E 324 -35.58 12.16 -19.39
C ALA E 324 -35.58 10.70 -19.82
N GLY E 325 -35.53 9.76 -18.90
CA GLY E 325 -35.47 8.34 -19.26
C GLY E 325 -34.05 7.82 -19.36
N GLY E 326 -33.87 6.57 -18.94
CA GLY E 326 -32.58 5.91 -18.88
C GLY E 326 -32.51 4.97 -17.69
N ASP E 327 -31.29 4.74 -17.22
CA ASP E 327 -31.08 3.81 -16.11
C ASP E 327 -31.70 4.36 -14.82
N MET E 328 -31.68 3.53 -13.79
CA MET E 328 -32.23 3.95 -12.50
C MET E 328 -31.41 5.09 -11.89
N GLU E 329 -30.08 5.02 -12.00
CA GLU E 329 -29.24 6.06 -11.43
C GLU E 329 -29.48 7.41 -12.07
N ILE E 330 -29.86 7.42 -13.36
CA ILE E 330 -30.00 8.67 -14.09
C ILE E 330 -31.37 9.29 -13.85
N THR E 331 -32.41 8.46 -13.85
CA THR E 331 -33.78 8.96 -13.85
C THR E 331 -34.40 9.05 -12.45
N THR E 332 -33.87 8.32 -11.48
CA THR E 332 -34.53 8.12 -10.20
C THR E 332 -33.78 8.82 -9.08
N HIS E 333 -34.52 9.15 -8.03
CA HIS E 333 -34.01 9.87 -6.87
C HIS E 333 -33.32 8.89 -5.92
N SER E 334 -32.05 9.15 -5.60
CA SER E 334 -31.22 8.23 -4.83
C SER E 334 -31.07 8.66 -3.38
N PHE E 335 -30.83 7.69 -2.51
CA PHE E 335 -30.65 7.89 -1.08
C PHE E 335 -29.50 7.00 -0.61
N ASN E 336 -29.22 7.06 0.69
CA ASN E 336 -28.67 5.94 1.43
C ASN E 336 -29.30 5.87 2.81
N CYS E 337 -30.63 6.02 2.88
CA CYS E 337 -31.31 5.95 4.18
C CYS E 337 -31.08 4.64 4.89
N GLY E 338 -30.59 4.74 6.12
CA GLY E 338 -30.38 3.57 6.96
C GLY E 338 -29.42 2.55 6.40
N GLY E 339 -28.58 2.92 5.45
CA GLY E 339 -27.68 2.00 4.80
C GLY E 339 -28.21 1.32 3.56
N GLU E 340 -29.49 1.50 3.23
CA GLU E 340 -30.09 0.94 2.02
C GLU E 340 -30.21 2.01 0.95
N PHE E 341 -29.78 1.67 -0.27
CA PHE E 341 -29.70 2.63 -1.37
C PHE E 341 -30.99 2.58 -2.20
N PHE E 342 -31.93 3.44 -1.83
CA PHE E 342 -33.18 3.51 -2.56
C PHE E 342 -32.96 4.10 -3.95
N TYR E 343 -33.98 3.96 -4.81
CA TYR E 343 -34.01 4.61 -6.13
C TYR E 343 -35.47 4.92 -6.46
N CYS E 344 -35.91 6.13 -6.13
CA CYS E 344 -37.33 6.45 -6.18
C CYS E 344 -37.72 7.09 -7.50
N ASN E 345 -38.89 6.71 -8.00
CA ASN E 345 -39.40 7.27 -9.24
C ASN E 345 -40.06 8.62 -8.96
N THR E 346 -39.46 9.71 -9.43
CA THR E 346 -39.92 11.06 -9.13
C THR E 346 -41.18 11.46 -9.87
N SER E 347 -41.56 10.75 -10.93
CA SER E 347 -42.93 10.89 -11.44
C SER E 347 -43.86 10.20 -10.46
N ASN E 348 -44.96 10.85 -10.06
CA ASN E 348 -45.59 12.10 -10.48
C ASN E 348 -45.35 13.22 -9.48
N LEU E 349 -44.15 13.31 -8.92
CA LEU E 349 -43.83 14.43 -8.05
C LEU E 349 -43.72 15.71 -8.86
N PHE E 350 -42.98 15.67 -9.97
CA PHE E 350 -42.83 16.80 -10.88
C PHE E 350 -43.75 16.57 -12.07
N ASN E 351 -45.01 16.95 -11.88
CA ASN E 351 -46.03 16.77 -12.90
C ASN E 351 -47.02 17.92 -12.83
N GLY E 352 -47.57 18.26 -13.99
CA GLY E 352 -48.51 19.35 -14.09
C GLY E 352 -47.82 20.68 -14.31
N THR E 353 -48.60 21.62 -14.87
CA THR E 353 -48.15 22.97 -15.16
C THR E 353 -49.03 23.95 -14.41
N TYR E 354 -48.40 24.92 -13.74
CA TYR E 354 -49.07 25.85 -12.85
C TYR E 354 -49.21 27.20 -13.54
N ASN E 355 -50.44 27.70 -13.58
CA ASN E 355 -50.78 28.87 -14.40
C ASN E 355 -49.97 30.09 -13.98
N GLY E 356 -49.68 30.96 -14.95
CA GLY E 356 -48.87 32.14 -14.69
C GLY E 356 -49.43 33.03 -13.59
N THR E 357 -50.74 33.06 -13.41
CA THR E 357 -51.32 33.83 -12.33
C THR E 357 -50.97 33.27 -10.95
N TYR E 358 -50.80 31.95 -10.85
CA TYR E 358 -50.42 31.29 -9.60
C TYR E 358 -51.44 31.60 -8.50
N ILE E 359 -52.66 31.10 -8.70
CA ILE E 359 -53.70 31.25 -7.68
C ILE E 359 -53.31 30.38 -6.50
N SER E 360 -52.84 31.01 -5.43
CA SER E 360 -52.30 30.29 -4.27
C SER E 360 -53.43 29.90 -3.32
N THR E 361 -54.19 28.89 -3.74
CA THR E 361 -55.32 28.40 -2.95
C THR E 361 -54.78 27.57 -1.78
N ASN E 362 -54.93 28.10 -0.57
CA ASN E 362 -54.60 27.38 0.65
C ASN E 362 -55.31 28.07 1.80
N SER E 363 -55.74 27.28 2.78
CA SER E 363 -56.56 27.80 3.86
C SER E 363 -56.45 26.86 5.05
N SER E 364 -57.30 27.07 6.04
CA SER E 364 -57.37 26.24 7.24
C SER E 364 -58.20 24.98 7.06
N ALA E 365 -58.48 24.54 5.83
CA ALA E 365 -59.28 23.35 5.63
C ALA E 365 -58.52 22.11 6.08
N ASN E 366 -59.25 20.99 6.18
CA ASN E 366 -58.69 19.74 6.68
C ASN E 366 -57.94 18.99 5.58
N SER E 367 -56.88 19.60 5.06
CA SER E 367 -56.09 18.95 4.02
C SER E 367 -55.19 17.88 4.62
N THR E 368 -55.22 16.67 4.02
CA THR E 368 -54.42 15.55 4.49
C THR E 368 -53.82 14.72 3.36
N SER E 369 -53.97 15.12 2.10
CA SER E 369 -53.49 14.30 0.99
C SER E 369 -51.97 14.23 0.99
N THR E 370 -51.45 13.07 0.59
CA THR E 370 -50.02 12.85 0.43
C THR E 370 -49.75 12.17 -0.90
N ILE E 371 -48.60 12.49 -1.49
CA ILE E 371 -48.16 11.89 -2.74
C ILE E 371 -47.11 10.84 -2.39
N THR E 372 -47.34 9.61 -2.83
CA THR E 372 -46.54 8.45 -2.44
C THR E 372 -45.71 7.99 -3.65
N LEU E 373 -44.40 8.18 -3.55
CA LEU E 373 -43.47 7.64 -4.53
C LEU E 373 -43.20 6.19 -4.20
N GLN E 374 -42.88 5.40 -5.22
CA GLN E 374 -42.54 3.99 -5.04
C GLN E 374 -41.13 3.74 -5.54
N CYS E 375 -40.35 3.02 -4.73
CA CYS E 375 -38.90 3.03 -4.83
C CYS E 375 -38.37 1.62 -5.00
N ARG E 376 -37.37 1.45 -5.86
CA ARG E 376 -36.60 0.22 -5.95
C ARG E 376 -35.38 0.32 -5.03
N ILE E 377 -34.70 -0.80 -4.85
CA ILE E 377 -33.49 -0.87 -4.02
C ILE E 377 -32.46 -1.70 -4.76
N LYS E 378 -31.19 -1.35 -4.56
CA LYS E 378 -30.06 -2.13 -5.04
C LYS E 378 -29.16 -2.46 -3.85
N GLN E 379 -28.20 -3.35 -4.10
CA GLN E 379 -27.09 -3.60 -3.19
C GLN E 379 -25.73 -3.42 -3.85
N ILE E 380 -25.57 -3.86 -5.09
CA ILE E 380 -24.30 -3.75 -5.81
C ILE E 380 -24.36 -2.45 -6.60
N ILE E 381 -23.75 -1.40 -6.05
CA ILE E 381 -23.87 -0.03 -6.57
C ILE E 381 -22.54 0.39 -7.18
N ASN E 382 -22.59 0.89 -8.41
CA ASN E 382 -21.45 1.53 -9.06
C ASN E 382 -21.56 3.03 -8.80
N MET E 383 -20.67 3.54 -7.95
CA MET E 383 -20.84 4.86 -7.34
C MET E 383 -20.23 5.94 -8.22
N TRP E 384 -20.99 7.01 -8.45
CA TRP E 384 -20.49 8.20 -9.15
C TRP E 384 -20.05 7.88 -10.57
N GLN E 385 -20.82 7.02 -11.24
CA GLN E 385 -20.61 6.65 -12.64
C GLN E 385 -19.23 6.08 -12.91
N GLY E 386 -18.57 5.52 -11.90
CA GLY E 386 -17.31 4.83 -12.07
C GLY E 386 -17.49 3.36 -11.71
N VAL E 387 -17.26 2.49 -12.70
CA VAL E 387 -17.50 1.07 -12.52
C VAL E 387 -16.39 0.39 -11.74
N GLY E 388 -15.17 0.93 -11.76
CA GLY E 388 -14.09 0.35 -11.00
C GLY E 388 -14.21 0.53 -9.50
N ARG E 389 -14.99 1.52 -9.05
CA ARG E 389 -15.17 1.82 -7.64
C ARG E 389 -16.47 1.25 -7.09
N CYS E 390 -16.91 0.10 -7.59
CA CYS E 390 -18.18 -0.48 -7.15
C CYS E 390 -18.04 -1.08 -5.76
N MET E 391 -19.19 -1.21 -5.09
CA MET E 391 -19.25 -1.81 -3.77
C MET E 391 -20.49 -2.69 -3.68
N TYR E 392 -20.68 -3.28 -2.51
CA TYR E 392 -21.86 -4.08 -2.18
C TYR E 392 -22.30 -3.69 -0.78
N ALA E 393 -23.44 -3.03 -0.67
CA ALA E 393 -23.91 -2.58 0.63
C ALA E 393 -24.62 -3.72 1.35
N PRO E 394 -24.13 -4.20 2.48
CA PRO E 394 -24.72 -5.40 3.08
C PRO E 394 -26.13 -5.12 3.56
N PRO E 395 -26.97 -6.14 3.66
CA PRO E 395 -28.37 -5.91 4.01
C PRO E 395 -28.52 -5.48 5.46
N ILE E 396 -29.62 -4.78 5.72
CA ILE E 396 -29.96 -4.29 7.05
C ILE E 396 -31.21 -5.02 7.51
N ALA E 397 -31.14 -5.66 8.68
CA ALA E 397 -32.29 -6.37 9.20
C ALA E 397 -33.36 -5.39 9.65
N GLY E 398 -34.60 -5.88 9.71
CA GLY E 398 -35.71 -5.06 10.13
C GLY E 398 -36.17 -4.12 9.03
N ASN E 399 -37.26 -3.41 9.32
CA ASN E 399 -37.76 -2.39 8.40
C ASN E 399 -37.13 -1.04 8.70
N ILE E 400 -37.12 -0.18 7.69
CA ILE E 400 -36.39 1.07 7.71
C ILE E 400 -37.39 2.22 7.72
N THR E 401 -37.02 3.33 8.36
CA THR E 401 -37.73 4.58 8.23
C THR E 401 -36.70 5.71 8.21
N CYS E 402 -37.03 6.79 7.50
CA CYS E 402 -36.05 7.83 7.20
C CYS E 402 -36.78 9.17 7.06
N ARG E 403 -36.86 9.91 8.15
CA ARG E 403 -37.34 11.28 8.09
C ARG E 403 -36.24 12.17 7.52
N SER E 404 -36.64 13.21 6.79
CA SER E 404 -35.66 14.06 6.12
C SER E 404 -36.29 15.38 5.71
N ASN E 405 -35.57 16.47 5.98
CA ASN E 405 -35.94 17.78 5.47
C ASN E 405 -35.42 17.93 4.06
N ILE E 406 -36.27 18.39 3.15
CA ILE E 406 -35.87 18.68 1.79
C ILE E 406 -36.47 20.05 1.46
N THR E 407 -35.94 20.73 0.45
CA THR E 407 -34.91 20.40 -0.53
C THR E 407 -34.14 21.63 -0.98
N GLY E 408 -33.34 21.39 -2.01
CA GLY E 408 -33.10 22.36 -3.05
C GLY E 408 -33.20 21.58 -4.34
N LEU E 409 -34.13 21.92 -5.23
CA LEU E 409 -34.30 21.13 -6.43
C LEU E 409 -33.06 21.25 -7.31
N LEU E 410 -32.87 20.26 -8.17
CA LEU E 410 -31.88 20.32 -9.25
C LEU E 410 -32.64 20.12 -10.56
N LEU E 411 -32.89 21.22 -11.26
CA LEU E 411 -33.74 21.21 -12.45
C LEU E 411 -32.91 21.43 -13.70
N THR E 412 -33.49 21.06 -14.83
CA THR E 412 -32.96 21.41 -16.14
C THR E 412 -34.11 21.87 -17.01
N ARG E 413 -33.87 22.93 -17.78
CA ARG E 413 -34.91 23.55 -18.58
C ARG E 413 -35.01 22.88 -19.93
N ASP E 414 -36.23 22.79 -20.45
CA ASP E 414 -36.48 22.15 -21.73
C ASP E 414 -37.68 22.80 -22.39
N GLY E 415 -37.76 22.67 -23.70
CA GLY E 415 -38.90 23.16 -24.45
C GLY E 415 -38.57 23.50 -25.89
N GLY E 416 -39.44 23.11 -26.81
CA GLY E 416 -39.25 23.44 -28.21
C GLY E 416 -39.63 24.87 -28.51
N THR E 417 -39.20 25.33 -29.70
CA THR E 417 -39.55 26.66 -30.15
C THR E 417 -41.05 26.85 -30.34
N ASN E 418 -41.79 25.76 -30.57
CA ASN E 418 -43.21 25.87 -30.85
C ASN E 418 -43.99 26.43 -29.68
N SER E 419 -43.60 26.14 -28.44
CA SER E 419 -44.45 26.53 -27.32
C SER E 419 -44.24 28.00 -26.96
N ASN E 420 -43.07 28.33 -26.40
CA ASN E 420 -42.63 29.71 -26.14
C ASN E 420 -43.55 30.55 -25.26
N GLU E 421 -44.63 29.97 -24.70
CA GLU E 421 -45.41 30.58 -23.65
C GLU E 421 -45.27 29.82 -22.33
N THR E 422 -44.84 28.56 -22.38
CA THR E 422 -44.50 27.81 -21.19
C THR E 422 -43.27 26.97 -21.49
N GLU E 423 -42.42 26.83 -20.48
CA GLU E 423 -41.15 26.13 -20.61
C GLU E 423 -41.13 24.94 -19.65
N THR E 424 -40.57 23.84 -20.11
CA THR E 424 -40.60 22.56 -19.41
C THR E 424 -39.35 22.43 -18.55
N PHE E 425 -39.55 22.25 -17.25
CA PHE E 425 -38.46 22.06 -16.29
C PHE E 425 -38.52 20.62 -15.78
N ARG E 426 -37.48 19.86 -16.06
CA ARG E 426 -37.34 18.47 -15.65
C ARG E 426 -36.37 18.35 -14.48
N PRO E 427 -36.52 17.35 -13.61
CA PRO E 427 -35.47 17.11 -12.62
C PRO E 427 -34.17 16.67 -13.29
N ALA E 428 -33.06 16.97 -12.62
CA ALA E 428 -31.74 16.67 -13.15
C ALA E 428 -30.83 16.32 -11.99
N GLY E 429 -29.71 15.71 -12.32
CA GLY E 429 -28.70 15.32 -11.34
C GLY E 429 -27.89 14.17 -11.90
N GLY E 430 -26.83 13.82 -11.17
CA GLY E 430 -25.95 12.75 -11.57
C GLY E 430 -24.49 13.03 -11.29
N ASP E 431 -24.11 14.31 -11.22
CA ASP E 431 -22.77 14.71 -10.86
C ASP E 431 -22.73 15.15 -9.41
N MET E 432 -21.66 14.79 -8.72
CA MET E 432 -21.57 15.03 -7.28
C MET E 432 -21.55 16.51 -6.97
N ARG E 433 -20.79 17.30 -7.74
CA ARG E 433 -20.38 18.63 -7.30
C ARG E 433 -21.57 19.53 -7.01
N ASP E 434 -22.65 19.38 -7.77
CA ASP E 434 -23.81 20.25 -7.62
C ASP E 434 -24.47 20.08 -6.26
N ASN E 435 -24.29 18.94 -5.60
CA ASN E 435 -24.88 18.74 -4.29
C ASN E 435 -24.19 19.54 -3.21
N TRP E 436 -22.86 19.72 -3.31
CA TRP E 436 -22.08 20.50 -2.37
C TRP E 436 -21.81 21.92 -2.83
N ARG E 437 -21.88 22.17 -4.14
CA ARG E 437 -21.75 23.53 -4.65
C ARG E 437 -22.86 24.43 -4.11
N SER E 438 -24.02 23.85 -3.78
CA SER E 438 -25.12 24.64 -3.25
C SER E 438 -24.93 25.03 -1.79
N GLU E 439 -23.90 24.53 -1.11
CA GLU E 439 -23.58 24.94 0.25
C GLU E 439 -22.26 25.66 0.38
N LEU E 440 -21.36 25.53 -0.60
CA LEU E 440 -20.16 26.35 -0.66
C LEU E 440 -20.40 27.64 -1.42
N TYR E 441 -21.66 28.02 -1.67
CA TYR E 441 -21.95 29.25 -2.40
C TYR E 441 -21.54 30.48 -1.60
N LYS E 442 -21.54 30.39 -0.28
CA LYS E 442 -21.16 31.54 0.53
C LYS E 442 -19.66 31.81 0.46
N TYR E 443 -18.84 30.77 0.50
CA TYR E 443 -17.45 30.89 0.95
C TYR E 443 -16.50 31.19 -0.20
N LYS E 444 -15.35 31.76 0.18
CA LYS E 444 -14.25 32.08 -0.73
C LYS E 444 -12.96 32.06 0.06
N VAL E 445 -11.87 31.64 -0.61
CA VAL E 445 -10.55 31.51 0.01
C VAL E 445 -9.64 32.56 -0.60
N VAL E 446 -8.93 33.28 0.26
CA VAL E 446 -8.03 34.35 -0.16
C VAL E 446 -6.70 34.22 0.56
N LYS E 447 -5.61 34.49 -0.17
CA LYS E 447 -4.26 34.49 0.38
C LYS E 447 -3.94 35.88 0.90
N ILE E 448 -3.70 35.99 2.21
CA ILE E 448 -3.28 37.27 2.78
C ILE E 448 -1.88 37.58 2.27
N GLU E 449 -1.67 38.84 1.86
CA GLU E 449 -0.45 39.26 1.18
C GLU E 449 0.13 40.49 1.89
N PRO E 450 0.81 40.29 3.02
CA PRO E 450 1.35 41.44 3.75
C PRO E 450 2.53 42.08 3.03
N LEU E 451 3.27 42.96 3.70
CA LEU E 451 4.46 43.61 3.14
C LEU E 451 4.07 44.57 2.02
N GLY E 452 3.29 45.58 2.39
CA GLY E 452 2.96 46.66 1.48
C GLY E 452 3.94 47.82 1.57
N VAL E 453 3.79 48.77 0.65
CA VAL E 453 4.74 49.86 0.46
C VAL E 453 3.94 51.16 0.31
N ALA E 454 4.40 52.23 0.97
CA ALA E 454 3.71 53.50 0.91
C ALA E 454 4.68 54.62 1.30
N PRO E 455 4.38 55.87 0.91
CA PRO E 455 5.22 57.00 1.31
C PRO E 455 4.74 57.69 2.58
N THR E 456 5.68 58.25 3.34
CA THR E 456 5.33 59.08 4.50
C THR E 456 6.24 60.29 4.67
N ARG E 457 7.04 60.65 3.66
CA ARG E 457 7.92 61.84 3.66
C ARG E 457 8.71 61.97 4.96
N CYS E 458 9.42 60.91 5.32
CA CYS E 458 10.33 60.92 6.46
C CYS E 458 11.45 59.92 6.20
N LYS E 459 12.63 60.24 6.74
CA LYS E 459 13.87 59.55 6.40
C LYS E 459 14.42 58.83 7.62
N ARG E 460 15.18 57.76 7.35
CA ARG E 460 15.87 57.00 8.38
C ARG E 460 17.25 57.60 8.57
N ARG E 461 17.41 58.39 9.63
CA ARG E 461 18.67 59.08 9.87
C ARG E 461 19.79 58.08 10.15
N VAL E 462 20.94 58.32 9.53
CA VAL E 462 22.10 57.48 9.73
C VAL E 462 23.33 58.18 9.18
N ALA F 1 -10.54 52.17 18.90
CA ALA F 1 -11.78 52.52 18.15
C ALA F 1 -13.01 52.64 19.07
N VAL F 2 -13.47 51.62 19.81
CA VAL F 2 -13.27 50.16 20.03
C VAL F 2 -11.82 49.72 20.25
N GLY F 3 -11.64 48.81 21.20
CA GLY F 3 -10.32 48.26 21.44
C GLY F 3 -9.81 47.48 20.24
N ILE F 4 -8.48 47.54 20.02
CA ILE F 4 -7.89 46.95 18.83
C ILE F 4 -8.09 45.44 18.82
N GLY F 5 -8.07 44.80 19.99
CA GLY F 5 -8.34 43.38 20.04
C GLY F 5 -9.73 43.03 19.54
N ALA F 6 -10.74 43.78 20.01
CA ALA F 6 -12.11 43.52 19.55
C ALA F 6 -12.25 43.75 18.05
N VAL F 7 -11.58 44.76 17.51
CA VAL F 7 -11.64 45.01 16.08
C VAL F 7 -10.97 43.87 15.31
N PHE F 8 -9.83 43.40 15.80
CA PHE F 8 -8.81 42.81 14.94
C PHE F 8 -8.33 41.43 15.37
N LEU F 9 -8.87 40.85 16.45
CA LEU F 9 -8.25 39.65 17.03
C LEU F 9 -8.30 38.46 16.08
N GLY F 10 -9.37 38.31 15.31
CA GLY F 10 -9.41 37.22 14.38
C GLY F 10 -8.44 37.41 13.23
N PHE F 11 -8.76 38.35 12.34
CA PHE F 11 -8.00 38.66 11.13
C PHE F 11 -8.58 39.97 10.59
N LEU F 12 -7.73 40.73 9.90
CA LEU F 12 -8.15 41.63 8.84
C LEU F 12 -9.25 42.64 9.22
N GLY F 13 -9.52 42.81 10.51
CA GLY F 13 -10.63 43.63 10.97
C GLY F 13 -10.56 45.07 10.53
N ALA F 14 -9.38 45.56 10.17
CA ALA F 14 -9.19 46.91 9.66
C ALA F 14 -9.08 46.96 8.14
N ALA F 15 -9.64 45.97 7.44
CA ALA F 15 -9.50 45.89 6.00
C ALA F 15 -10.21 47.04 5.29
N GLY F 16 -11.16 47.71 5.94
CA GLY F 16 -11.88 48.84 5.39
C GLY F 16 -11.78 50.12 6.18
N SER F 17 -10.77 50.27 7.04
CA SER F 17 -10.67 51.41 7.94
C SER F 17 -9.69 52.48 7.47
N THR F 18 -9.32 52.49 6.18
CA THR F 18 -8.37 53.44 5.62
C THR F 18 -6.96 53.20 6.14
N MET F 19 -5.96 53.61 5.37
CA MET F 19 -4.57 53.25 5.70
C MET F 19 -4.09 53.93 6.97
N GLY F 20 -4.66 55.07 7.32
CA GLY F 20 -4.25 55.75 8.54
C GLY F 20 -4.58 54.98 9.79
N ALA F 21 -5.79 54.46 9.88
CA ALA F 21 -6.20 53.72 11.07
C ALA F 21 -5.79 52.26 10.99
N ALA F 22 -5.67 51.72 9.77
CA ALA F 22 -5.29 50.31 9.63
C ALA F 22 -3.85 50.07 10.06
N SER F 23 -3.00 51.09 10.03
CA SER F 23 -1.59 50.93 10.38
C SER F 23 -1.38 50.79 11.89
N MET F 24 -2.39 51.05 12.71
CA MET F 24 -2.23 50.93 14.15
C MET F 24 -2.37 49.48 14.63
N THR F 25 -3.05 48.63 13.86
CA THR F 25 -3.42 47.29 14.32
C THR F 25 -2.53 46.19 13.78
N LEU F 26 -1.36 46.53 13.21
CA LEU F 26 -0.59 45.57 12.40
C LEU F 26 -0.24 44.28 13.13
N THR F 27 0.08 44.37 14.42
CA THR F 27 0.72 43.25 15.12
C THR F 27 -0.20 42.03 15.19
N VAL F 28 -1.48 42.24 15.54
CA VAL F 28 -2.37 41.11 15.80
C VAL F 28 -2.70 40.32 14.54
N GLN F 29 -2.49 40.89 13.35
CA GLN F 29 -2.51 40.11 12.12
C GLN F 29 -1.14 39.49 11.83
N ALA F 30 -0.06 40.20 12.16
CA ALA F 30 1.28 39.63 11.99
C ALA F 30 1.45 38.41 12.88
N ARG F 31 0.84 38.41 14.06
CA ARG F 31 0.91 37.27 14.96
C ARG F 31 0.18 36.06 14.42
N ASN F 32 -0.79 36.24 13.53
CA ASN F 32 -1.62 35.16 13.01
C ASN F 32 -1.17 34.65 11.65
N LEU F 33 0.01 35.07 11.17
CA LEU F 33 0.56 34.52 9.94
C LEU F 33 1.31 33.21 10.15
N LEU F 34 1.35 32.70 11.38
CA LEU F 34 2.09 31.48 11.70
C LEU F 34 1.35 30.78 12.82
N SER F 35 0.65 29.69 12.48
CA SER F 35 -0.05 28.89 13.46
C SER F 35 -0.16 27.48 12.95
N GLY F 36 -0.39 26.55 13.87
CA GLY F 36 -0.48 25.14 13.55
C GLY F 36 -0.44 24.25 14.77
N THR F 58 -2.54 6.75 6.66
CA THR F 58 -1.71 7.81 7.20
C THR F 58 -1.20 8.74 6.11
N VAL F 59 -1.21 8.27 4.86
CA VAL F 59 -0.76 9.10 3.74
C VAL F 59 -1.71 10.27 3.49
N TRP F 60 -2.93 10.23 4.05
CA TRP F 60 -3.81 11.38 4.00
C TRP F 60 -3.24 12.59 4.74
N GLY F 61 -2.27 12.38 5.63
CA GLY F 61 -1.72 13.45 6.45
C GLY F 61 -0.95 14.51 5.68
N ILE F 62 -0.79 14.36 4.36
CA ILE F 62 -0.15 15.40 3.57
C ILE F 62 -0.93 16.71 3.67
N LYS F 63 -2.25 16.63 3.90
CA LYS F 63 -3.04 17.85 4.09
C LYS F 63 -2.74 18.56 5.41
N GLN F 64 -1.97 17.93 6.30
CA GLN F 64 -1.44 18.58 7.50
C GLN F 64 0.02 18.98 7.35
N LEU F 65 0.86 18.10 6.84
CA LEU F 65 2.28 18.42 6.72
C LEU F 65 2.51 19.52 5.70
N GLN F 66 1.96 19.39 4.50
CA GLN F 66 2.16 20.42 3.49
C GLN F 66 1.35 21.68 3.80
N ALA F 67 0.32 21.56 4.63
CA ALA F 67 -0.35 22.76 5.13
C ALA F 67 0.52 23.46 6.18
N ARG F 68 1.20 22.69 7.03
CA ARG F 68 2.16 23.28 7.96
C ARG F 68 3.30 23.95 7.22
N VAL F 69 3.94 23.22 6.31
CA VAL F 69 5.15 23.72 5.67
C VAL F 69 4.85 24.90 4.76
N LEU F 70 3.64 24.98 4.23
CA LEU F 70 3.27 26.15 3.44
C LEU F 70 3.32 27.42 4.27
N ALA F 71 2.80 27.35 5.49
CA ALA F 71 2.81 28.53 6.35
C ALA F 71 4.22 28.91 6.76
N VAL F 72 5.06 27.92 7.07
CA VAL F 72 6.40 28.21 7.59
C VAL F 72 7.26 28.83 6.49
N GLU F 73 7.27 28.24 5.30
CA GLU F 73 8.12 28.77 4.23
C GLU F 73 7.65 30.14 3.78
N ARG F 74 6.33 30.34 3.70
CA ARG F 74 5.81 31.65 3.31
C ARG F 74 6.20 32.71 4.33
N TYR F 75 6.13 32.38 5.62
CA TYR F 75 6.48 33.33 6.67
C TYR F 75 7.95 33.74 6.58
N LEU F 76 8.84 32.75 6.43
CA LEU F 76 10.26 33.08 6.37
C LEU F 76 10.60 33.83 5.09
N ARG F 77 9.95 33.48 3.99
CA ARG F 77 10.24 34.14 2.72
C ARG F 77 9.80 35.60 2.69
N ASP F 78 8.99 36.04 3.67
CA ASP F 78 8.67 37.45 3.86
C ASP F 78 9.56 38.08 4.92
N GLN F 79 9.99 37.32 5.92
CA GLN F 79 10.96 37.83 6.88
C GLN F 79 12.35 37.93 6.27
N GLN F 80 12.64 37.13 5.25
CA GLN F 80 13.92 37.24 4.57
C GLN F 80 14.07 38.62 3.93
N LEU F 81 13.02 39.12 3.30
CA LEU F 81 13.10 40.42 2.62
C LEU F 81 13.29 41.56 3.61
N LEU F 82 12.54 41.54 4.71
CA LEU F 82 12.63 42.62 5.69
C LEU F 82 14.00 42.68 6.35
N GLY F 83 14.70 41.55 6.45
CA GLY F 83 16.06 41.59 6.96
C GLY F 83 17.04 42.14 5.94
N ILE F 84 16.72 41.99 4.66
CA ILE F 84 17.60 42.50 3.60
C ILE F 84 17.35 43.98 3.37
N TRP F 85 16.10 44.41 3.32
CA TRP F 85 15.79 45.82 3.15
C TRP F 85 16.14 46.66 4.35
N GLY F 86 16.01 46.10 5.54
CA GLY F 86 15.98 46.86 6.77
C GLY F 86 14.57 46.96 7.34
N CYS F 87 14.47 47.45 8.58
CA CYS F 87 15.49 48.05 9.46
C CYS F 87 15.49 47.53 10.91
N SER F 88 15.45 46.21 11.14
CA SER F 88 15.34 45.06 10.23
C SER F 88 13.90 44.59 10.21
N GLY F 89 13.42 44.16 11.37
CA GLY F 89 12.08 43.66 11.56
C GLY F 89 11.27 44.49 12.54
N LYS F 90 11.26 45.80 12.33
CA LYS F 90 10.54 46.74 13.20
C LYS F 90 9.06 46.88 12.86
N LEU F 91 8.60 46.29 11.74
CA LEU F 91 7.22 46.36 11.24
C LEU F 91 6.87 47.70 10.61
N ILE F 92 7.72 48.73 10.77
CA ILE F 92 7.60 50.00 10.07
C ILE F 92 9.02 50.51 9.90
N CYS F 93 9.43 50.75 8.65
CA CYS F 93 10.79 51.21 8.36
C CYS F 93 10.76 52.30 7.31
N CYS F 94 11.52 53.35 7.57
CA CYS F 94 11.88 54.32 6.55
C CYS F 94 13.16 53.84 5.87
N THR F 95 13.20 53.96 4.54
CA THR F 95 14.19 53.23 3.75
C THR F 95 15.27 54.10 3.12
N ASN F 96 15.14 55.42 3.13
CA ASN F 96 16.12 56.32 2.50
C ASN F 96 16.25 56.06 1.01
N VAL F 97 15.21 55.55 0.36
CA VAL F 97 15.16 55.37 -1.08
C VAL F 97 14.11 56.35 -1.62
N PRO F 98 14.49 57.41 -2.34
CA PRO F 98 13.49 58.38 -2.77
C PRO F 98 12.66 57.87 -3.93
N TRP F 99 11.50 58.50 -4.10
CA TRP F 99 10.57 58.08 -5.15
C TRP F 99 11.07 58.52 -6.51
N ASN F 100 11.19 57.56 -7.43
CA ASN F 100 11.45 57.87 -8.83
C ASN F 100 10.23 58.61 -9.40
N SER F 101 10.49 59.45 -10.41
CA SER F 101 9.43 60.28 -10.97
C SER F 101 8.33 59.43 -11.59
N SER F 102 8.67 58.29 -12.17
CA SER F 102 7.66 57.44 -12.82
C SER F 102 6.68 56.85 -11.84
N TRP F 103 7.03 56.76 -10.55
CA TRP F 103 6.11 56.22 -9.55
C TRP F 103 5.13 57.25 -9.04
N SER F 104 5.44 58.54 -9.20
CA SER F 104 4.66 59.60 -8.56
C SER F 104 3.23 59.63 -9.09
N ASN F 105 2.27 59.51 -8.17
CA ASN F 105 0.85 59.43 -8.55
C ASN F 105 -0.04 60.41 -7.79
N ARG F 106 0.24 60.62 -6.50
CA ARG F 106 -0.73 61.21 -5.59
C ARG F 106 -0.04 62.14 -4.59
N ASN F 107 -0.87 62.96 -3.96
CA ASN F 107 -0.47 63.72 -2.77
C ASN F 107 -0.71 62.88 -1.52
N LEU F 108 0.11 63.12 -0.49
CA LEU F 108 0.05 62.28 0.71
C LEU F 108 -1.29 62.40 1.43
N SER F 109 -1.92 63.57 1.37
CA SER F 109 -3.23 63.73 2.02
C SER F 109 -4.28 62.82 1.41
N GLU F 110 -4.16 62.50 0.12
CA GLU F 110 -5.13 61.62 -0.52
C GLU F 110 -5.03 60.20 0.03
N ILE F 111 -3.80 59.71 0.21
CA ILE F 111 -3.55 58.29 0.46
C ILE F 111 -4.04 57.88 1.84
N TRP F 112 -3.44 58.46 2.87
CA TRP F 112 -3.61 57.90 4.21
C TRP F 112 -4.99 58.18 4.79
N ASP F 113 -5.72 59.15 4.24
CA ASP F 113 -6.98 59.60 4.82
C ASP F 113 -8.21 59.14 4.04
N ASN F 114 -8.06 58.58 2.85
CA ASN F 114 -9.18 58.15 2.01
C ASN F 114 -9.07 56.71 1.53
N MET F 115 -7.86 56.26 1.19
CA MET F 115 -7.70 54.95 0.57
C MET F 115 -7.53 53.87 1.63
N THR F 116 -8.14 52.71 1.36
CA THR F 116 -7.91 51.51 2.15
C THR F 116 -6.64 50.81 1.67
N TRP F 117 -6.08 49.96 2.53
CA TRP F 117 -4.84 49.27 2.19
C TRP F 117 -5.02 48.40 0.96
N LEU F 118 -6.14 47.69 0.87
CA LEU F 118 -6.42 46.88 -0.32
C LEU F 118 -6.59 47.75 -1.55
N GLN F 119 -7.29 48.89 -1.41
CA GLN F 119 -7.43 49.80 -2.53
C GLN F 119 -6.07 50.35 -2.95
N TRP F 120 -5.23 50.70 -1.98
CA TRP F 120 -3.90 51.21 -2.29
C TRP F 120 -3.03 50.14 -2.95
N ASP F 121 -3.26 48.87 -2.59
CA ASP F 121 -2.47 47.80 -3.19
C ASP F 121 -2.75 47.68 -4.69
N LYS F 122 -4.01 47.89 -5.09
CA LYS F 122 -4.37 47.75 -6.50
C LYS F 122 -3.76 48.83 -7.37
N GLU F 123 -3.33 49.95 -6.79
CA GLU F 123 -2.68 51.02 -7.55
C GLU F 123 -1.16 50.82 -7.58
N ILE F 124 -0.55 50.64 -6.40
CA ILE F 124 0.90 50.59 -6.29
C ILE F 124 1.42 49.17 -6.53
N SER F 125 0.56 48.25 -6.97
CA SER F 125 1.04 46.94 -7.40
C SER F 125 2.00 47.07 -8.57
N ASN F 126 1.86 48.11 -9.39
CA ASN F 126 2.88 48.45 -10.36
C ASN F 126 4.16 48.88 -9.65
N TYR F 127 5.28 48.76 -10.36
CA TYR F 127 6.61 49.17 -9.89
C TYR F 127 7.15 48.30 -8.77
N THR F 128 6.39 47.30 -8.31
CA THR F 128 6.68 46.69 -7.01
C THR F 128 8.02 45.94 -7.03
N GLN F 129 8.26 45.15 -8.07
CA GLN F 129 9.51 44.39 -8.12
C GLN F 129 10.73 45.29 -8.37
N ILE F 130 10.52 46.53 -8.79
CA ILE F 130 11.64 47.46 -8.96
C ILE F 130 12.04 48.06 -7.61
N ILE F 131 11.09 48.21 -6.69
CA ILE F 131 11.40 48.81 -5.40
C ILE F 131 12.34 47.90 -4.61
N TYR F 132 12.08 46.59 -4.67
CA TYR F 132 12.77 45.67 -3.76
C TYR F 132 14.26 45.60 -4.06
N GLY F 133 14.63 45.74 -5.34
CA GLY F 133 16.05 45.80 -5.66
C GLY F 133 16.73 47.01 -5.07
N LEU F 134 16.08 48.17 -5.14
CA LEU F 134 16.67 49.39 -4.61
C LEU F 134 16.82 49.32 -3.10
N LEU F 135 15.82 48.75 -2.42
CA LEU F 135 15.93 48.59 -0.97
C LEU F 135 17.07 47.65 -0.62
N GLU F 136 17.24 46.57 -1.38
CA GLU F 136 18.31 45.62 -1.11
C GLU F 136 19.67 46.26 -1.29
N GLU F 137 19.85 47.01 -2.37
CA GLU F 137 21.16 47.59 -2.67
C GLU F 137 21.53 48.67 -1.65
N SER F 138 20.57 49.51 -1.27
CA SER F 138 20.88 50.59 -0.35
C SER F 138 21.30 50.08 1.02
N GLN F 139 20.86 48.88 1.39
CA GLN F 139 21.28 48.32 2.67
C GLN F 139 22.77 47.98 2.66
N ASN F 140 23.27 47.43 1.56
CA ASN F 140 24.70 47.12 1.47
C ASN F 140 25.53 48.39 1.57
N GLN F 141 25.09 49.47 0.94
CA GLN F 141 25.80 50.73 1.03
C GLN F 141 25.84 51.22 2.48
N GLN F 142 24.73 51.09 3.19
CA GLN F 142 24.68 51.52 4.59
C GLN F 142 25.60 50.67 5.45
N GLU F 143 25.55 49.34 5.28
CA GLU F 143 26.38 48.47 6.11
C GLU F 143 27.86 48.68 5.82
N LYS F 144 28.21 48.89 4.55
CA LYS F 144 29.60 49.21 4.22
C LYS F 144 30.02 50.51 4.87
N ASN F 145 29.13 51.51 4.87
CA ASN F 145 29.46 52.79 5.50
C ASN F 145 29.68 52.63 7.00
N GLU F 146 28.87 51.80 7.66
CA GLU F 146 29.06 51.57 9.09
C GLU F 146 30.40 50.89 9.34
N GLN F 147 30.81 49.99 8.46
CA GLN F 147 32.15 49.41 8.57
C GLN F 147 33.22 50.48 8.43
N ASP F 148 33.04 51.42 7.50
CA ASP F 148 34.01 52.48 7.33
C ASP F 148 34.08 53.37 8.56
N LEU F 149 32.91 53.72 9.13
CA LEU F 149 32.90 54.61 10.29
C LEU F 149 33.56 53.97 11.49
N LEU F 150 33.21 52.72 11.79
CA LEU F 150 33.82 52.04 12.93
C LEU F 150 35.31 51.79 12.71
N ALA F 151 35.74 51.63 11.45
CA ALA F 151 37.16 51.48 11.18
C ALA F 151 37.90 52.80 11.37
N LEU F 152 37.34 53.89 10.86
CA LEU F 152 37.96 55.20 11.02
C LEU F 152 37.87 55.69 12.46
N ASP F 153 36.74 55.44 13.12
CA ASP F 153 36.55 55.89 14.49
C ASP F 153 37.46 55.11 15.43
N GLN G 1 -74.76 -6.39 6.65
CA GLN G 1 -73.73 -7.03 7.52
C GLN G 1 -73.01 -8.13 6.76
N VAL G 2 -71.79 -8.46 7.22
CA VAL G 2 -70.99 -9.49 6.60
C VAL G 2 -71.20 -10.81 7.34
N GLN G 3 -70.98 -11.92 6.63
CA GLN G 3 -71.10 -13.25 7.20
C GLN G 3 -69.96 -14.11 6.68
N LEU G 4 -69.51 -15.02 7.53
CA LEU G 4 -68.52 -16.04 7.17
C LEU G 4 -69.16 -17.39 7.38
N VAL G 5 -69.22 -18.18 6.31
CA VAL G 5 -69.87 -19.48 6.30
C VAL G 5 -68.78 -20.55 6.15
N GLN G 6 -68.77 -21.50 7.07
CA GLN G 6 -67.79 -22.58 7.10
C GLN G 6 -68.43 -23.90 6.69
N SER G 7 -67.60 -24.93 6.61
CA SER G 7 -68.07 -26.27 6.26
C SER G 7 -68.78 -26.91 7.44
N GLY G 8 -69.53 -27.97 7.15
CA GLY G 8 -70.19 -28.71 8.21
C GLY G 8 -69.22 -29.53 9.03
N ALA G 9 -69.76 -30.19 10.05
CA ALA G 9 -68.93 -30.99 10.94
C ALA G 9 -68.26 -32.13 10.19
N GLN G 10 -67.18 -32.64 10.77
CA GLN G 10 -66.37 -33.68 10.15
C GLN G 10 -66.05 -34.76 11.18
N MET G 11 -65.85 -35.98 10.68
CA MET G 11 -65.47 -37.12 11.50
C MET G 11 -64.42 -37.91 10.73
N LYS G 12 -63.37 -38.35 11.42
CA LYS G 12 -62.25 -39.01 10.76
C LYS G 12 -61.57 -39.98 11.70
N ASN G 13 -60.82 -40.90 11.11
CA ASN G 13 -59.84 -41.68 11.85
C ASN G 13 -58.51 -40.92 11.86
N PRO G 14 -57.57 -41.30 12.74
CA PRO G 14 -56.27 -40.63 12.73
C PRO G 14 -55.54 -40.81 11.42
N GLY G 15 -54.80 -39.78 11.02
CA GLY G 15 -53.98 -39.81 9.82
C GLY G 15 -54.72 -39.56 8.52
N ALA G 16 -55.96 -39.09 8.57
CA ALA G 16 -56.77 -38.97 7.35
C ALA G 16 -56.62 -37.62 6.67
N SER G 17 -56.33 -36.56 7.44
CA SER G 17 -56.21 -35.18 6.96
C SER G 17 -57.58 -34.65 6.51
N VAL G 18 -57.82 -33.35 6.74
CA VAL G 18 -59.10 -32.72 6.43
C VAL G 18 -58.84 -31.33 5.87
N LYS G 19 -59.63 -30.95 4.87
CA LYS G 19 -59.58 -29.61 4.27
C LYS G 19 -60.87 -28.88 4.60
N VAL G 20 -60.78 -27.88 5.46
CA VAL G 20 -61.93 -27.07 5.85
C VAL G 20 -62.04 -25.88 4.90
N SER G 21 -63.28 -25.44 4.67
CA SER G 21 -63.58 -24.37 3.72
C SER G 21 -64.33 -23.24 4.42
N CYS G 22 -64.06 -22.01 3.97
CA CYS G 22 -64.68 -20.81 4.51
C CYS G 22 -65.16 -19.95 3.35
N ALA G 23 -66.34 -19.36 3.49
CA ALA G 23 -67.01 -18.63 2.41
C ALA G 23 -67.44 -17.24 2.89
N PRO G 24 -66.56 -16.25 2.82
CA PRO G 24 -66.96 -14.91 3.27
C PRO G 24 -68.03 -14.29 2.39
N SER G 25 -68.83 -13.42 2.99
CA SER G 25 -69.91 -12.74 2.29
C SER G 25 -70.10 -11.35 2.87
N GLY G 26 -70.59 -10.43 2.04
CA GLY G 26 -70.90 -9.09 2.46
C GLY G 26 -69.77 -8.08 2.31
N TYR G 27 -68.60 -8.50 1.84
CA TYR G 27 -67.49 -7.57 1.63
C TYR G 27 -66.57 -8.16 0.56
N THR G 28 -65.74 -7.30 -0.02
CA THR G 28 -64.83 -7.71 -1.08
C THR G 28 -63.83 -8.73 -0.52
N PHE G 29 -63.71 -9.88 -1.17
CA PHE G 29 -62.99 -11.00 -0.57
C PHE G 29 -61.53 -10.66 -0.34
N THR G 30 -60.89 -9.98 -1.29
CA THR G 30 -59.46 -9.70 -1.23
C THR G 30 -59.13 -8.37 -0.56
N ASP G 31 -59.99 -7.86 0.33
CA ASP G 31 -59.71 -6.63 1.04
C ASP G 31 -59.26 -6.86 2.48
N PHE G 32 -59.46 -8.06 3.04
CA PHE G 32 -59.12 -8.33 4.43
C PHE G 32 -58.43 -9.69 4.55
N TYR G 33 -57.50 -9.78 5.49
CA TYR G 33 -56.83 -11.04 5.77
C TYR G 33 -57.82 -12.07 6.28
N ILE G 34 -57.42 -13.34 6.20
CA ILE G 34 -58.16 -14.45 6.80
C ILE G 34 -57.25 -15.10 7.84
N HIS G 35 -57.73 -15.16 9.08
CA HIS G 35 -57.00 -15.74 10.20
C HIS G 35 -57.74 -16.99 10.67
N TRP G 36 -57.02 -18.10 10.81
CA TRP G 36 -57.60 -19.39 11.17
C TRP G 36 -57.27 -19.69 12.63
N LEU G 37 -58.31 -19.97 13.42
CA LEU G 37 -58.17 -20.22 14.86
C LEU G 37 -58.85 -21.53 15.23
N ARG G 38 -58.36 -22.12 16.32
CA ARG G 38 -58.81 -23.42 16.81
C ARG G 38 -59.22 -23.31 18.27
N GLN G 39 -60.18 -24.14 18.67
CA GLN G 39 -60.64 -24.20 20.05
C GLN G 39 -60.99 -25.65 20.36
N ALA G 40 -60.10 -26.33 21.08
CA ALA G 40 -60.40 -27.68 21.51
C ALA G 40 -61.55 -27.65 22.53
N PRO G 41 -62.32 -28.72 22.67
CA PRO G 41 -63.44 -28.70 23.61
C PRO G 41 -62.96 -28.52 25.04
N GLY G 42 -63.55 -27.55 25.73
CA GLY G 42 -63.14 -27.25 27.09
C GLY G 42 -61.79 -26.60 27.22
N GLN G 43 -61.33 -25.90 26.17
CA GLN G 43 -60.00 -25.30 26.14
C GLN G 43 -60.10 -23.88 25.60
N GLY G 44 -58.98 -23.16 25.67
CA GLY G 44 -58.93 -21.79 25.17
C GLY G 44 -58.63 -21.72 23.68
N LEU G 45 -58.73 -20.51 23.15
CA LEU G 45 -58.49 -20.28 21.74
C LEU G 45 -57.01 -20.49 21.42
N GLN G 46 -56.75 -21.04 20.24
CA GLN G 46 -55.39 -21.24 19.73
C GLN G 46 -55.34 -20.76 18.30
N TRP G 47 -54.25 -20.09 17.93
CA TRP G 47 -54.11 -19.47 16.62
C TRP G 47 -53.28 -20.36 15.71
N MET G 48 -53.79 -20.61 14.50
CA MET G 48 -53.16 -21.51 13.55
C MET G 48 -52.33 -20.76 12.50
N GLY G 49 -52.94 -19.84 11.77
CA GLY G 49 -52.22 -19.11 10.75
C GLY G 49 -53.10 -18.05 10.12
N TRP G 50 -52.46 -17.17 9.35
CA TRP G 50 -53.13 -16.14 8.57
C TRP G 50 -52.83 -16.33 7.09
N MET G 51 -53.66 -15.71 6.25
CA MET G 51 -53.53 -15.79 4.80
C MET G 51 -53.78 -14.42 4.18
N ASN G 52 -53.09 -14.16 3.09
CA ASN G 52 -53.24 -12.94 2.31
C ASN G 52 -54.06 -13.26 1.06
N PRO G 53 -55.38 -13.07 1.06
CA PRO G 53 -56.17 -13.52 -0.11
C PRO G 53 -55.82 -12.81 -1.40
N GLN G 54 -55.21 -11.62 -1.34
CA GLN G 54 -54.84 -10.92 -2.56
C GLN G 54 -53.77 -11.69 -3.34
N THR G 55 -52.75 -12.22 -2.64
CA THR G 55 -51.61 -12.88 -3.27
C THR G 55 -51.37 -14.30 -2.78
N GLY G 56 -52.18 -14.81 -1.85
CA GLY G 56 -52.12 -16.19 -1.46
C GLY G 56 -51.06 -16.55 -0.45
N ARG G 57 -50.18 -15.62 -0.08
CA ARG G 57 -49.14 -15.93 0.89
C ARG G 57 -49.76 -16.19 2.25
N THR G 58 -49.12 -17.07 3.03
CA THR G 58 -49.64 -17.48 4.33
C THR G 58 -48.50 -17.80 5.27
N ASN G 59 -48.83 -17.81 6.57
CA ASN G 59 -47.89 -18.09 7.64
C ASN G 59 -48.63 -18.78 8.77
N THR G 60 -47.96 -19.72 9.43
CA THR G 60 -48.57 -20.57 10.45
C THR G 60 -47.66 -20.62 11.67
N ALA G 61 -48.26 -20.89 12.82
CA ALA G 61 -47.50 -20.94 14.06
C ALA G 61 -46.49 -22.07 14.03
N ARG G 62 -45.52 -22.02 14.96
CA ARG G 62 -44.44 -22.99 14.95
C ARG G 62 -44.95 -24.40 15.19
N ASN G 63 -45.91 -24.56 16.10
CA ASN G 63 -46.45 -25.89 16.42
C ASN G 63 -47.43 -26.41 15.37
N PHE G 64 -47.63 -25.69 14.27
CA PHE G 64 -48.38 -26.19 13.12
C PHE G 64 -47.57 -26.20 11.83
N GLN G 65 -46.26 -25.97 11.90
CA GLN G 65 -45.43 -25.93 10.70
C GLN G 65 -45.47 -27.29 10.00
N GLY G 66 -45.75 -27.27 8.69
CA GLY G 66 -45.81 -28.48 7.90
C GLY G 66 -47.17 -29.15 7.92
N ARG G 67 -47.80 -29.22 9.10
CA ARG G 67 -49.07 -29.91 9.22
C ARG G 67 -50.22 -29.15 8.58
N VAL G 68 -50.12 -27.84 8.42
CA VAL G 68 -51.22 -26.98 7.99
C VAL G 68 -50.83 -26.24 6.72
N THR G 69 -51.76 -26.19 5.76
CA THR G 69 -51.59 -25.39 4.57
C THR G 69 -52.92 -24.72 4.22
N MET G 70 -52.84 -23.52 3.66
CA MET G 70 -54.00 -22.70 3.36
C MET G 70 -53.94 -22.23 1.91
N THR G 71 -55.10 -22.26 1.25
CA THR G 71 -55.23 -21.82 -0.12
C THR G 71 -56.57 -21.13 -0.28
N ARG G 72 -56.82 -20.58 -1.47
CA ARG G 72 -58.02 -19.81 -1.72
C ARG G 72 -58.41 -19.91 -3.19
N ASP G 73 -59.68 -19.60 -3.46
CA ASP G 73 -60.22 -19.50 -4.81
C ASP G 73 -60.95 -18.16 -4.90
N THR G 74 -60.26 -17.16 -5.44
CA THR G 74 -60.83 -15.82 -5.51
C THR G 74 -62.05 -15.74 -6.41
N SER G 75 -62.10 -16.56 -7.46
CA SER G 75 -63.28 -16.58 -8.33
C SER G 75 -64.53 -17.03 -7.57
N ILE G 76 -64.42 -18.14 -6.83
CA ILE G 76 -65.53 -18.57 -5.99
C ILE G 76 -65.74 -17.60 -4.84
N GLY G 77 -64.65 -17.09 -4.28
CA GLY G 77 -64.72 -16.27 -3.08
C GLY G 77 -64.73 -17.13 -1.83
N THR G 78 -63.72 -17.99 -1.69
CA THR G 78 -63.66 -18.92 -0.57
C THR G 78 -62.20 -19.21 -0.24
N ALA G 79 -61.97 -19.65 1.00
CA ALA G 79 -60.65 -19.97 1.51
C ALA G 79 -60.65 -21.38 2.10
N TYR G 80 -59.51 -22.07 1.95
CA TYR G 80 -59.36 -23.45 2.36
C TYR G 80 -58.20 -23.58 3.34
N MET G 81 -58.31 -24.59 4.22
CA MET G 81 -57.26 -24.88 5.19
C MET G 81 -57.18 -26.38 5.38
N GLU G 82 -56.03 -26.96 5.05
CA GLU G 82 -55.81 -28.41 5.09
C GLU G 82 -54.88 -28.74 6.25
N LEU G 83 -55.38 -29.51 7.21
CA LEU G 83 -54.61 -29.95 8.36
C LEU G 83 -54.23 -31.41 8.15
N ARG G 84 -52.97 -31.74 8.41
CA ARG G 84 -52.40 -33.03 8.08
C ARG G 84 -51.85 -33.71 9.33
N SER G 85 -51.75 -35.04 9.25
CA SER G 85 -51.27 -35.87 10.36
C SER G 85 -52.19 -35.75 11.57
N LEU G 86 -53.46 -36.09 11.39
CA LEU G 86 -54.45 -35.95 12.46
C LEU G 86 -54.13 -36.86 13.63
N THR G 87 -54.29 -36.33 14.83
CA THR G 87 -54.29 -37.10 16.07
C THR G 87 -55.66 -37.00 16.72
N SER G 88 -55.81 -37.73 17.83
CA SER G 88 -57.05 -37.63 18.60
C SER G 88 -57.15 -36.29 19.33
N ASP G 89 -56.01 -35.62 19.55
CA ASP G 89 -55.99 -34.33 20.24
C ASP G 89 -56.28 -33.16 19.32
N ASP G 90 -56.34 -33.36 18.01
CA ASP G 90 -56.73 -32.30 17.09
C ASP G 90 -58.24 -32.11 16.99
N THR G 91 -59.03 -32.91 17.70
CA THR G 91 -60.47 -32.66 17.76
C THR G 91 -60.72 -31.30 18.37
N ALA G 92 -61.44 -30.44 17.65
CA ALA G 92 -61.60 -29.05 18.07
C ALA G 92 -62.62 -28.38 17.17
N ILE G 93 -63.10 -27.22 17.64
CA ILE G 93 -63.83 -26.30 16.78
C ILE G 93 -62.83 -25.44 16.04
N TYR G 94 -63.09 -25.20 14.75
CA TYR G 94 -62.22 -24.40 13.90
C TYR G 94 -62.98 -23.17 13.41
N TYR G 95 -62.36 -21.99 13.59
CA TYR G 95 -62.98 -20.71 13.28
C TYR G 95 -62.26 -20.05 12.11
N CYS G 96 -63.06 -19.46 11.22
CA CYS G 96 -62.57 -18.62 10.14
C CYS G 96 -62.91 -17.17 10.47
N THR G 97 -61.90 -16.31 10.47
CA THR G 97 -62.02 -14.95 10.98
C THR G 97 -61.40 -13.95 10.01
N THR G 98 -61.86 -12.71 10.11
CA THR G 98 -61.47 -11.64 9.20
C THR G 98 -60.46 -10.74 9.90
N GLY G 99 -59.29 -10.60 9.31
CA GLY G 99 -58.15 -9.93 9.94
C GLY G 99 -58.11 -8.44 9.64
N GLY G 100 -56.90 -7.92 9.48
CA GLY G 100 -56.74 -6.52 9.16
C GLY G 100 -57.07 -6.22 7.71
N TRP G 101 -56.73 -5.01 7.30
CA TRP G 101 -56.97 -4.55 5.93
C TRP G 101 -55.69 -4.61 5.12
N ILE G 102 -55.75 -5.21 3.93
CA ILE G 102 -54.58 -5.28 3.07
C ILE G 102 -54.25 -3.89 2.55
N SER G 103 -52.97 -3.53 2.58
CA SER G 103 -52.49 -2.36 1.88
C SER G 103 -51.04 -2.58 1.49
N LEU G 104 -50.60 -1.86 0.47
CA LEU G 104 -49.28 -2.11 -0.10
C LEU G 104 -48.15 -1.53 0.73
N TYR G 105 -48.46 -0.74 1.76
CA TYR G 105 -47.48 0.15 2.37
C TYR G 105 -47.13 -0.20 3.81
N TYR G 106 -48.01 -0.85 4.56
CA TYR G 106 -47.72 -1.25 5.93
C TYR G 106 -48.27 -2.65 6.19
N ASP G 107 -47.49 -3.46 6.90
CA ASP G 107 -47.81 -4.87 7.14
C ASP G 107 -48.88 -4.95 8.23
N SER G 108 -50.12 -5.22 7.82
CA SER G 108 -51.22 -5.41 8.74
C SER G 108 -51.54 -6.87 8.97
N SER G 109 -50.63 -7.78 8.61
CA SER G 109 -50.91 -9.20 8.67
C SER G 109 -51.07 -9.68 10.12
N TYR G 110 -50.10 -9.36 10.96
CA TYR G 110 -50.06 -9.85 12.34
C TYR G 110 -50.97 -9.07 13.28
N TYR G 111 -51.77 -8.14 12.79
CA TYR G 111 -52.61 -7.36 13.68
C TYR G 111 -53.73 -8.25 14.21
N PRO G 112 -53.80 -8.56 15.51
CA PRO G 112 -54.87 -9.43 15.98
C PRO G 112 -56.21 -8.72 15.99
N ASN G 113 -56.77 -8.51 14.81
CA ASN G 113 -57.99 -7.73 14.61
C ASN G 113 -59.04 -8.64 13.98
N PHE G 114 -59.77 -9.40 14.81
CA PHE G 114 -60.72 -10.40 14.32
C PHE G 114 -62.13 -9.83 14.40
N ASP G 115 -62.48 -9.05 13.37
CA ASP G 115 -63.74 -8.31 13.38
C ASP G 115 -64.94 -9.26 13.38
N HIS G 116 -64.91 -10.28 12.54
CA HIS G 116 -66.06 -11.14 12.30
C HIS G 116 -65.62 -12.59 12.29
N TRP G 117 -66.48 -13.46 12.82
CA TRP G 117 -66.16 -14.86 13.03
C TRP G 117 -67.18 -15.73 12.30
N GLY G 118 -66.72 -16.87 11.78
CA GLY G 118 -67.62 -17.85 11.24
C GLY G 118 -68.34 -18.60 12.34
N GLN G 119 -69.35 -19.38 11.93
CA GLN G 119 -70.14 -20.11 12.90
C GLN G 119 -69.37 -21.27 13.54
N GLY G 120 -68.20 -21.61 13.02
CA GLY G 120 -67.40 -22.68 13.58
C GLY G 120 -67.81 -24.05 13.07
N THR G 121 -66.84 -24.94 12.93
CA THR G 121 -67.07 -26.29 12.44
C THR G 121 -66.31 -27.27 13.32
N LEU G 122 -66.94 -28.41 13.62
CA LEU G 122 -66.37 -29.40 14.53
C LEU G 122 -65.73 -30.51 13.71
N LEU G 123 -64.43 -30.73 13.94
CA LEU G 123 -63.69 -31.85 13.37
C LEU G 123 -63.45 -32.85 14.49
N THR G 124 -63.87 -34.10 14.27
CA THR G 124 -63.76 -35.16 15.27
C THR G 124 -62.80 -36.23 14.78
N VAL G 125 -61.83 -36.59 15.62
CA VAL G 125 -60.87 -37.64 15.33
C VAL G 125 -61.05 -38.73 16.36
N SER G 126 -61.31 -39.95 15.90
CA SER G 126 -61.52 -41.09 16.80
C SER G 126 -61.50 -42.39 16.02
N ALA H 1 -47.91 -19.92 26.76
CA ALA H 1 -48.52 -18.99 25.77
C ALA H 1 -49.47 -18.02 26.46
N LEU H 2 -48.97 -16.84 26.82
CA LEU H 2 -49.78 -15.80 27.45
C LEU H 2 -50.43 -16.27 28.74
N THR H 3 -49.61 -16.46 29.78
CA THR H 3 -50.11 -16.70 31.13
C THR H 3 -51.26 -15.76 31.48
N GLN H 4 -52.37 -16.32 31.97
CA GLN H 4 -53.58 -15.57 32.25
C GLN H 4 -54.23 -16.17 33.50
N PRO H 5 -54.94 -15.39 34.32
CA PRO H 5 -55.65 -15.99 35.46
C PRO H 5 -56.79 -16.88 35.00
N ALA H 6 -57.10 -17.87 35.84
CA ALA H 6 -58.12 -18.85 35.47
C ALA H 6 -59.53 -18.28 35.59
N SER H 7 -59.80 -17.48 36.63
CA SER H 7 -61.15 -17.00 36.88
C SER H 7 -61.10 -15.75 37.75
N VAL H 8 -62.24 -15.07 37.82
CA VAL H 8 -62.41 -13.86 38.62
C VAL H 8 -63.89 -13.71 38.91
N SER H 9 -64.21 -12.99 40.00
CA SER H 9 -65.59 -12.84 40.41
C SER H 9 -65.77 -11.54 41.20
N GLY H 10 -67.02 -11.11 41.27
CA GLY H 10 -67.38 -9.92 42.03
C GLY H 10 -68.87 -9.70 41.96
N SER H 11 -69.37 -8.94 42.93
CA SER H 11 -70.80 -8.72 43.02
C SER H 11 -71.24 -7.69 41.98
N PRO H 12 -72.55 -7.61 41.69
CA PRO H 12 -73.02 -6.59 40.74
C PRO H 12 -72.70 -5.19 41.21
N GLY H 13 -72.43 -4.30 40.25
CA GLY H 13 -72.06 -2.93 40.54
C GLY H 13 -70.60 -2.69 40.77
N GLN H 14 -69.80 -3.74 40.99
CA GLN H 14 -68.37 -3.59 41.20
C GLN H 14 -67.64 -3.50 39.87
N SER H 15 -66.33 -3.35 39.95
CA SER H 15 -65.45 -3.38 38.78
C SER H 15 -64.30 -4.35 39.04
N ILE H 16 -63.94 -5.12 38.01
CA ILE H 16 -62.90 -6.13 38.09
C ILE H 16 -61.99 -5.99 36.88
N THR H 17 -60.82 -6.62 36.97
CA THR H 17 -59.83 -6.60 35.91
C THR H 17 -59.31 -8.01 35.65
N ILE H 18 -59.00 -8.28 34.38
CA ILE H 18 -58.42 -9.53 33.94
C ILE H 18 -57.12 -9.19 33.22
N SER H 19 -56.05 -9.90 33.54
CA SER H 19 -54.70 -9.56 33.10
C SER H 19 -54.12 -10.65 32.23
N CYS H 20 -53.21 -10.25 31.34
CA CYS H 20 -52.44 -11.17 30.51
C CYS H 20 -50.98 -10.72 30.50
N THR H 21 -50.07 -11.69 30.45
CA THR H 21 -48.65 -11.43 30.53
C THR H 21 -47.89 -12.34 29.57
N GLY H 22 -46.87 -11.79 28.92
CA GLY H 22 -46.05 -12.54 28.00
C GLY H 22 -44.64 -11.99 27.96
N THR H 23 -43.81 -12.51 27.05
CA THR H 23 -42.42 -12.09 27.00
C THR H 23 -42.32 -10.64 26.53
N LYS H 24 -41.10 -10.12 26.55
CA LYS H 24 -40.87 -8.78 26.02
C LYS H 24 -41.10 -8.72 24.52
N TYR H 25 -40.94 -9.86 23.82
CA TYR H 25 -41.09 -9.87 22.37
C TYR H 25 -42.54 -9.73 21.96
N ASP H 26 -43.45 -10.47 22.61
CA ASP H 26 -44.81 -10.56 22.13
C ASP H 26 -45.63 -9.33 22.52
N VAL H 27 -45.87 -9.16 23.82
CA VAL H 27 -46.78 -8.10 24.28
C VAL H 27 -46.00 -6.83 24.58
N GLY H 28 -44.75 -6.97 25.02
CA GLY H 28 -43.97 -5.79 25.35
C GLY H 28 -43.61 -4.95 24.14
N SER H 29 -43.31 -5.61 23.02
CA SER H 29 -42.76 -4.91 21.86
C SER H 29 -43.77 -4.03 21.15
N HIS H 30 -45.04 -4.45 21.07
CA HIS H 30 -46.05 -3.75 20.28
C HIS H 30 -47.28 -3.48 21.13
N ASP H 31 -48.08 -2.53 20.69
CA ASP H 31 -49.36 -2.19 21.31
C ASP H 31 -50.52 -3.01 20.76
N LEU H 32 -50.24 -4.20 20.22
CA LEU H 32 -51.25 -5.02 19.56
C LEU H 32 -51.78 -6.04 20.56
N VAL H 33 -52.87 -5.66 21.22
CA VAL H 33 -53.59 -6.53 22.16
C VAL H 33 -55.07 -6.35 21.94
N SER H 34 -55.82 -7.44 22.03
CA SER H 34 -57.26 -7.41 21.88
C SER H 34 -57.89 -8.47 22.77
N TRP H 35 -59.10 -8.17 23.24
CA TRP H 35 -59.82 -9.01 24.20
C TRP H 35 -61.13 -9.47 23.57
N TYR H 36 -61.35 -10.79 23.57
CA TYR H 36 -62.54 -11.39 22.99
C TYR H 36 -63.36 -12.07 24.08
N GLN H 37 -64.63 -11.70 24.16
CA GLN H 37 -65.57 -12.36 25.06
C GLN H 37 -66.10 -13.63 24.40
N GLN H 38 -66.50 -14.60 25.23
CA GLN H 38 -67.16 -15.80 24.72
C GLN H 38 -68.14 -16.28 25.77
N TYR H 39 -69.43 -16.19 25.46
CA TYR H 39 -70.41 -16.93 26.25
C TYR H 39 -70.22 -18.42 25.98
N PRO H 40 -70.47 -19.31 26.96
CA PRO H 40 -70.28 -20.74 26.69
C PRO H 40 -71.19 -21.23 25.57
N GLY H 41 -70.62 -22.02 24.67
CA GLY H 41 -71.38 -22.56 23.56
C GLY H 41 -71.74 -21.55 22.50
N LYS H 42 -70.93 -20.51 22.32
CA LYS H 42 -71.17 -19.49 21.31
C LYS H 42 -69.84 -19.08 20.70
N VAL H 43 -69.92 -18.49 19.51
CA VAL H 43 -68.73 -17.94 18.85
C VAL H 43 -68.22 -16.79 19.72
N PRO H 44 -66.92 -16.50 19.72
CA PRO H 44 -66.45 -15.36 20.53
C PRO H 44 -67.03 -14.04 20.04
N LYS H 45 -66.91 -13.03 20.90
CA LYS H 45 -67.37 -11.68 20.62
C LYS H 45 -66.16 -10.78 20.69
N TYR H 46 -66.29 -9.58 20.13
CA TYR H 46 -65.17 -8.71 19.80
C TYR H 46 -65.30 -7.41 20.60
N MET H 47 -64.49 -7.28 21.66
CA MET H 47 -64.74 -6.33 22.75
C MET H 47 -63.78 -5.16 22.79
N ILE H 48 -62.47 -5.42 22.75
CA ILE H 48 -61.45 -4.37 22.82
C ILE H 48 -60.52 -4.54 21.63
N TYR H 49 -60.30 -3.46 20.89
CA TYR H 49 -59.71 -3.58 19.57
C TYR H 49 -58.20 -3.49 19.60
N GLU H 50 -57.67 -2.31 19.91
CA GLU H 50 -56.27 -2.14 20.23
C GLU H 50 -56.11 -2.26 21.74
N VAL H 51 -54.94 -1.86 22.24
CA VAL H 51 -54.67 -1.94 23.67
C VAL H 51 -55.75 -1.21 24.47
N ASN H 52 -56.22 -0.06 23.99
CA ASN H 52 -57.23 0.73 24.71
C ASN H 52 -58.24 1.40 23.77
N LYS H 53 -58.79 0.64 22.82
CA LYS H 53 -59.84 1.14 21.94
C LYS H 53 -60.99 0.14 21.90
N ARG H 54 -62.19 0.67 21.55
CA ARG H 54 -63.44 -0.10 21.55
C ARG H 54 -63.97 -0.24 20.12
N PRO H 55 -64.55 -1.38 19.72
CA PRO H 55 -65.23 -1.43 18.43
C PRO H 55 -66.60 -0.78 18.48
N SER H 56 -67.33 -0.90 17.38
CA SER H 56 -68.70 -0.41 17.31
C SER H 56 -69.62 -1.27 18.17
N GLY H 57 -70.52 -0.61 18.89
CA GLY H 57 -71.56 -1.29 19.64
C GLY H 57 -71.13 -1.85 20.97
N VAL H 58 -69.84 -1.80 21.31
CA VAL H 58 -69.37 -2.32 22.58
C VAL H 58 -69.57 -1.26 23.66
N SER H 59 -70.12 -1.67 24.79
CA SER H 59 -70.42 -0.74 25.87
C SER H 59 -69.14 -0.17 26.45
N ASN H 60 -69.25 1.04 27.01
CA ASN H 60 -68.10 1.67 27.67
C ASN H 60 -67.79 1.05 29.03
N ARG H 61 -68.53 0.04 29.46
CA ARG H 61 -68.17 -0.71 30.67
C ARG H 61 -66.79 -1.35 30.55
N PHE H 62 -66.35 -1.67 29.34
CA PHE H 62 -65.10 -2.38 29.10
C PHE H 62 -64.02 -1.39 28.69
N SER H 63 -62.81 -1.59 29.19
CA SER H 63 -61.68 -0.75 28.84
C SER H 63 -60.40 -1.54 29.01
N GLY H 64 -59.35 -1.11 28.30
CA GLY H 64 -58.09 -1.80 28.26
C GLY H 64 -56.94 -0.97 28.81
N SER H 65 -55.79 -1.62 28.94
CA SER H 65 -54.60 -0.99 29.49
C SER H 65 -53.40 -1.89 29.23
N LYS H 66 -52.21 -1.31 29.35
CA LYS H 66 -50.97 -2.07 29.21
C LYS H 66 -49.89 -1.41 30.05
N SER H 67 -48.98 -2.23 30.56
CA SER H 67 -47.83 -1.76 31.33
C SER H 67 -46.70 -2.77 31.17
N GLY H 68 -45.63 -2.37 30.52
CA GLY H 68 -44.49 -3.26 30.34
C GLY H 68 -44.86 -4.49 29.54
N ASN H 69 -44.50 -5.65 30.06
CA ASN H 69 -44.75 -6.92 29.39
C ASN H 69 -46.07 -7.55 29.79
N THR H 70 -47.06 -6.75 30.21
CA THR H 70 -48.35 -7.27 30.61
C THR H 70 -49.43 -6.26 30.28
N ALA H 71 -50.66 -6.76 30.13
CA ALA H 71 -51.81 -5.93 29.80
C ALA H 71 -53.04 -6.53 30.48
N SER H 72 -54.08 -5.71 30.62
CA SER H 72 -55.25 -6.13 31.35
C SER H 72 -56.51 -5.41 30.88
N LEU H 73 -57.61 -6.16 30.79
CA LEU H 73 -58.93 -5.61 30.56
C LEU H 73 -59.51 -5.11 31.88
N THR H 74 -60.41 -4.15 31.79
CA THR H 74 -61.14 -3.64 32.94
C THR H 74 -62.63 -3.72 32.66
N ILE H 75 -63.35 -4.45 33.52
CA ILE H 75 -64.80 -4.59 33.43
C ILE H 75 -65.39 -3.76 34.57
N SER H 76 -66.30 -2.86 34.24
CA SER H 76 -66.88 -1.92 35.18
C SER H 76 -68.40 -2.05 35.18
N GLY H 77 -69.00 -1.82 36.35
CA GLY H 77 -70.44 -1.95 36.50
C GLY H 77 -70.92 -3.35 36.20
N LEU H 78 -70.51 -4.31 37.02
CA LEU H 78 -70.77 -5.72 36.74
C LEU H 78 -72.27 -6.01 36.79
N ARG H 79 -72.70 -6.89 35.89
CA ARG H 79 -74.05 -7.42 35.91
C ARG H 79 -74.01 -8.82 35.32
N ALA H 80 -75.15 -9.51 35.38
CA ALA H 80 -75.18 -10.92 34.96
C ALA H 80 -74.81 -11.11 33.51
N GLU H 81 -74.97 -10.08 32.68
CA GLU H 81 -74.60 -10.19 31.28
C GLU H 81 -73.10 -10.33 31.06
N ASP H 82 -72.28 -9.95 32.05
CA ASP H 82 -70.84 -10.05 31.93
C ASP H 82 -70.30 -11.41 32.33
N GLU H 83 -71.16 -12.38 32.62
CA GLU H 83 -70.73 -13.73 33.00
C GLU H 83 -70.37 -14.49 31.73
N ALA H 84 -69.10 -14.42 31.33
CA ALA H 84 -68.63 -15.08 30.14
C ALA H 84 -67.11 -15.20 30.19
N ASP H 85 -66.57 -16.04 29.33
CA ASP H 85 -65.12 -16.20 29.22
C ASP H 85 -64.52 -15.05 28.43
N TYR H 86 -63.28 -14.68 28.78
CA TYR H 86 -62.56 -13.60 28.13
C TYR H 86 -61.15 -14.05 27.80
N TYR H 87 -60.79 -13.98 26.52
CA TYR H 87 -59.47 -14.38 26.04
C TYR H 87 -58.72 -13.16 25.52
N CYS H 88 -57.42 -13.11 25.78
CA CYS H 88 -56.55 -12.11 25.19
C CYS H 88 -55.77 -12.71 24.03
N CYS H 89 -55.74 -11.99 22.92
CA CYS H 89 -54.92 -12.34 21.76
C CYS H 89 -54.06 -11.12 21.45
N SER H 90 -52.80 -11.37 21.13
CA SER H 90 -51.84 -10.29 20.96
C SER H 90 -50.78 -10.70 19.96
N PHE H 91 -50.10 -9.69 19.42
CA PHE H 91 -48.96 -9.96 18.56
C PHE H 91 -47.91 -10.78 19.30
N GLY H 92 -47.38 -11.79 18.63
CA GLY H 92 -46.41 -12.67 19.24
C GLY H 92 -45.58 -13.36 18.17
N GLY H 93 -44.37 -13.73 18.55
CA GLY H 93 -43.50 -14.38 17.60
C GLY H 93 -43.04 -13.41 16.52
N SER H 94 -42.71 -13.98 15.36
CA SER H 94 -42.16 -13.18 14.27
C SER H 94 -43.27 -12.37 13.58
N ALA H 95 -44.22 -13.06 12.97
CA ALA H 95 -45.34 -12.43 12.29
C ALA H 95 -46.60 -13.21 12.62
N THR H 96 -46.76 -13.54 13.91
CA THR H 96 -47.83 -14.39 14.41
C THR H 96 -48.61 -13.65 15.48
N VAL H 97 -49.72 -14.25 15.91
CA VAL H 97 -50.46 -13.81 17.08
C VAL H 97 -50.70 -15.02 17.95
N VAL H 98 -50.57 -14.82 19.27
CA VAL H 98 -50.66 -15.88 20.26
C VAL H 98 -51.71 -15.49 21.28
N CYS H 99 -52.55 -16.44 21.66
CA CYS H 99 -53.73 -16.18 22.48
C CYS H 99 -53.62 -16.91 23.82
N GLY H 100 -54.25 -16.32 24.84
CA GLY H 100 -54.17 -16.87 26.17
C GLY H 100 -55.22 -17.94 26.44
N GLY H 101 -55.15 -18.51 27.64
CA GLY H 101 -56.03 -19.60 28.02
C GLY H 101 -57.44 -19.19 28.35
N GLY H 102 -57.66 -17.93 28.74
CA GLY H 102 -59.00 -17.44 29.03
C GLY H 102 -59.33 -17.37 30.51
N THR H 103 -60.16 -16.39 30.87
CA THR H 103 -60.60 -16.18 32.25
C THR H 103 -62.12 -16.19 32.30
N LYS H 104 -62.67 -16.91 33.27
CA LYS H 104 -64.12 -16.93 33.47
C LYS H 104 -64.52 -15.87 34.47
N VAL H 105 -65.70 -15.28 34.25
CA VAL H 105 -66.24 -14.22 35.10
C VAL H 105 -67.54 -14.73 35.73
N THR H 106 -67.60 -14.67 37.06
CA THR H 106 -68.78 -15.07 37.83
C THR H 106 -69.28 -13.88 38.62
N VAL H 107 -70.51 -13.46 38.34
CA VAL H 107 -71.14 -12.32 39.00
C VAL H 107 -72.02 -12.86 40.12
N LEU H 108 -71.71 -12.46 41.35
CA LEU H 108 -72.38 -12.98 42.53
C LEU H 108 -73.77 -12.38 42.69
N GLU I 1 46.18 49.39 17.62
CA GLU I 1 46.37 48.43 16.53
C GLU I 1 45.76 47.06 16.86
N ASN I 2 44.91 47.00 17.88
CA ASN I 2 44.24 45.75 18.21
C ASN I 2 43.34 45.32 17.06
N LEU I 3 43.44 44.05 16.69
CA LEU I 3 42.78 43.50 15.53
C LEU I 3 41.59 42.65 15.96
N TRP I 4 40.42 42.93 15.41
CA TRP I 4 39.17 42.31 15.83
C TRP I 4 38.62 41.42 14.73
N VAL I 5 38.03 40.30 15.12
CA VAL I 5 37.44 39.36 14.18
C VAL I 5 36.02 39.80 13.84
N THR I 6 35.59 39.49 12.62
CA THR I 6 34.24 39.82 12.15
C THR I 6 33.65 38.59 11.47
N VAL I 7 32.34 38.66 11.23
CA VAL I 7 31.58 37.56 10.65
C VAL I 7 30.79 38.07 9.46
N TYR I 8 30.73 37.26 8.41
CA TYR I 8 29.98 37.57 7.20
C TYR I 8 29.01 36.45 6.90
N TYR I 9 27.82 36.82 6.41
CA TYR I 9 26.77 35.86 6.07
C TYR I 9 26.39 36.03 4.62
N GLY I 10 26.27 34.90 3.92
CA GLY I 10 26.04 34.92 2.49
C GLY I 10 27.29 34.97 1.65
N VAL I 11 28.42 34.51 2.16
CA VAL I 11 29.66 34.54 1.38
C VAL I 11 29.64 33.39 0.38
N PRO I 12 30.30 33.53 -0.79
CA PRO I 12 30.31 32.43 -1.77
C PRO I 12 31.37 31.37 -1.50
N VAL I 13 31.06 30.39 -0.66
CA VAL I 13 31.89 29.20 -0.49
C VAL I 13 30.98 27.99 -0.45
N TRP I 14 31.56 26.81 -0.70
CA TRP I 14 30.77 25.59 -0.82
C TRP I 14 31.59 24.39 -0.39
N LYS I 15 30.87 23.30 -0.13
CA LYS I 15 31.46 21.99 0.13
C LYS I 15 30.54 20.91 -0.43
N GLU I 16 31.13 19.79 -0.82
CA GLU I 16 30.35 18.73 -1.47
C GLU I 16 29.35 18.11 -0.50
N ALA I 17 28.26 17.57 -1.05
CA ALA I 17 27.22 16.98 -0.23
C ALA I 17 26.42 15.99 -1.09
N LYS I 18 25.50 15.29 -0.42
CA LYS I 18 24.70 14.23 -1.02
C LYS I 18 23.21 14.45 -0.79
N THR I 19 22.71 15.64 -1.10
CA THR I 19 21.31 15.96 -0.90
C THR I 19 20.42 15.11 -1.80
N THR I 20 19.11 15.34 -1.66
CA THR I 20 18.11 14.66 -2.48
C THR I 20 17.72 15.58 -3.64
N LEU I 21 18.16 15.22 -4.84
CA LEU I 21 17.81 15.99 -6.03
C LEU I 21 16.41 15.64 -6.48
N PHE I 22 15.80 16.51 -7.30
CA PHE I 22 14.42 16.34 -7.70
C PHE I 22 14.23 16.74 -9.16
N CYS I 23 13.00 16.60 -9.63
CA CYS I 23 12.59 16.71 -11.02
C CYS I 23 11.21 17.34 -11.06
N ALA I 24 10.98 18.41 -11.83
CA ALA I 24 11.61 19.21 -12.91
C ALA I 24 11.76 18.47 -14.24
N SER I 25 10.63 18.11 -14.83
CA SER I 25 10.59 17.57 -16.19
C SER I 25 10.59 18.73 -17.19
N ASP I 26 10.33 18.41 -18.46
CA ASP I 26 10.32 19.43 -19.52
C ASP I 26 9.08 20.31 -19.49
N ALA I 27 8.01 19.90 -18.81
CA ALA I 27 6.78 20.66 -18.63
C ALA I 27 6.00 20.88 -19.91
N ARG I 28 6.33 20.18 -21.00
CA ARG I 28 5.55 20.20 -22.23
C ARG I 28 4.65 18.99 -22.36
N ALA I 29 5.11 17.83 -21.91
CA ALA I 29 4.31 16.61 -21.94
C ALA I 29 3.45 16.46 -20.69
N TYR I 30 2.66 17.48 -20.35
CA TYR I 30 1.80 17.46 -19.17
C TYR I 30 0.33 17.69 -19.53
N GLU I 31 -0.07 17.21 -20.70
CA GLU I 31 -1.44 16.77 -20.95
C GLU I 31 -1.55 15.38 -20.36
N LYS I 32 -2.51 14.55 -20.81
CA LYS I 32 -2.63 13.18 -20.32
C LYS I 32 -1.33 12.38 -20.33
N GLU I 33 -0.31 12.81 -21.09
CA GLU I 33 1.00 12.17 -21.08
C GLU I 33 1.63 12.13 -19.69
N VAL I 34 1.27 13.05 -18.79
CA VAL I 34 1.78 12.99 -17.42
C VAL I 34 1.39 11.68 -16.77
N HIS I 35 0.16 11.21 -17.02
CA HIS I 35 -0.26 9.90 -16.54
C HIS I 35 0.33 8.79 -17.40
N ASN I 36 0.50 9.05 -18.70
CA ASN I 36 0.90 7.97 -19.61
C ASN I 36 2.41 7.73 -19.57
N VAL I 37 3.21 8.79 -19.55
CA VAL I 37 4.65 8.63 -19.76
C VAL I 37 5.25 7.92 -18.55
N TRP I 38 6.03 6.88 -18.81
CA TRP I 38 6.85 6.26 -17.79
C TRP I 38 7.99 7.20 -17.40
N ALA I 39 8.32 7.21 -16.11
CA ALA I 39 9.45 7.99 -15.58
C ALA I 39 9.23 9.50 -15.70
N THR I 40 7.98 9.96 -15.70
CA THR I 40 7.71 11.39 -15.66
C THR I 40 6.51 11.73 -14.78
N HIS I 41 5.73 10.73 -14.36
CA HIS I 41 4.50 11.01 -13.63
C HIS I 41 4.78 11.67 -12.28
N ALA I 42 5.92 11.35 -11.67
CA ALA I 42 6.27 11.91 -10.37
C ALA I 42 7.04 13.22 -10.46
N CYS I 43 7.42 13.66 -11.67
CA CYS I 43 8.20 14.88 -11.81
C CYS I 43 7.31 16.12 -11.73
N VAL I 44 7.86 17.19 -11.18
CA VAL I 44 7.17 18.48 -11.16
C VAL I 44 7.32 19.13 -12.54
N PRO I 45 6.27 19.73 -13.11
CA PRO I 45 6.45 20.45 -14.38
C PRO I 45 7.01 21.84 -14.12
N THR I 46 8.23 22.08 -14.61
CA THR I 46 8.91 23.37 -14.45
C THR I 46 9.63 23.71 -15.74
N ASP I 47 10.13 24.94 -15.81
CA ASP I 47 10.83 25.47 -16.98
C ASP I 47 12.17 26.03 -16.54
N PRO I 48 13.12 25.17 -16.16
CA PRO I 48 14.43 25.67 -15.68
C PRO I 48 15.31 26.20 -16.81
N SER I 49 15.53 27.51 -16.81
CA SER I 49 16.36 28.11 -17.84
C SER I 49 17.84 27.91 -17.51
N PRO I 50 18.73 28.02 -18.50
CA PRO I 50 20.17 27.98 -18.19
C PRO I 50 20.60 29.25 -17.47
N GLN I 51 21.83 29.20 -16.97
CA GLN I 51 22.49 30.36 -16.37
C GLN I 51 23.87 30.52 -17.01
N GLU I 52 24.20 31.76 -17.37
CA GLU I 52 25.36 32.07 -18.18
C GLU I 52 26.64 32.22 -17.38
N LEU I 53 26.60 32.11 -16.05
CA LEU I 53 27.79 31.99 -15.24
C LEU I 53 28.26 30.55 -15.32
N VAL I 54 29.51 30.30 -15.72
CA VAL I 54 30.74 31.07 -15.97
C VAL I 54 31.08 31.90 -14.75
N LEU I 55 31.76 31.24 -13.80
CA LEU I 55 32.16 31.84 -12.54
C LEU I 55 33.36 32.75 -12.66
N GLY I 56 34.22 32.53 -13.67
CA GLY I 56 35.41 33.32 -13.85
C GLY I 56 36.68 32.60 -13.46
N ASN I 57 37.22 32.92 -12.29
CA ASN I 57 38.50 32.36 -11.83
C ASN I 57 38.33 31.07 -11.03
N VAL I 58 37.22 30.35 -11.12
CA VAL I 58 37.03 29.14 -10.33
C VAL I 58 37.73 27.97 -11.01
N THR I 59 38.46 27.19 -10.21
CA THR I 59 39.07 25.94 -10.66
C THR I 59 38.62 24.84 -9.71
N GLU I 60 37.68 24.00 -10.18
CA GLU I 60 36.97 23.05 -9.34
C GLU I 60 37.27 21.64 -9.78
N ASN I 61 37.49 20.75 -8.82
CA ASN I 61 37.70 19.34 -9.11
C ASN I 61 36.36 18.66 -9.36
N PHE I 62 36.34 17.78 -10.35
CA PHE I 62 35.16 17.01 -10.70
C PHE I 62 35.51 15.53 -10.69
N ASN I 63 34.47 14.70 -10.58
CA ASN I 63 34.63 13.25 -10.63
C ASN I 63 33.39 12.67 -11.28
N MET I 64 33.52 11.45 -11.78
CA MET I 64 32.47 10.77 -12.53
C MET I 64 32.18 9.36 -12.03
N TRP I 65 33.17 8.66 -11.49
CA TRP I 65 32.99 7.28 -11.03
C TRP I 65 32.84 7.17 -9.52
N LYS I 66 33.22 8.20 -8.75
CA LYS I 66 32.86 8.32 -7.35
C LYS I 66 31.60 9.15 -7.13
N ASN I 67 30.98 9.64 -8.21
CA ASN I 67 29.74 10.40 -8.09
C ASN I 67 28.63 9.51 -7.55
N ASP I 68 27.70 10.11 -6.81
CA ASP I 68 26.51 9.42 -6.32
C ASP I 68 25.21 10.08 -6.77
N MET I 69 25.28 11.15 -7.56
CA MET I 69 24.08 11.66 -8.22
C MET I 69 23.52 10.64 -9.19
N VAL I 70 24.40 9.95 -9.92
CA VAL I 70 23.96 8.90 -10.83
C VAL I 70 23.30 7.76 -10.06
N ASP I 71 23.76 7.49 -8.83
CA ASP I 71 23.10 6.46 -8.03
C ASP I 71 21.72 6.91 -7.57
N GLN I 72 21.53 8.19 -7.30
CA GLN I 72 20.19 8.69 -7.02
C GLN I 72 19.29 8.54 -8.24
N MET I 73 19.82 8.79 -9.44
CA MET I 73 19.04 8.54 -10.64
C MET I 73 18.71 7.05 -10.78
N HIS I 74 19.67 6.19 -10.47
CA HIS I 74 19.44 4.74 -10.49
C HIS I 74 18.28 4.36 -9.57
N GLU I 75 18.32 4.83 -8.33
CA GLU I 75 17.26 4.51 -7.38
C GLU I 75 15.92 5.07 -7.86
N ASP I 76 15.92 6.27 -8.42
CA ASP I 76 14.68 6.87 -8.89
C ASP I 76 14.07 6.03 -10.02
N ILE I 77 14.89 5.64 -10.99
CA ILE I 77 14.38 4.85 -12.10
C ILE I 77 13.87 3.49 -11.63
N ILE I 78 14.61 2.84 -10.73
CA ILE I 78 14.17 1.54 -10.20
C ILE I 78 12.83 1.68 -9.49
N SER I 79 12.73 2.63 -8.57
CA SER I 79 11.53 2.72 -7.74
C SER I 79 10.35 3.32 -8.48
N LEU I 80 10.60 3.99 -9.61
CA LEU I 80 9.54 4.58 -10.41
C LEU I 80 9.11 3.67 -11.56
N TRP I 81 9.92 2.66 -11.88
CA TRP I 81 9.47 1.56 -12.71
C TRP I 81 8.46 0.68 -11.97
N ASP I 82 8.74 0.36 -10.71
CA ASP I 82 7.82 -0.44 -9.91
C ASP I 82 6.52 0.29 -9.69
N GLN I 83 6.60 1.61 -9.46
CA GLN I 83 5.40 2.39 -9.16
C GLN I 83 4.42 2.40 -10.32
N SER I 84 4.91 2.24 -11.55
CA SER I 84 4.02 2.25 -12.71
C SER I 84 3.40 0.88 -12.98
N LEU I 85 4.04 -0.20 -12.57
CA LEU I 85 3.53 -1.54 -12.79
C LEU I 85 2.57 -2.00 -11.70
N LYS I 86 2.47 -1.27 -10.59
CA LYS I 86 1.60 -1.69 -9.50
C LYS I 86 0.12 -1.80 -9.86
N PRO I 87 -0.51 -0.81 -10.51
CA PRO I 87 -1.98 -0.79 -10.57
C PRO I 87 -2.62 -1.59 -11.70
N CYS I 88 -1.94 -2.51 -12.37
CA CYS I 88 -2.58 -3.27 -13.45
C CYS I 88 -2.05 -4.70 -13.48
N VAL I 89 -2.49 -5.42 -14.52
CA VAL I 89 -2.77 -6.86 -14.49
C VAL I 89 -1.60 -7.69 -14.00
N LYS I 90 -1.88 -8.68 -13.15
CA LYS I 90 -0.96 -9.78 -12.90
C LYS I 90 -1.32 -10.97 -13.79
N LEU I 91 -0.31 -11.63 -14.33
CA LEU I 91 -0.51 -12.78 -15.21
C LEU I 91 -0.35 -14.11 -14.48
N THR I 92 -0.74 -14.17 -13.22
CA THR I 92 -0.85 -15.47 -12.56
C THR I 92 -1.84 -16.42 -13.23
N PRO I 93 -3.00 -16.00 -13.71
CA PRO I 93 -3.89 -16.96 -14.39
C PRO I 93 -3.31 -17.57 -15.64
N LEU I 94 -2.31 -16.93 -16.26
CA LEU I 94 -1.68 -17.47 -17.47
C LEU I 94 -0.67 -18.57 -17.17
N CYS I 95 -0.28 -18.77 -15.92
CA CYS I 95 0.70 -19.78 -15.57
C CYS I 95 0.02 -21.15 -15.54
N VAL I 96 -0.25 -21.66 -16.73
CA VAL I 96 -0.96 -22.92 -16.93
C VAL I 96 -0.15 -23.80 -17.86
N THR I 97 -0.68 -24.98 -18.20
CA THR I 97 -0.07 -25.84 -19.20
C THR I 97 -0.50 -25.39 -20.59
N LEU I 98 0.47 -25.11 -21.45
CA LEU I 98 0.22 -24.66 -22.82
C LEU I 98 0.45 -25.82 -23.77
N ILE I 99 -0.58 -26.18 -24.52
CA ILE I 99 -0.49 -27.18 -25.58
C ILE I 99 -0.29 -26.43 -26.89
N CYS I 100 0.92 -26.53 -27.46
CA CYS I 100 1.31 -25.67 -28.56
C CYS I 100 1.97 -26.49 -29.66
N SER I 101 1.80 -26.03 -30.89
CA SER I 101 2.36 -26.68 -32.07
C SER I 101 2.93 -25.60 -32.97
N ASP I 102 3.34 -26.00 -34.17
CA ASP I 102 3.87 -25.05 -35.14
C ASP I 102 2.82 -24.01 -35.49
N ALA I 103 3.23 -22.74 -35.51
CA ALA I 103 2.36 -21.69 -36.02
C ALA I 103 2.29 -21.79 -37.54
N THR I 104 1.08 -22.01 -38.06
CA THR I 104 0.91 -22.41 -39.45
C THR I 104 -0.34 -21.77 -40.02
N VAL I 105 -0.38 -21.68 -41.35
CA VAL I 105 -1.49 -21.10 -42.11
C VAL I 105 -1.88 -22.13 -43.16
N LYS I 106 -2.69 -21.71 -44.15
CA LYS I 106 -3.11 -22.57 -45.26
C LYS I 106 -1.96 -23.42 -45.80
N THR I 107 -0.76 -22.87 -45.88
CA THR I 107 0.43 -23.66 -46.16
C THR I 107 1.62 -22.95 -45.53
N GLY I 108 2.63 -23.72 -45.14
CA GLY I 108 3.89 -23.15 -44.69
C GLY I 108 3.88 -22.66 -43.25
N THR I 109 5.02 -22.79 -42.57
CA THR I 109 5.16 -22.45 -41.17
C THR I 109 5.83 -21.10 -40.99
N VAL I 110 5.89 -20.65 -39.74
CA VAL I 110 6.59 -19.43 -39.34
C VAL I 110 7.47 -19.75 -38.16
N GLU I 111 8.70 -19.24 -38.19
CA GLU I 111 9.64 -19.48 -37.10
C GLU I 111 9.44 -18.43 -36.01
N GLU I 112 10.09 -18.67 -34.87
CA GLU I 112 10.18 -17.74 -33.74
C GLU I 112 8.88 -17.66 -32.93
N MET I 113 7.78 -18.24 -33.40
CA MET I 113 6.49 -18.10 -32.74
C MET I 113 5.74 -19.43 -32.72
N LYS I 114 5.17 -19.74 -31.56
CA LYS I 114 4.45 -20.98 -31.31
C LYS I 114 2.98 -20.66 -31.12
N ASN I 115 2.11 -21.48 -31.70
CA ASN I 115 0.66 -21.29 -31.61
C ASN I 115 0.15 -22.05 -30.39
N CYS I 116 0.15 -21.38 -29.24
CA CYS I 116 -0.17 -22.01 -27.97
C CYS I 116 -1.65 -21.93 -27.69
N SER I 117 -2.19 -22.99 -27.07
CA SER I 117 -3.58 -23.05 -26.65
C SER I 117 -3.65 -23.44 -25.19
N PHE I 118 -4.53 -22.77 -24.43
CA PHE I 118 -4.60 -22.95 -22.99
C PHE I 118 -6.02 -22.69 -22.51
N ASN I 119 -6.38 -23.34 -21.39
CA ASN I 119 -7.70 -23.18 -20.78
C ASN I 119 -7.65 -21.98 -19.85
N THR I 120 -8.28 -20.89 -20.26
CA THR I 120 -8.29 -19.67 -19.47
C THR I 120 -9.62 -19.52 -18.74
N THR I 121 -9.56 -18.90 -17.56
CA THR I 121 -10.78 -18.68 -16.79
C THR I 121 -11.60 -17.56 -17.41
N THR I 122 -12.92 -17.73 -17.43
CA THR I 122 -13.81 -16.67 -17.85
C THR I 122 -14.01 -15.70 -16.70
N GLU I 123 -14.93 -14.74 -16.84
CA GLU I 123 -15.27 -13.91 -15.70
C GLU I 123 -15.92 -14.74 -14.59
N ILE I 124 -16.73 -15.71 -14.98
CA ILE I 124 -17.38 -16.60 -14.01
C ILE I 124 -16.37 -17.64 -13.56
N ARG I 125 -16.27 -17.83 -12.25
CA ARG I 125 -15.23 -18.69 -11.70
C ARG I 125 -15.39 -20.14 -12.13
N ASP I 126 -16.62 -20.62 -12.26
CA ASP I 126 -16.84 -22.04 -12.57
C ASP I 126 -16.38 -22.40 -13.96
N LYS I 127 -16.63 -21.54 -14.95
CA LYS I 127 -16.49 -21.89 -16.36
C LYS I 127 -15.09 -21.53 -16.84
N GLU I 128 -14.43 -22.48 -17.50
CA GLU I 128 -13.15 -22.27 -18.15
C GLU I 128 -13.33 -22.38 -19.66
N LYS I 129 -12.64 -21.50 -20.39
CA LYS I 129 -12.75 -21.41 -21.84
C LYS I 129 -11.41 -21.76 -22.45
N LYS I 130 -11.44 -22.45 -23.59
CA LYS I 130 -10.22 -22.75 -24.33
C LYS I 130 -9.85 -21.57 -25.23
N GLU I 131 -8.61 -21.11 -25.11
CA GLU I 131 -8.16 -19.88 -25.75
C GLU I 131 -6.76 -20.12 -26.30
N TYR I 132 -6.33 -19.26 -27.23
CA TYR I 132 -5.02 -19.43 -27.86
C TYR I 132 -4.37 -18.06 -28.07
N ALA I 133 -3.07 -18.09 -28.35
CA ALA I 133 -2.32 -16.89 -28.69
C ALA I 133 -0.94 -17.30 -29.15
N LEU I 134 -0.35 -16.52 -30.05
CA LEU I 134 0.96 -16.83 -30.63
C LEU I 134 2.04 -16.27 -29.71
N PHE I 135 2.64 -17.14 -28.91
CA PHE I 135 3.75 -16.74 -28.04
C PHE I 135 5.06 -16.91 -28.78
N TYR I 136 5.96 -15.95 -28.59
CA TYR I 136 7.31 -16.13 -29.06
C TYR I 136 7.96 -17.30 -28.34
N LYS I 137 9.02 -17.82 -28.93
CA LYS I 137 9.97 -18.64 -28.20
C LYS I 137 10.87 -17.62 -27.50
N PRO I 138 11.95 -18.02 -26.83
CA PRO I 138 12.35 -17.39 -25.55
C PRO I 138 11.30 -17.19 -24.46
N ASP I 139 10.08 -16.74 -24.75
CA ASP I 139 9.05 -16.65 -23.71
C ASP I 139 8.55 -18.02 -23.25
N ILE I 140 8.90 -19.09 -23.94
CA ILE I 140 8.25 -20.40 -23.81
C ILE I 140 9.31 -21.45 -23.52
N VAL I 141 9.01 -22.36 -22.60
CA VAL I 141 9.95 -23.38 -22.12
C VAL I 141 9.24 -24.73 -22.10
N PRO I 142 9.90 -25.85 -22.44
CA PRO I 142 9.22 -27.14 -22.31
C PRO I 142 8.90 -27.47 -20.86
N LEU I 143 7.81 -28.20 -20.66
CA LEU I 143 7.32 -28.49 -19.33
C LEU I 143 7.99 -29.74 -18.77
N SER I 144 8.01 -29.83 -17.45
CA SER I 144 8.72 -30.91 -16.77
C SER I 144 7.86 -32.17 -16.69
N GLU I 145 8.55 -33.31 -16.58
CA GLU I 145 7.96 -34.61 -16.26
C GLU I 145 7.16 -35.23 -17.41
N THR I 146 7.04 -34.54 -18.54
CA THR I 146 6.38 -35.12 -19.71
C THR I 146 7.42 -35.71 -20.66
N ASN I 147 6.99 -36.67 -21.46
CA ASN I 147 7.89 -37.43 -22.33
C ASN I 147 8.16 -36.69 -23.63
N ASN I 148 8.73 -35.49 -23.48
CA ASN I 148 9.09 -34.63 -24.61
C ASN I 148 7.89 -34.33 -25.52
N THR I 149 6.71 -34.22 -24.92
CA THR I 149 5.51 -33.94 -25.68
C THR I 149 5.43 -32.45 -26.00
N SER I 150 4.26 -32.03 -26.49
CA SER I 150 4.05 -30.64 -26.91
C SER I 150 3.48 -29.79 -25.79
N GLU I 151 3.78 -30.13 -24.55
CA GLU I 151 3.35 -29.34 -23.39
C GLU I 151 4.46 -28.35 -23.03
N TYR I 152 4.09 -27.08 -22.91
CA TYR I 152 5.04 -25.99 -22.66
C TYR I 152 4.47 -25.09 -21.59
N ARG I 153 5.32 -24.20 -21.06
CA ARG I 153 4.91 -23.24 -20.05
C ARG I 153 5.64 -21.93 -20.27
N LEU I 154 5.18 -20.89 -19.58
CA LEU I 154 5.86 -19.61 -19.66
C LEU I 154 7.20 -19.66 -18.92
N ILE I 155 8.07 -18.72 -19.26
CA ILE I 155 9.44 -18.75 -18.75
C ILE I 155 9.46 -18.54 -17.24
N ASN I 156 8.65 -17.61 -16.74
CA ASN I 156 8.80 -17.13 -15.38
C ASN I 156 7.98 -17.88 -14.33
N CYS I 157 7.26 -18.94 -14.72
CA CYS I 157 6.39 -19.62 -13.76
C CYS I 157 7.17 -20.17 -12.57
N ASN I 158 8.43 -20.56 -12.77
CA ASN I 158 9.22 -21.15 -11.70
C ASN I 158 10.01 -20.13 -10.90
N THR I 159 9.88 -18.82 -11.17
CA THR I 159 10.58 -17.80 -10.39
C THR I 159 9.72 -16.63 -9.93
N SER I 160 8.69 -16.21 -10.65
CA SER I 160 7.88 -15.07 -10.22
C SER I 160 6.67 -14.93 -11.14
N ALA I 161 5.77 -14.04 -10.76
CA ALA I 161 4.56 -13.74 -11.54
C ALA I 161 4.71 -12.35 -12.16
N CYS I 162 4.67 -12.29 -13.49
CA CYS I 162 4.93 -11.04 -14.18
C CYS I 162 3.64 -10.28 -14.46
N THR I 163 3.67 -8.99 -14.14
CA THR I 163 2.55 -8.10 -14.43
C THR I 163 2.63 -7.60 -15.86
N GLN I 164 1.49 -7.56 -16.53
CA GLN I 164 1.42 -6.93 -17.84
C GLN I 164 1.59 -5.43 -17.68
N ALA I 165 2.46 -4.83 -18.49
CA ALA I 165 2.61 -3.39 -18.46
C ALA I 165 1.31 -2.76 -18.95
N CYS I 166 0.85 -1.76 -18.21
CA CYS I 166 -0.40 -1.08 -18.47
C CYS I 166 -0.33 -0.50 -19.89
N PRO I 167 -1.12 -0.98 -20.87
CA PRO I 167 -0.90 -0.51 -22.25
C PRO I 167 -1.13 0.97 -22.45
N LYS I 168 -1.87 1.63 -21.57
CA LYS I 168 -1.96 3.08 -21.60
C LYS I 168 -0.63 3.74 -21.31
N VAL I 169 0.20 3.12 -20.47
CA VAL I 169 1.51 3.67 -20.14
C VAL I 169 2.42 3.60 -21.36
N THR I 170 3.24 4.63 -21.54
CA THR I 170 4.10 4.77 -22.72
C THR I 170 5.56 4.70 -22.28
N PHE I 171 6.35 3.91 -22.97
CA PHE I 171 7.80 3.85 -22.78
C PHE I 171 8.43 4.81 -23.78
N GLU I 172 8.89 5.96 -23.28
CA GLU I 172 9.59 6.91 -24.12
C GLU I 172 10.57 7.68 -23.24
N PRO I 173 11.82 7.90 -23.69
CA PRO I 173 12.73 8.74 -22.90
C PRO I 173 12.42 10.23 -22.99
N ILE I 174 11.37 10.67 -22.32
CA ILE I 174 11.11 12.11 -22.22
C ILE I 174 12.22 12.74 -21.36
N PRO I 175 12.82 13.87 -21.75
CA PRO I 175 14.01 14.34 -21.02
C PRO I 175 13.70 14.73 -19.58
N ILE I 176 14.69 14.52 -18.71
CA ILE I 176 14.57 14.73 -17.28
C ILE I 176 15.67 15.71 -16.86
N HIS I 177 15.27 16.76 -16.15
CA HIS I 177 16.20 17.71 -15.56
C HIS I 177 16.26 17.46 -14.06
N TYR I 178 17.48 17.34 -13.54
CA TYR I 178 17.70 17.19 -12.11
C TYR I 178 18.10 18.54 -11.51
N CYS I 179 17.55 18.81 -10.32
CA CYS I 179 17.80 20.06 -9.62
C CYS I 179 18.23 19.76 -8.20
N ALA I 180 19.01 20.69 -7.61
CA ALA I 180 19.37 20.60 -6.21
C ALA I 180 18.42 21.45 -5.36
N PRO I 181 18.12 21.09 -4.11
CA PRO I 181 17.21 21.93 -3.33
C PRO I 181 17.84 23.28 -3.02
N ALA I 182 17.07 24.13 -2.35
CA ALA I 182 17.61 25.40 -1.91
C ALA I 182 18.73 25.17 -0.91
N GLY I 183 19.76 26.01 -0.99
CA GLY I 183 20.94 25.86 -0.17
C GLY I 183 22.04 25.02 -0.77
N TYR I 184 21.78 24.35 -1.90
CA TYR I 184 22.78 23.63 -2.66
C TYR I 184 22.83 24.21 -4.05
N ALA I 185 23.89 23.88 -4.79
CA ALA I 185 24.08 24.37 -6.14
C ALA I 185 24.66 23.26 -7.01
N ILE I 186 24.34 23.31 -8.29
CA ILE I 186 24.84 22.35 -9.28
C ILE I 186 25.95 23.05 -10.07
N LEU I 187 27.12 22.41 -10.12
CA LEU I 187 28.26 22.89 -10.89
C LEU I 187 28.53 21.93 -12.04
N LYS I 188 28.91 22.48 -13.19
CA LYS I 188 29.21 21.69 -14.37
C LYS I 188 30.48 22.19 -15.02
N CYS I 189 31.21 21.27 -15.66
CA CYS I 189 32.43 21.62 -16.37
C CYS I 189 32.10 22.34 -17.66
N ASN I 190 33.12 22.94 -18.26
CA ASN I 190 33.05 23.45 -19.63
C ASN I 190 34.29 23.13 -20.47
N ASP I 191 35.36 22.61 -19.87
CA ASP I 191 36.53 22.24 -20.65
C ASP I 191 36.21 21.08 -21.57
N GLU I 192 36.79 21.12 -22.77
CA GLU I 192 36.55 20.11 -23.79
C GLU I 192 37.57 18.98 -23.64
N THR I 193 37.16 17.78 -24.05
CA THR I 193 37.98 16.58 -23.88
C THR I 193 38.28 16.33 -22.42
N PHE I 194 37.26 16.44 -21.58
CA PHE I 194 37.39 16.15 -20.16
C PHE I 194 37.35 14.64 -19.96
N ASN I 195 38.39 14.09 -19.35
CA ASN I 195 38.52 12.64 -19.20
C ASN I 195 37.77 12.08 -18.00
N GLY I 196 36.89 12.87 -17.37
CA GLY I 196 36.04 12.38 -16.31
C GLY I 196 36.53 12.64 -14.91
N THR I 197 37.82 12.93 -14.73
CA THR I 197 38.38 13.27 -13.43
C THR I 197 39.40 14.37 -13.61
N GLY I 198 39.68 15.08 -12.52
CA GLY I 198 40.62 16.17 -12.53
C GLY I 198 39.95 17.52 -12.61
N PRO I 199 40.73 18.59 -12.55
CA PRO I 199 40.15 19.93 -12.48
C PRO I 199 39.51 20.36 -13.80
N CYS I 200 38.56 21.28 -13.69
CA CYS I 200 37.97 21.97 -14.82
C CYS I 200 38.17 23.47 -14.64
N SER I 201 38.98 24.06 -15.52
CA SER I 201 39.34 25.47 -15.40
C SER I 201 38.21 26.42 -15.79
N ASN I 202 37.12 25.91 -16.36
CA ASN I 202 35.97 26.71 -16.75
C ASN I 202 34.72 26.03 -16.23
N VAL I 203 34.10 26.62 -15.20
CA VAL I 203 33.01 26.00 -14.46
C VAL I 203 31.83 26.95 -14.44
N SER I 204 30.63 26.39 -14.32
CA SER I 204 29.38 27.14 -14.38
C SER I 204 28.41 26.63 -13.33
N THR I 205 27.58 27.53 -12.80
CA THR I 205 26.42 27.15 -12.01
C THR I 205 25.20 27.06 -12.90
N VAL I 206 24.30 26.12 -12.57
CA VAL I 206 23.07 25.93 -13.31
C VAL I 206 21.96 25.66 -12.30
N GLN I 207 20.76 26.15 -12.61
CA GLN I 207 19.61 25.87 -11.75
C GLN I 207 19.25 24.38 -11.79
N CYS I 208 19.14 23.80 -12.99
CA CYS I 208 18.82 22.39 -13.15
C CYS I 208 19.60 21.82 -14.32
N THR I 209 19.84 20.52 -14.27
CA THR I 209 20.70 19.86 -15.23
C THR I 209 20.10 19.89 -16.64
N HIS I 210 20.97 19.68 -17.62
CA HIS I 210 20.63 19.47 -19.02
C HIS I 210 19.58 18.36 -19.16
N GLY I 211 18.80 18.38 -20.22
CA GLY I 211 17.69 17.46 -20.37
C GLY I 211 18.09 16.02 -20.62
N ILE I 212 18.61 15.37 -19.58
CA ILE I 212 19.03 13.98 -19.67
C ILE I 212 17.86 13.11 -20.09
N ARG I 213 18.13 12.16 -21.02
CA ARG I 213 17.17 11.18 -21.48
C ARG I 213 17.35 9.87 -20.73
N PRO I 214 16.32 9.26 -20.08
CA PRO I 214 16.51 7.98 -19.41
C PRO I 214 16.45 6.77 -20.34
N VAL I 215 17.32 6.77 -21.36
CA VAL I 215 17.42 5.62 -22.26
C VAL I 215 18.09 4.48 -21.52
N VAL I 216 17.63 3.25 -21.78
CA VAL I 216 18.28 2.05 -21.28
C VAL I 216 18.50 1.09 -22.45
N SER I 217 19.73 0.63 -22.60
CA SER I 217 20.14 -0.24 -23.70
C SER I 217 21.42 -0.94 -23.26
N THR I 218 22.15 -1.50 -24.21
CA THR I 218 23.44 -2.09 -23.91
C THR I 218 24.27 -2.15 -25.18
N GLN I 219 25.57 -1.90 -25.03
CA GLN I 219 26.58 -2.01 -26.08
C GLN I 219 26.57 -0.87 -27.10
N LEU I 220 25.62 0.06 -27.01
CA LEU I 220 25.64 1.30 -27.77
C LEU I 220 24.68 2.26 -27.08
N LEU I 221 25.16 3.44 -26.69
CA LEU I 221 24.32 4.41 -26.00
C LEU I 221 23.60 5.29 -27.02
N LEU I 222 22.45 4.79 -27.46
CA LEU I 222 21.66 5.48 -28.47
C LEU I 222 20.98 6.72 -27.90
N ASN I 223 20.69 7.66 -28.80
CA ASN I 223 19.96 8.90 -28.50
C ASN I 223 20.64 9.76 -27.43
N GLY I 224 21.91 9.53 -27.16
CA GLY I 224 22.61 10.37 -26.22
C GLY I 224 23.06 11.69 -26.83
N SER I 225 23.52 12.59 -25.95
CA SER I 225 24.14 13.83 -26.40
C SER I 225 25.59 13.57 -26.79
N LEU I 226 26.17 14.53 -27.53
CA LEU I 226 27.44 14.34 -28.22
C LEU I 226 28.49 15.30 -27.69
N ALA I 227 29.75 14.91 -27.86
CA ALA I 227 30.87 15.77 -27.49
C ALA I 227 30.99 16.92 -28.48
N GLU I 228 31.90 17.85 -28.17
CA GLU I 228 32.01 19.11 -28.90
C GLU I 228 33.23 19.17 -29.81
N LYS I 229 34.40 18.71 -29.35
CA LYS I 229 35.65 18.86 -30.09
C LYS I 229 36.27 17.55 -30.55
N GLU I 230 36.15 16.48 -29.77
CA GLU I 230 36.91 15.27 -30.04
C GLU I 230 36.15 14.08 -29.46
N ILE I 231 36.31 12.93 -30.10
CA ILE I 231 35.85 11.68 -29.51
C ILE I 231 36.60 11.49 -28.20
N VAL I 232 35.86 11.39 -27.10
CA VAL I 232 36.43 11.29 -25.76
C VAL I 232 36.28 9.85 -25.30
N ILE I 233 37.41 9.21 -25.00
CA ILE I 233 37.43 7.87 -24.41
C ILE I 233 37.64 8.05 -22.93
N ARG I 234 36.89 7.30 -22.14
CA ARG I 234 36.52 7.75 -20.80
C ARG I 234 36.32 6.53 -19.91
N SER I 235 37.23 6.31 -18.97
CA SER I 235 37.18 5.15 -18.11
C SER I 235 37.82 5.47 -16.76
N GLU I 236 37.50 4.62 -15.78
CA GLU I 236 38.05 4.81 -14.45
C GLU I 236 39.55 4.49 -14.41
N ASN I 237 39.94 3.37 -15.02
CA ASN I 237 41.35 2.97 -15.01
C ASN I 237 41.56 2.07 -16.24
N LEU I 238 42.14 2.65 -17.29
CA LEU I 238 42.32 1.91 -18.54
C LEU I 238 43.24 0.72 -18.36
N THR I 239 44.19 0.81 -17.44
CA THR I 239 45.12 -0.29 -17.19
C THR I 239 44.45 -1.49 -16.54
N ASN I 240 43.23 -1.35 -16.03
CA ASN I 240 42.47 -2.45 -15.46
C ASN I 240 41.46 -2.91 -16.50
N ASN I 241 41.53 -4.20 -16.86
CA ASN I 241 40.68 -4.72 -17.92
C ASN I 241 39.23 -4.87 -17.50
N ALA I 242 38.92 -4.83 -16.21
CA ALA I 242 37.55 -5.04 -15.76
C ALA I 242 36.69 -3.79 -15.89
N LYS I 243 37.27 -2.64 -16.23
CA LYS I 243 36.51 -1.40 -16.27
C LYS I 243 35.85 -1.19 -17.63
N ILE I 244 34.59 -0.77 -17.61
CA ILE I 244 33.92 -0.37 -18.83
C ILE I 244 34.62 0.86 -19.38
N ILE I 245 34.63 1.01 -20.70
CA ILE I 245 35.32 2.09 -21.39
C ILE I 245 34.28 2.86 -22.19
N ILE I 246 33.77 3.95 -21.62
CA ILE I 246 32.80 4.77 -22.33
C ILE I 246 33.51 5.48 -23.47
N VAL I 247 32.96 5.36 -24.67
CA VAL I 247 33.56 5.95 -25.87
C VAL I 247 32.55 6.95 -26.41
N HIS I 248 32.66 8.19 -25.96
CA HIS I 248 31.73 9.26 -26.36
C HIS I 248 32.10 9.75 -27.76
N LEU I 249 31.15 9.70 -28.71
CA LEU I 249 31.45 10.16 -30.06
C LEU I 249 31.26 11.66 -30.20
N HIS I 250 31.87 12.23 -31.26
CA HIS I 250 31.60 13.60 -31.66
C HIS I 250 30.50 13.66 -32.71
N THR I 251 30.57 12.79 -33.75
CA THR I 251 29.60 12.73 -34.83
C THR I 251 28.63 11.58 -34.61
N PRO I 252 27.33 11.72 -34.88
CA PRO I 252 26.40 10.63 -34.59
C PRO I 252 26.23 9.70 -35.79
N VAL I 253 26.37 8.39 -35.54
CA VAL I 253 25.95 7.38 -36.51
C VAL I 253 24.44 7.18 -36.36
N GLU I 254 23.78 6.81 -37.45
CA GLU I 254 22.33 6.64 -37.47
C GLU I 254 21.99 5.17 -37.70
N ILE I 255 21.10 4.64 -36.85
CA ILE I 255 20.67 3.24 -36.89
C ILE I 255 19.17 3.20 -37.14
N VAL I 256 18.74 2.36 -38.08
CA VAL I 256 17.35 2.21 -38.47
C VAL I 256 16.93 0.78 -38.19
N CYS I 257 15.95 0.61 -37.31
CA CYS I 257 15.47 -0.70 -36.88
C CYS I 257 14.00 -0.85 -37.18
N THR I 258 13.59 -2.09 -37.45
CA THR I 258 12.22 -2.33 -37.90
C THR I 258 11.82 -3.76 -37.63
N ARG I 259 10.51 -3.98 -37.57
CA ARG I 259 9.89 -5.31 -37.47
C ARG I 259 8.82 -5.40 -38.56
N PRO I 260 9.09 -5.96 -39.74
CA PRO I 260 8.22 -5.68 -40.89
C PRO I 260 6.97 -6.53 -41.05
N ASN I 261 6.59 -7.40 -40.11
CA ASN I 261 5.41 -8.23 -40.29
C ASN I 261 4.21 -7.64 -39.55
N ASN I 262 3.04 -7.76 -40.17
CA ASN I 262 1.83 -7.04 -39.77
C ASN I 262 1.10 -7.82 -38.67
N ASN I 263 1.68 -7.82 -37.47
CA ASN I 263 1.04 -8.47 -36.33
C ASN I 263 -0.32 -7.88 -36.05
N THR I 264 -1.24 -8.74 -35.60
CA THR I 264 -2.51 -8.32 -35.05
C THR I 264 -2.41 -8.28 -33.53
N ARG I 265 -3.54 -8.14 -32.87
CA ARG I 265 -3.59 -8.05 -31.42
C ARG I 265 -4.97 -8.44 -30.95
N LYS I 266 -5.05 -9.41 -30.04
CA LYS I 266 -6.31 -9.92 -29.53
C LYS I 266 -6.28 -9.93 -28.01
N SER I 267 -7.43 -9.66 -27.41
CA SER I 267 -7.58 -9.53 -25.97
C SER I 267 -8.27 -10.76 -25.41
N VAL I 268 -7.77 -11.26 -24.29
CA VAL I 268 -8.29 -12.44 -23.62
C VAL I 268 -8.88 -12.01 -22.28
N ARG I 269 -10.19 -12.13 -22.14
CA ARG I 269 -10.85 -11.71 -20.90
C ARG I 269 -10.60 -12.75 -19.82
N ILE I 270 -9.99 -12.31 -18.72
CA ILE I 270 -9.69 -13.16 -17.57
C ILE I 270 -10.20 -12.48 -16.32
N GLY I 271 -10.90 -13.23 -15.47
CA GLY I 271 -11.34 -12.73 -14.20
C GLY I 271 -12.30 -11.57 -14.36
N PRO I 272 -12.55 -10.85 -13.28
CA PRO I 272 -13.43 -9.68 -13.37
C PRO I 272 -12.74 -8.46 -13.96
N GLY I 273 -13.06 -8.14 -15.21
CA GLY I 273 -12.61 -6.90 -15.80
C GLY I 273 -11.24 -6.94 -16.46
N GLN I 274 -10.34 -7.78 -15.94
CA GLN I 274 -8.98 -7.81 -16.46
C GLN I 274 -8.94 -8.44 -17.85
N THR I 275 -8.00 -7.96 -18.67
CA THR I 275 -7.78 -8.47 -20.01
C THR I 275 -6.30 -8.69 -20.23
N PHE I 276 -5.97 -9.58 -21.16
CA PHE I 276 -4.60 -9.97 -21.46
C PHE I 276 -4.41 -9.93 -22.97
N TYR I 277 -3.54 -9.03 -23.44
CA TYR I 277 -3.35 -8.80 -24.86
C TYR I 277 -2.23 -9.69 -25.37
N ALA I 278 -2.48 -10.40 -26.46
CA ALA I 278 -1.48 -11.27 -27.06
C ALA I 278 -1.70 -11.34 -28.56
N THR I 279 -0.64 -11.69 -29.28
CA THR I 279 -0.71 -11.74 -30.73
C THR I 279 -1.72 -12.79 -31.16
N GLY I 280 -2.47 -12.50 -32.21
CA GLY I 280 -3.50 -13.40 -32.70
C GLY I 280 -3.13 -14.04 -34.02
N ASP I 281 -2.51 -13.26 -34.91
CA ASP I 281 -2.21 -13.70 -36.25
C ASP I 281 -1.15 -12.77 -36.83
N ILE I 282 -0.58 -13.17 -37.95
CA ILE I 282 0.39 -12.36 -38.70
C ILE I 282 -0.17 -12.23 -40.10
N ILE I 283 -0.96 -11.17 -40.34
CA ILE I 283 -1.74 -11.09 -41.57
C ILE I 283 -0.88 -10.48 -42.67
N GLY I 284 -0.14 -11.35 -43.36
CA GLY I 284 0.76 -10.95 -44.42
C GLY I 284 1.73 -12.06 -44.72
N ASP I 285 3.01 -11.72 -44.84
CA ASP I 285 4.10 -12.68 -44.92
C ASP I 285 4.96 -12.54 -43.67
N ILE I 286 6.09 -13.25 -43.64
CA ILE I 286 6.99 -13.25 -42.49
C ILE I 286 8.29 -12.52 -42.84
N LYS I 287 9.19 -12.45 -41.87
CA LYS I 287 10.04 -11.29 -41.70
C LYS I 287 11.44 -11.69 -41.28
N GLN I 288 12.30 -10.68 -41.20
CA GLN I 288 13.43 -10.66 -40.28
C GLN I 288 13.43 -9.30 -39.59
N ALA I 289 13.34 -9.31 -38.26
CA ALA I 289 13.49 -8.08 -37.50
C ALA I 289 14.95 -7.68 -37.51
N HIS I 290 15.27 -6.59 -38.21
CA HIS I 290 16.65 -6.24 -38.52
C HIS I 290 16.90 -4.79 -38.18
N CYS I 291 18.19 -4.44 -38.07
CA CYS I 291 18.65 -3.08 -37.87
C CYS I 291 19.74 -2.77 -38.88
N ASN I 292 19.72 -1.55 -39.41
CA ASN I 292 20.60 -1.14 -40.50
C ASN I 292 21.50 0.00 -40.07
N ILE I 293 22.79 -0.13 -40.35
CA ILE I 293 23.79 0.91 -40.14
C ILE I 293 24.58 1.06 -41.43
N SER I 294 25.01 2.29 -41.73
CA SER I 294 25.86 2.49 -42.89
C SER I 294 27.23 1.87 -42.65
N GLU I 295 27.78 1.21 -43.68
CA GLU I 295 29.10 0.63 -43.53
C GLU I 295 30.19 1.70 -43.63
N GLU I 296 30.00 2.70 -44.48
CA GLU I 296 31.00 3.75 -44.62
C GLU I 296 31.14 4.56 -43.34
N LYS I 297 30.01 5.01 -42.78
CA LYS I 297 30.06 5.82 -41.57
C LYS I 297 30.51 5.00 -40.38
N TRP I 298 30.15 3.72 -40.33
CA TRP I 298 30.65 2.89 -39.24
C TRP I 298 32.15 2.66 -39.36
N ASN I 299 32.65 2.51 -40.58
CA ASN I 299 34.11 2.41 -40.76
C ASN I 299 34.79 3.69 -40.31
N ASP I 300 34.22 4.86 -40.66
CA ASP I 300 34.80 6.11 -40.22
C ASP I 300 34.81 6.21 -38.69
N THR I 301 33.70 5.82 -38.06
CA THR I 301 33.62 5.93 -36.61
C THR I 301 34.60 4.99 -35.92
N LEU I 302 34.74 3.75 -36.42
CA LEU I 302 35.72 2.86 -35.83
C LEU I 302 37.15 3.31 -36.11
N GLN I 303 37.42 3.91 -37.27
CA GLN I 303 38.73 4.48 -37.52
C GLN I 303 39.05 5.59 -36.52
N LYS I 304 38.11 6.49 -36.29
CA LYS I 304 38.39 7.61 -35.39
C LYS I 304 38.50 7.14 -33.95
N VAL I 305 37.66 6.18 -33.54
CA VAL I 305 37.81 5.60 -32.21
C VAL I 305 39.15 4.90 -32.10
N GLY I 306 39.61 4.26 -33.17
CA GLY I 306 40.92 3.65 -33.14
C GLY I 306 42.02 4.67 -32.96
N ILE I 307 41.91 5.81 -33.65
CA ILE I 307 42.90 6.87 -33.51
C ILE I 307 42.95 7.36 -32.07
N GLU I 308 41.78 7.69 -31.51
CA GLU I 308 41.76 8.17 -30.12
C GLU I 308 42.18 7.08 -29.15
N LEU I 309 41.73 5.85 -29.39
CA LEU I 309 42.08 4.75 -28.50
C LEU I 309 43.54 4.34 -28.61
N GLN I 310 44.20 4.72 -29.72
CA GLN I 310 45.62 4.41 -29.88
C GLN I 310 46.52 5.38 -29.12
N LYS I 311 46.01 6.56 -28.76
CA LYS I 311 46.80 7.49 -27.95
C LYS I 311 47.11 6.90 -26.58
N HIS I 312 46.11 6.31 -25.93
CA HIS I 312 46.34 5.70 -24.63
C HIS I 312 47.01 4.34 -24.74
N PHE I 313 47.04 3.75 -25.94
CA PHE I 313 47.66 2.46 -26.20
C PHE I 313 48.60 2.62 -27.39
N PRO I 314 49.71 3.34 -27.23
CA PRO I 314 50.54 3.67 -28.39
C PRO I 314 51.28 2.47 -28.95
N ASN I 315 51.62 2.57 -30.23
CA ASN I 315 52.36 1.53 -30.95
C ASN I 315 51.61 0.20 -30.95
N LYS I 316 50.30 0.24 -31.25
CA LYS I 316 49.48 -0.96 -31.27
C LYS I 316 48.40 -0.86 -32.34
N THR I 317 48.13 -2.00 -32.98
CA THR I 317 46.96 -2.15 -33.85
C THR I 317 45.75 -2.53 -33.01
N ILE I 318 44.60 -1.94 -33.32
CA ILE I 318 43.40 -2.09 -32.50
C ILE I 318 42.47 -3.07 -33.18
N LYS I 319 41.99 -4.04 -32.40
CA LYS I 319 41.27 -5.22 -32.87
C LYS I 319 39.92 -5.28 -32.17
N TYR I 320 38.86 -4.87 -32.87
CA TYR I 320 37.51 -5.07 -32.35
C TYR I 320 37.09 -6.51 -32.59
N ASN I 321 36.23 -7.03 -31.71
CA ASN I 321 35.85 -8.43 -31.76
C ASN I 321 34.37 -8.55 -31.41
N GLN I 322 33.91 -9.80 -31.28
CA GLN I 322 32.51 -10.06 -30.96
C GLN I 322 32.31 -10.09 -29.45
N SER I 323 31.07 -10.21 -29.04
CA SER I 323 30.76 -10.28 -27.62
C SER I 323 31.25 -11.61 -27.03
N ALA I 324 31.10 -11.75 -25.72
CA ALA I 324 31.74 -12.84 -24.99
C ALA I 324 30.92 -14.12 -24.92
N GLY I 325 29.65 -14.09 -25.31
CA GLY I 325 28.82 -15.29 -25.25
C GLY I 325 28.06 -15.41 -23.95
N GLY I 326 26.82 -15.90 -24.04
CA GLY I 326 25.90 -16.01 -22.94
C GLY I 326 24.47 -15.80 -23.40
N ASP I 327 23.62 -15.39 -22.46
CA ASP I 327 22.20 -15.18 -22.77
C ASP I 327 22.03 -14.02 -23.74
N MET I 328 20.79 -13.84 -24.19
CA MET I 328 20.50 -12.74 -25.11
C MET I 328 20.71 -11.39 -24.45
N GLU I 329 20.29 -11.26 -23.18
CA GLU I 329 20.44 -9.98 -22.50
C GLU I 329 21.91 -9.59 -22.33
N ILE I 330 22.80 -10.57 -22.22
CA ILE I 330 24.20 -10.28 -21.93
C ILE I 330 24.96 -9.97 -23.21
N THR I 331 24.73 -10.75 -24.27
CA THR I 331 25.53 -10.67 -25.49
C THR I 331 24.95 -9.73 -26.53
N THR I 332 23.62 -9.57 -26.59
CA THR I 332 22.94 -8.90 -27.68
C THR I 332 22.56 -7.48 -27.25
N HIS I 333 22.39 -6.60 -28.24
CA HIS I 333 22.01 -5.20 -28.05
C HIS I 333 20.49 -5.04 -27.87
N SER I 334 20.09 -4.38 -26.79
CA SER I 334 18.70 -4.25 -26.39
C SER I 334 18.10 -2.90 -26.79
N PHE I 335 16.78 -2.88 -26.94
CA PHE I 335 16.01 -1.67 -27.25
C PHE I 335 14.72 -1.67 -26.43
N ASN I 336 13.92 -0.63 -26.62
CA ASN I 336 12.48 -0.70 -26.51
C ASN I 336 11.84 0.10 -27.62
N CYS I 337 12.32 -0.10 -28.86
CA CYS I 337 11.84 0.68 -30.00
C CYS I 337 10.37 0.46 -30.25
N GLY I 338 9.60 1.55 -30.19
CA GLY I 338 8.19 1.48 -30.44
C GLY I 338 7.40 0.63 -29.48
N GLY I 339 7.96 0.28 -28.32
CA GLY I 339 7.32 -0.58 -27.36
C GLY I 339 7.69 -2.04 -27.43
N GLU I 340 8.48 -2.46 -28.42
CA GLU I 340 8.94 -3.84 -28.55
C GLU I 340 10.42 -3.94 -28.19
N PHE I 341 10.76 -4.97 -27.41
CA PHE I 341 12.10 -5.12 -26.84
C PHE I 341 12.94 -6.01 -27.75
N PHE I 342 13.65 -5.38 -28.68
CA PHE I 342 14.53 -6.11 -29.58
C PHE I 342 15.73 -6.66 -28.81
N TYR I 343 16.43 -7.61 -29.44
CA TYR I 343 17.71 -8.11 -28.93
C TYR I 343 18.63 -8.41 -30.12
N CYS I 344 19.42 -7.43 -30.53
CA CYS I 344 20.12 -7.53 -31.80
C CYS I 344 21.52 -8.11 -31.62
N ASN I 345 21.91 -8.95 -32.58
CA ASN I 345 23.24 -9.57 -32.55
C ASN I 345 24.26 -8.62 -33.15
N THR I 346 25.19 -8.14 -32.31
CA THR I 346 26.15 -7.11 -32.71
C THR I 346 27.31 -7.65 -33.55
N SER I 347 27.53 -8.95 -33.60
CA SER I 347 28.36 -9.50 -34.65
C SER I 347 27.56 -9.48 -35.95
N ASN I 348 28.13 -8.96 -37.04
CA ASN I 348 29.48 -8.52 -37.35
C ASN I 348 29.62 -7.00 -37.36
N LEU I 349 28.95 -6.31 -36.43
CA LEU I 349 29.15 -4.86 -36.33
C LEU I 349 30.55 -4.56 -35.82
N PHE I 350 30.97 -5.23 -34.74
CA PHE I 350 32.31 -5.07 -34.18
C PHE I 350 33.18 -6.22 -34.68
N ASN I 351 33.66 -6.05 -35.91
CA ASN I 351 34.47 -7.06 -36.57
C ASN I 351 35.48 -6.37 -37.47
N GLY I 352 36.67 -6.95 -37.53
CA GLY I 352 37.74 -6.42 -38.37
C GLY I 352 38.70 -5.53 -37.62
N THR I 353 39.91 -6.02 -37.41
CA THR I 353 40.98 -5.21 -36.83
C THR I 353 41.45 -4.18 -37.85
N TYR I 354 41.58 -2.93 -37.42
CA TYR I 354 41.94 -1.82 -38.29
C TYR I 354 43.39 -1.44 -38.02
N ASN I 355 44.18 -1.34 -39.10
CA ASN I 355 45.63 -1.23 -39.00
C ASN I 355 46.03 0.03 -38.24
N GLY I 356 47.17 -0.06 -37.55
CA GLY I 356 47.65 1.06 -36.76
C GLY I 356 47.85 2.34 -37.54
N THR I 357 48.18 2.24 -38.82
CA THR I 357 48.31 3.43 -39.65
C THR I 357 46.98 4.14 -39.85
N TYR I 358 45.87 3.40 -39.83
CA TYR I 358 44.54 3.96 -40.05
C TYR I 358 44.48 4.72 -41.37
N ILE I 359 45.08 4.14 -42.41
CA ILE I 359 45.00 4.74 -43.73
C ILE I 359 43.55 4.73 -44.18
N SER I 360 43.13 5.81 -44.84
CA SER I 360 41.74 5.98 -45.22
C SER I 360 41.36 5.05 -46.37
N THR I 361 41.37 3.74 -46.13
CA THR I 361 40.86 2.81 -47.13
C THR I 361 39.37 3.05 -47.36
N ASN I 362 38.65 3.45 -46.31
CA ASN I 362 37.28 3.93 -46.43
C ASN I 362 37.34 5.44 -46.70
N SER I 363 36.92 5.85 -47.89
CA SER I 363 37.03 7.24 -48.30
C SER I 363 35.86 7.57 -49.22
N SER I 364 35.86 8.80 -49.73
CA SER I 364 34.75 9.30 -50.52
C SER I 364 34.59 8.52 -51.81
N ALA I 365 33.35 8.11 -52.09
CA ALA I 365 33.02 7.38 -53.30
C ALA I 365 31.50 7.29 -53.38
N ASN I 366 31.02 6.57 -54.41
CA ASN I 366 29.59 6.34 -54.56
C ASN I 366 29.16 5.11 -53.75
N SER I 367 29.42 5.14 -52.45
CA SER I 367 29.17 3.98 -51.60
C SER I 367 27.76 4.03 -51.03
N THR I 368 27.13 2.86 -50.97
CA THR I 368 25.80 2.71 -50.38
C THR I 368 25.65 1.45 -49.52
N SER I 369 26.75 0.77 -49.20
CA SER I 369 26.65 -0.47 -48.45
C SER I 369 26.14 -0.22 -47.04
N THR I 370 25.25 -1.10 -46.57
CA THR I 370 24.71 -1.04 -45.21
C THR I 370 24.92 -2.38 -44.54
N ILE I 371 25.35 -2.34 -43.29
CA ILE I 371 25.49 -3.56 -42.49
C ILE I 371 24.17 -3.80 -41.77
N THR I 372 23.60 -5.01 -41.96
CA THR I 372 22.27 -5.35 -41.50
C THR I 372 22.38 -6.35 -40.35
N LEU I 373 22.06 -5.90 -39.15
CA LEU I 373 21.97 -6.78 -38.00
C LEU I 373 20.62 -7.50 -38.04
N GLN I 374 20.54 -8.63 -37.36
CA GLN I 374 19.28 -9.38 -37.27
C GLN I 374 18.96 -9.62 -35.81
N CYS I 375 17.69 -9.40 -35.45
CA CYS I 375 17.29 -9.17 -34.08
C CYS I 375 16.19 -10.13 -33.68
N ARG I 376 16.29 -10.69 -32.49
CA ARG I 376 15.20 -11.43 -31.87
C ARG I 376 14.35 -10.48 -31.03
N ILE I 377 13.19 -10.95 -30.60
CA ILE I 377 12.27 -10.16 -29.79
C ILE I 377 11.76 -11.03 -28.66
N LYS I 378 11.49 -10.39 -27.52
CA LYS I 378 10.84 -11.03 -26.38
C LYS I 378 9.63 -10.21 -25.98
N GLN I 379 8.81 -10.79 -25.11
CA GLN I 379 7.74 -10.08 -24.41
C GLN I 379 7.86 -10.15 -22.90
N ILE I 380 8.25 -11.30 -22.35
CA ILE I 380 8.39 -11.49 -20.92
C ILE I 380 9.84 -11.22 -20.55
N ILE I 381 10.12 -10.00 -20.08
CA ILE I 381 11.48 -9.53 -19.85
C ILE I 381 11.71 -9.34 -18.36
N ASN I 382 12.83 -9.87 -17.85
CA ASN I 382 13.29 -9.64 -16.50
C ASN I 382 14.23 -8.44 -16.53
N MET I 383 13.87 -7.37 -15.83
CA MET I 383 14.48 -6.07 -16.02
C MET I 383 15.60 -5.87 -15.01
N TRP I 384 16.77 -5.44 -15.50
CA TRP I 384 17.93 -5.15 -14.66
C TRP I 384 18.39 -6.37 -13.87
N GLN I 385 18.19 -7.56 -14.46
CA GLN I 385 18.56 -8.82 -13.84
C GLN I 385 17.87 -9.04 -12.50
N GLY I 386 16.71 -8.43 -12.31
CA GLY I 386 15.87 -8.69 -11.15
C GLY I 386 14.67 -9.51 -11.56
N VAL I 387 14.65 -10.79 -11.18
CA VAL I 387 13.58 -11.67 -11.61
C VAL I 387 12.25 -11.26 -11.00
N GLY I 388 12.25 -10.66 -9.81
CA GLY I 388 11.02 -10.15 -9.24
C GLY I 388 10.47 -8.92 -9.92
N ARG I 389 11.31 -8.21 -10.69
CA ARG I 389 10.92 -7.00 -11.39
C ARG I 389 10.42 -7.28 -12.81
N CYS I 390 9.97 -8.50 -13.08
CA CYS I 390 9.62 -8.88 -14.45
C CYS I 390 8.27 -8.31 -14.85
N MET I 391 8.13 -8.08 -16.16
CA MET I 391 6.88 -7.59 -16.74
C MET I 391 6.73 -8.16 -18.14
N TYR I 392 5.51 -8.06 -18.66
CA TYR I 392 5.14 -8.60 -19.96
C TYR I 392 4.72 -7.43 -20.84
N ALA I 393 5.47 -7.21 -21.92
CA ALA I 393 5.17 -6.10 -22.82
C ALA I 393 4.03 -6.50 -23.76
N PRO I 394 2.91 -5.79 -23.80
CA PRO I 394 1.83 -6.20 -24.69
C PRO I 394 2.26 -6.11 -26.14
N PRO I 395 1.65 -6.90 -27.02
CA PRO I 395 2.02 -6.82 -28.44
C PRO I 395 1.50 -5.53 -29.04
N ILE I 396 2.04 -5.20 -30.21
CA ILE I 396 1.74 -3.94 -30.89
C ILE I 396 1.42 -4.27 -32.35
N ALA I 397 0.24 -3.87 -32.79
CA ALA I 397 -0.17 -4.17 -34.16
C ALA I 397 0.66 -3.37 -35.15
N GLY I 398 0.73 -3.88 -36.37
CA GLY I 398 1.44 -3.22 -37.44
C GLY I 398 2.94 -3.44 -37.35
N ASN I 399 3.61 -3.08 -38.44
CA ASN I 399 5.07 -3.12 -38.45
C ASN I 399 5.65 -1.89 -37.78
N ILE I 400 6.86 -2.04 -37.26
CA ILE I 400 7.52 -1.04 -36.44
C ILE I 400 8.68 -0.46 -37.22
N THR I 401 8.98 0.81 -36.98
CA THR I 401 10.21 1.45 -37.45
C THR I 401 10.71 2.38 -36.37
N CYS I 402 12.03 2.53 -36.28
CA CYS I 402 12.66 3.22 -35.16
C CYS I 402 13.97 3.84 -35.63
N ARG I 403 13.91 5.12 -36.01
CA ARG I 403 15.13 5.86 -36.29
C ARG I 403 15.79 6.26 -34.98
N SER I 404 17.12 6.37 -35.01
CA SER I 404 17.85 6.67 -33.79
C SER I 404 19.24 7.18 -34.12
N ASN I 405 19.54 8.41 -33.68
CA ASN I 405 20.91 8.86 -33.65
C ASN I 405 21.65 8.13 -32.55
N ILE I 406 22.84 7.62 -32.87
CA ILE I 406 23.67 6.92 -31.91
C ILE I 406 25.06 7.46 -32.16
N THR I 407 26.00 7.20 -31.24
CA THR I 407 26.01 6.45 -29.99
C THR I 407 26.95 7.09 -28.98
N GLY I 408 27.21 6.31 -27.95
CA GLY I 408 28.54 6.23 -27.34
C GLY I 408 28.77 4.78 -26.99
N LEU I 409 29.85 4.21 -27.52
CA LEU I 409 30.05 2.78 -27.35
C LEU I 409 30.29 2.45 -25.88
N LEU I 410 30.08 1.19 -25.53
CA LEU I 410 30.46 0.65 -24.22
C LEU I 410 31.35 -0.55 -24.50
N LEU I 411 32.66 -0.32 -24.50
CA LEU I 411 33.64 -1.33 -24.84
C LEU I 411 34.24 -1.93 -23.58
N THR I 412 34.92 -3.05 -23.75
CA THR I 412 35.74 -3.65 -22.71
C THR I 412 36.96 -4.26 -23.36
N ARG I 413 38.13 -4.04 -22.76
CA ARG I 413 39.40 -4.44 -23.32
C ARG I 413 39.70 -5.88 -22.94
N ASP I 414 40.39 -6.58 -23.83
CA ASP I 414 40.73 -7.99 -23.62
C ASP I 414 42.02 -8.29 -24.38
N GLY I 415 42.70 -9.34 -23.96
CA GLY I 415 43.88 -9.81 -24.66
C GLY I 415 44.85 -10.56 -23.77
N GLY I 416 45.38 -11.67 -24.28
CA GLY I 416 46.38 -12.41 -23.54
C GLY I 416 47.75 -11.79 -23.64
N THR I 417 48.66 -12.28 -22.80
CA THR I 417 50.04 -11.79 -22.82
C THR I 417 50.74 -12.12 -24.14
N ASN I 418 50.27 -13.13 -24.86
CA ASN I 418 50.95 -13.55 -26.08
C ASN I 418 50.92 -12.47 -27.16
N SER I 419 49.86 -11.69 -27.27
CA SER I 419 49.76 -10.77 -28.39
C SER I 419 50.58 -9.52 -28.15
N ASN I 420 50.13 -8.66 -27.22
CA ASN I 420 50.87 -7.49 -26.73
C ASN I 420 51.28 -6.47 -27.80
N GLU I 421 50.87 -6.65 -29.06
CA GLU I 421 50.98 -5.64 -30.10
C GLU I 421 49.61 -5.21 -30.60
N THR I 422 48.58 -6.03 -30.38
CA THR I 422 47.21 -5.64 -30.64
C THR I 422 46.34 -6.12 -29.49
N GLU I 423 45.38 -5.28 -29.11
CA GLU I 423 44.53 -5.52 -27.95
C GLU I 423 43.09 -5.67 -28.41
N THR I 424 42.38 -6.61 -27.80
CA THR I 424 41.02 -6.99 -28.21
C THR I 424 40.00 -6.16 -27.44
N PHE I 425 39.16 -5.43 -28.18
CA PHE I 425 38.10 -4.62 -27.60
C PHE I 425 36.75 -5.20 -28.00
N ARG I 426 35.98 -5.63 -27.01
CA ARG I 426 34.67 -6.24 -27.19
C ARG I 426 33.58 -5.29 -26.73
N PRO I 427 32.36 -5.39 -27.27
CA PRO I 427 31.25 -4.62 -26.69
C PRO I 427 30.93 -5.10 -25.29
N ALA I 428 30.42 -4.19 -24.48
CA ALA I 428 30.10 -4.47 -23.08
C ALA I 428 28.85 -3.70 -22.70
N GLY I 429 28.36 -3.99 -21.51
CA GLY I 429 27.16 -3.35 -20.98
C GLY I 429 26.37 -4.38 -20.19
N GLY I 430 25.32 -3.90 -19.54
CA GLY I 430 24.48 -4.76 -18.72
C GLY I 430 24.07 -4.10 -17.42
N ASP I 431 24.91 -3.21 -16.90
CA ASP I 431 24.57 -2.42 -15.73
C ASP I 431 23.95 -1.11 -16.17
N MET I 432 22.83 -0.74 -15.54
CA MET I 432 22.05 0.39 -16.03
C MET I 432 22.73 1.71 -15.74
N ARG I 433 23.64 1.75 -14.75
CA ARG I 433 24.24 3.01 -14.34
C ARG I 433 25.06 3.63 -15.46
N ASP I 434 25.81 2.81 -16.19
CA ASP I 434 26.76 3.33 -17.15
C ASP I 434 26.09 4.08 -18.30
N ASN I 435 24.81 3.84 -18.55
CA ASN I 435 24.13 4.53 -19.64
C ASN I 435 23.93 6.00 -19.32
N TRP I 436 23.70 6.33 -18.05
CA TRP I 436 23.48 7.70 -17.59
C TRP I 436 24.72 8.34 -16.98
N ARG I 437 25.69 7.54 -16.55
CA ARG I 437 26.96 8.10 -16.12
C ARG I 437 27.64 8.86 -17.24
N SER I 438 27.38 8.49 -18.50
CA SER I 438 27.97 9.18 -19.63
C SER I 438 27.32 10.53 -19.92
N GLU I 439 26.24 10.89 -19.22
CA GLU I 439 25.63 12.22 -19.35
C GLU I 439 25.69 13.05 -18.08
N LEU I 440 25.84 12.42 -16.92
CA LEU I 440 26.06 13.15 -15.67
C LEU I 440 27.54 13.40 -15.39
N TYR I 441 28.43 13.08 -16.34
CA TYR I 441 29.85 13.32 -16.14
C TYR I 441 30.16 14.80 -15.97
N LYS I 442 29.37 15.68 -16.60
CA LYS I 442 29.59 17.11 -16.45
C LYS I 442 29.36 17.58 -15.02
N TYR I 443 28.32 17.08 -14.37
CA TYR I 443 27.69 17.79 -13.26
C TYR I 443 28.27 17.40 -11.91
N LYS I 444 28.09 18.30 -10.96
CA LYS I 444 28.54 18.15 -9.58
C LYS I 444 27.60 18.94 -8.68
N VAL I 445 27.35 18.42 -7.49
CA VAL I 445 26.44 19.02 -6.52
C VAL I 445 27.25 19.43 -5.30
N VAL I 446 27.09 20.68 -4.88
CA VAL I 446 27.86 21.26 -3.78
C VAL I 446 26.92 21.95 -2.82
N LYS I 447 27.20 21.82 -1.52
CA LYS I 447 26.46 22.49 -0.46
C LYS I 447 27.06 23.86 -0.20
N ILE I 448 26.26 24.91 -0.31
CA ILE I 448 26.73 26.24 0.02
C ILE I 448 26.83 26.36 1.53
N GLU I 449 27.88 27.05 1.99
CA GLU I 449 28.20 27.22 3.41
C GLU I 449 28.35 28.71 3.67
N PRO I 450 27.24 29.44 3.82
CA PRO I 450 27.29 30.90 3.61
C PRO I 450 27.84 31.70 4.78
N LEU I 451 28.39 31.07 5.81
CA LEU I 451 28.81 31.76 7.03
C LEU I 451 30.32 31.72 7.13
N GLY I 452 30.94 32.89 7.25
CA GLY I 452 32.39 33.01 7.22
C GLY I 452 32.93 34.02 8.21
N VAL I 453 34.22 33.89 8.53
CA VAL I 453 34.87 34.66 9.59
C VAL I 453 36.14 35.27 9.04
N ALA I 454 36.37 36.55 9.32
CA ALA I 454 37.58 37.22 8.87
C ALA I 454 37.82 38.45 9.74
N PRO I 455 39.06 38.94 9.84
CA PRO I 455 39.34 40.17 10.58
C PRO I 455 39.32 41.40 9.69
N THR I 456 38.97 42.54 10.30
CA THR I 456 38.84 43.80 9.56
C THR I 456 39.46 45.01 10.24
N ARG I 457 39.99 44.89 11.46
CA ARG I 457 40.50 46.03 12.22
C ARG I 457 39.41 47.09 12.39
N CYS I 458 38.38 46.72 13.14
CA CYS I 458 37.31 47.63 13.50
C CYS I 458 36.49 47.02 14.62
N LYS I 459 36.34 47.78 15.70
CA LYS I 459 35.65 47.32 16.90
C LYS I 459 34.19 47.74 16.87
N ARG I 460 33.36 46.96 17.55
CA ARG I 460 31.93 47.29 17.69
C ARG I 460 31.78 48.24 18.87
N ARG I 461 31.49 49.50 18.57
CA ARG I 461 31.39 50.53 19.61
C ARG I 461 30.26 50.19 20.58
N VAL I 462 30.56 50.26 21.86
CA VAL I 462 29.58 49.99 22.90
C VAL I 462 30.07 50.51 24.24
N ALA J 1 29.62 45.23 -13.21
CA ALA J 1 30.56 44.44 -14.06
C ALA J 1 30.03 44.22 -15.49
N VAL J 2 28.90 43.55 -15.76
CA VAL J 2 27.83 42.79 -15.07
C VAL J 2 27.24 43.48 -13.84
N GLY J 3 25.93 43.74 -13.89
CA GLY J 3 25.28 44.39 -12.78
C GLY J 3 25.27 43.52 -11.54
N ILE J 4 25.12 44.17 -10.38
CA ILE J 4 25.19 43.46 -9.10
C ILE J 4 24.05 42.45 -8.99
N GLY J 5 22.92 42.71 -9.64
CA GLY J 5 21.84 41.74 -9.65
C GLY J 5 22.25 40.42 -10.27
N ALA J 6 23.11 40.46 -11.30
CA ALA J 6 23.60 39.25 -11.95
C ALA J 6 24.90 38.74 -11.34
N VAL J 7 25.56 39.52 -10.48
CA VAL J 7 26.80 39.06 -9.85
C VAL J 7 26.56 37.86 -8.95
N PHE J 8 25.33 37.66 -8.48
CA PHE J 8 24.89 36.44 -7.82
C PHE J 8 23.57 36.00 -8.44
N LEU J 9 23.58 35.87 -9.78
CA LEU J 9 22.35 35.70 -10.56
C LEU J 9 21.48 34.58 -10.01
N GLY J 10 22.06 33.39 -9.79
CA GLY J 10 21.47 32.43 -8.88
C GLY J 10 22.24 32.37 -7.57
N PHE J 11 23.56 32.26 -7.68
CA PHE J 11 24.48 32.21 -6.55
C PHE J 11 25.88 32.51 -7.08
N LEU J 12 26.82 32.71 -6.16
CA LEU J 12 28.23 32.39 -6.36
C LEU J 12 28.95 33.12 -7.49
N GLY J 13 28.26 34.00 -8.23
CA GLY J 13 28.88 34.61 -9.40
C GLY J 13 30.08 35.48 -9.09
N ALA J 14 30.27 35.84 -7.81
CA ALA J 14 31.48 36.49 -7.33
C ALA J 14 32.43 35.53 -6.64
N ALA J 15 32.35 34.22 -6.92
CA ALA J 15 33.17 33.25 -6.22
C ALA J 15 34.66 33.39 -6.51
N GLY J 16 35.02 34.02 -7.62
CA GLY J 16 36.40 34.24 -8.00
C GLY J 16 36.86 35.68 -8.02
N SER J 17 36.11 36.60 -7.40
CA SER J 17 36.39 38.03 -7.49
C SER J 17 37.14 38.59 -6.29
N THR J 18 37.72 37.73 -5.44
CA THR J 18 38.41 38.14 -4.22
C THR J 18 37.42 38.69 -3.20
N MET J 19 37.68 38.45 -1.92
CA MET J 19 36.71 38.82 -0.90
C MET J 19 36.57 40.32 -0.72
N GLY J 20 37.52 41.10 -1.24
CA GLY J 20 37.35 42.55 -1.22
C GLY J 20 36.15 43.00 -2.03
N ALA J 21 35.89 42.32 -3.15
CA ALA J 21 34.77 42.65 -4.03
C ALA J 21 33.57 41.74 -3.81
N ALA J 22 33.81 40.50 -3.39
CA ALA J 22 32.72 39.56 -3.18
C ALA J 22 31.86 39.96 -1.98
N SER J 23 32.45 40.60 -0.98
CA SER J 23 31.69 40.99 0.21
C SER J 23 30.74 42.14 -0.04
N MET J 24 30.81 42.80 -1.20
CA MET J 24 29.95 43.93 -1.49
C MET J 24 28.58 43.53 -2.01
N THR J 25 28.36 42.25 -2.35
CA THR J 25 27.14 41.80 -3.00
C THR J 25 26.43 40.69 -2.25
N LEU J 26 26.61 40.60 -0.92
CA LEU J 26 26.17 39.44 -0.16
C LEU J 26 24.66 39.19 -0.30
N THR J 27 23.87 40.25 -0.39
CA THR J 27 22.41 40.09 -0.35
C THR J 27 21.87 39.33 -1.55
N VAL J 28 22.48 39.50 -2.72
CA VAL J 28 21.97 38.86 -3.92
C VAL J 28 22.21 37.35 -3.89
N GLN J 29 23.06 36.86 -2.98
CA GLN J 29 23.20 35.44 -2.69
C GLN J 29 22.41 35.01 -1.46
N ALA J 30 22.30 35.88 -0.45
CA ALA J 30 21.61 35.50 0.78
C ALA J 30 20.11 35.32 0.52
N ARG J 31 19.57 36.03 -0.46
CA ARG J 31 18.14 35.95 -0.75
C ARG J 31 17.72 34.55 -1.17
N ASN J 32 18.61 33.78 -1.79
CA ASN J 32 18.27 32.50 -2.39
C ASN J 32 18.67 31.30 -1.53
N LEU J 33 19.03 31.52 -0.26
CA LEU J 33 19.33 30.40 0.63
C LEU J 33 18.09 29.75 1.20
N LEU J 34 16.89 30.29 0.92
CA LEU J 34 15.65 29.85 1.54
C LEU J 34 14.60 29.39 0.55
N SER J 35 14.62 29.91 -0.69
CA SER J 35 13.49 29.72 -1.60
C SER J 35 13.46 28.28 -2.09
N GLY J 36 12.78 27.45 -1.29
CA GLY J 36 12.57 26.05 -1.60
C GLY J 36 11.16 25.78 -2.08
N THR J 58 3.30 8.53 -4.83
CA THR J 58 3.05 9.43 -3.71
C THR J 58 4.23 9.44 -2.73
N VAL J 59 5.03 8.36 -2.74
CA VAL J 59 6.24 8.33 -1.93
C VAL J 59 7.23 9.40 -2.37
N TRP J 60 7.13 9.88 -3.61
CA TRP J 60 7.93 11.01 -4.06
C TRP J 60 7.55 12.31 -3.37
N GLY J 61 6.43 12.35 -2.65
CA GLY J 61 6.16 13.49 -1.79
C GLY J 61 7.22 13.68 -0.72
N ILE J 62 7.87 12.59 -0.30
CA ILE J 62 8.99 12.70 0.62
C ILE J 62 10.16 13.40 -0.06
N LYS J 63 10.33 13.19 -1.36
CA LYS J 63 11.40 13.84 -2.11
C LYS J 63 11.19 15.35 -2.26
N GLN J 64 9.98 15.85 -1.98
CA GLN J 64 9.70 17.27 -1.95
C GLN J 64 9.62 17.81 -0.52
N LEU J 65 8.97 17.08 0.39
CA LEU J 65 8.87 17.57 1.76
C LEU J 65 10.23 17.62 2.44
N GLN J 66 11.02 16.55 2.31
CA GLN J 66 12.34 16.57 2.94
C GLN J 66 13.30 17.47 2.20
N ALA J 67 13.00 17.81 0.94
CA ALA J 67 13.77 18.84 0.25
C ALA J 67 13.38 20.23 0.76
N ARG J 68 12.10 20.45 1.01
CA ARG J 68 11.67 21.70 1.62
C ARG J 68 12.24 21.86 3.03
N VAL J 69 12.04 20.85 3.87
CA VAL J 69 12.42 20.98 5.27
C VAL J 69 13.93 21.06 5.44
N LEU J 70 14.70 20.49 4.51
CA LEU J 70 16.14 20.65 4.55
C LEU J 70 16.53 22.11 4.41
N ALA J 71 15.89 22.83 3.48
CA ALA J 71 16.21 24.23 3.28
C ALA J 71 15.82 25.07 4.49
N VAL J 72 14.66 24.79 5.08
CA VAL J 72 14.17 25.61 6.18
C VAL J 72 15.05 25.44 7.42
N GLU J 73 15.35 24.20 7.79
CA GLU J 73 16.15 23.98 8.99
C GLU J 73 17.59 24.46 8.79
N ARG J 74 18.13 24.29 7.58
CA ARG J 74 19.46 24.80 7.30
C ARG J 74 19.51 26.31 7.47
N TYR J 75 18.47 27.00 6.99
CA TYR J 75 18.44 28.45 7.08
C TYR J 75 18.34 28.93 8.51
N LEU J 76 17.43 28.34 9.30
CA LEU J 76 17.25 28.79 10.68
C LEU J 76 18.47 28.46 11.52
N ARG J 77 19.10 27.30 11.28
CA ARG J 77 20.26 26.92 12.08
C ARG J 77 21.48 27.79 11.81
N ASP J 78 21.45 28.63 10.77
CA ASP J 78 22.46 29.66 10.56
C ASP J 78 22.02 31.02 11.09
N GLN J 79 20.71 31.31 11.04
CA GLN J 79 20.21 32.52 11.68
C GLN J 79 20.25 32.40 13.19
N GLN J 80 20.20 31.18 13.73
CA GLN J 80 20.29 30.99 15.17
C GLN J 80 21.64 31.49 15.69
N LEU J 81 22.72 31.16 14.98
CA LEU J 81 24.04 31.56 15.45
C LEU J 81 24.23 33.07 15.38
N LEU J 82 23.79 33.70 14.28
CA LEU J 82 23.97 35.14 14.14
C LEU J 82 23.18 35.92 15.17
N GLY J 83 22.03 35.41 15.61
CA GLY J 83 21.30 36.07 16.69
C GLY J 83 21.99 35.92 18.03
N ILE J 84 22.82 34.89 18.19
CA ILE J 84 23.56 34.67 19.42
C ILE J 84 24.87 35.46 19.43
N TRP J 85 25.62 35.43 18.33
CA TRP J 85 26.88 36.17 18.28
C TRP J 85 26.66 37.67 18.24
N GLY J 86 25.59 38.12 17.61
CA GLY J 86 25.41 39.50 17.24
C GLY J 86 25.43 39.69 15.73
N CYS J 87 25.06 40.90 15.29
CA CYS J 87 24.73 42.13 16.01
C CYS J 87 23.41 42.80 15.57
N SER J 88 22.29 42.06 15.45
CA SER J 88 22.07 40.63 15.63
C SER J 88 22.18 39.94 14.27
N GLY J 89 21.23 40.28 13.40
CA GLY J 89 21.28 39.92 11.99
C GLY J 89 21.49 41.17 11.17
N LYS J 90 22.67 41.28 10.56
CA LYS J 90 23.08 42.49 9.86
C LYS J 90 23.86 42.22 8.57
N LEU J 91 24.29 40.97 8.35
CA LEU J 91 25.10 40.50 7.22
C LEU J 91 26.57 40.92 7.31
N ILE J 92 26.91 41.83 8.22
CA ILE J 92 28.29 42.15 8.58
C ILE J 92 28.25 42.60 10.04
N CYS J 93 29.07 41.97 10.87
CA CYS J 93 29.16 42.35 12.28
C CYS J 93 30.60 42.21 12.73
N CYS J 94 31.15 43.27 13.31
CA CYS J 94 32.37 43.18 14.08
C CYS J 94 32.01 42.82 15.52
N THR J 95 32.87 42.02 16.16
CA THR J 95 32.45 41.24 17.31
C THR J 95 33.18 41.52 18.61
N ASN J 96 34.18 42.40 18.63
CA ASN J 96 34.93 42.73 19.85
C ASN J 96 35.61 41.51 20.46
N VAL J 97 35.95 40.53 19.64
CA VAL J 97 36.74 39.36 20.07
C VAL J 97 38.09 39.45 19.38
N PRO J 98 39.20 39.55 20.12
CA PRO J 98 40.48 39.83 19.45
C PRO J 98 40.97 38.65 18.63
N TRP J 99 41.63 38.96 17.52
CA TRP J 99 42.15 37.94 16.60
C TRP J 99 43.42 37.37 17.22
N ASN J 100 43.29 36.21 17.87
CA ASN J 100 44.38 35.61 18.64
C ASN J 100 45.63 35.40 17.79
N SER J 101 46.78 35.41 18.45
CA SER J 101 48.05 35.24 17.77
C SER J 101 48.15 33.88 17.08
N SER J 102 47.67 32.83 17.75
CA SER J 102 47.72 31.49 17.17
C SER J 102 46.91 31.39 15.88
N TRP J 103 45.89 32.24 15.71
CA TRP J 103 45.18 32.33 14.45
C TRP J 103 45.84 33.29 13.47
N SER J 104 46.84 34.06 13.92
CA SER J 104 47.42 35.15 13.13
C SER J 104 48.51 34.59 12.22
N ASN J 105 48.12 34.41 10.95
CA ASN J 105 49.00 33.86 9.93
C ASN J 105 49.29 34.84 8.80
N ARG J 106 48.52 35.92 8.68
CA ARG J 106 48.57 36.80 7.52
C ARG J 106 48.40 38.25 7.95
N ASN J 107 48.80 39.15 7.06
CA ASN J 107 48.52 40.56 7.19
C ASN J 107 47.24 40.89 6.41
N LEU J 108 46.54 41.93 6.86
CA LEU J 108 45.24 42.27 6.26
C LEU J 108 45.38 42.65 4.78
N SER J 109 46.53 43.18 4.38
CA SER J 109 46.74 43.48 2.96
C SER J 109 46.73 42.22 2.11
N GLU J 110 47.19 41.09 2.65
CA GLU J 110 47.20 39.84 1.89
C GLU J 110 45.78 39.33 1.69
N ILE J 111 44.96 39.38 2.74
CA ILE J 111 43.67 38.70 2.76
C ILE J 111 42.70 39.35 1.78
N TRP J 112 42.39 40.62 1.99
CA TRP J 112 41.25 41.22 1.31
C TRP J 112 41.53 41.62 -0.13
N ASP J 113 42.77 41.50 -0.60
CA ASP J 113 43.17 41.95 -1.92
C ASP J 113 43.66 40.84 -2.84
N ASN J 114 43.87 39.62 -2.33
CA ASN J 114 44.42 38.53 -3.11
C ASN J 114 43.63 37.23 -3.03
N MET J 115 42.97 36.95 -1.90
CA MET J 115 42.37 35.66 -1.63
C MET J 115 40.87 35.68 -1.86
N THR J 116 40.37 34.66 -2.56
CA THR J 116 38.94 34.47 -2.71
C THR J 116 38.34 33.89 -1.42
N TRP J 117 37.03 34.05 -1.27
CA TRP J 117 36.35 33.54 -0.08
C TRP J 117 36.51 32.03 0.03
N LEU J 118 36.38 31.32 -1.09
CA LEU J 118 36.57 29.88 -1.07
C LEU J 118 37.99 29.50 -0.70
N GLN J 119 38.98 30.22 -1.23
CA GLN J 119 40.37 29.97 -0.86
C GLN J 119 40.60 30.25 0.61
N TRP J 120 40.00 31.32 1.14
CA TRP J 120 40.19 31.67 2.53
C TRP J 120 39.55 30.65 3.46
N ASP J 121 38.49 29.98 3.00
CA ASP J 121 37.84 28.99 3.83
C ASP J 121 38.77 27.82 4.13
N LYS J 122 39.70 27.51 3.22
CA LYS J 122 40.62 26.41 3.46
C LYS J 122 41.57 26.69 4.61
N GLU J 123 41.93 27.95 4.83
CA GLU J 123 42.85 28.31 5.90
C GLU J 123 42.12 28.50 7.22
N ILE J 124 41.05 29.29 7.21
CA ILE J 124 40.37 29.68 8.45
C ILE J 124 39.40 28.62 8.96
N SER J 125 39.22 27.52 8.22
CA SER J 125 38.42 26.41 8.76
C SER J 125 39.03 25.83 10.02
N ASN J 126 40.34 25.96 10.19
CA ASN J 126 40.95 25.69 11.48
C ASN J 126 40.44 26.68 12.52
N TYR J 127 40.36 26.22 13.77
CA TYR J 127 39.98 27.02 14.92
C TYR J 127 38.51 27.41 14.93
N THR J 128 37.74 26.99 13.92
CA THR J 128 36.44 27.58 13.66
C THR J 128 35.46 27.35 14.82
N GLN J 129 35.43 26.14 15.35
CA GLN J 129 34.52 25.86 16.45
C GLN J 129 34.93 26.55 17.74
N ILE J 130 36.19 26.99 17.85
CA ILE J 130 36.60 27.76 19.02
C ILE J 130 36.11 29.19 18.92
N ILE J 131 36.02 29.74 17.70
CA ILE J 131 35.58 31.13 17.54
C ILE J 131 34.14 31.27 18.00
N TYR J 132 33.30 30.30 17.63
CA TYR J 132 31.87 30.44 17.86
C TYR J 132 31.54 30.45 19.35
N GLY J 133 32.33 29.74 20.16
CA GLY J 133 32.13 29.82 21.60
C GLY J 133 32.45 31.20 22.14
N LEU J 134 33.57 31.79 21.72
CA LEU J 134 33.95 33.11 22.19
C LEU J 134 32.93 34.16 21.79
N LEU J 135 32.43 34.08 20.55
CA LEU J 135 31.41 35.01 20.11
C LEU J 135 30.13 34.87 20.93
N GLU J 136 29.74 33.64 21.25
CA GLU J 136 28.49 33.41 21.96
C GLU J 136 28.55 33.95 23.37
N GLU J 137 29.62 33.64 24.10
CA GLU J 137 29.69 34.01 25.51
C GLU J 137 29.87 35.51 25.68
N SER J 138 30.61 36.15 24.76
CA SER J 138 30.82 37.58 24.86
C SER J 138 29.52 38.36 24.69
N GLN J 139 28.51 37.78 24.05
CA GLN J 139 27.22 38.46 23.93
C GLN J 139 26.52 38.54 25.28
N ASN J 140 26.57 37.46 26.07
CA ASN J 140 25.94 37.48 27.38
C ASN J 140 26.56 38.55 28.27
N GLN J 141 27.89 38.69 28.22
CA GLN J 141 28.53 39.74 28.99
C GLN J 141 28.07 41.12 28.53
N GLN J 142 27.90 41.31 27.21
CA GLN J 142 27.45 42.59 26.71
C GLN J 142 26.02 42.88 27.15
N GLU J 143 25.13 41.89 27.01
CA GLU J 143 23.73 42.12 27.36
C GLU J 143 23.56 42.36 28.86
N LYS J 144 24.31 41.63 29.69
CA LYS J 144 24.28 41.88 31.12
C LYS J 144 24.79 43.28 31.42
N ASN J 145 25.83 43.73 30.71
CA ASN J 145 26.32 45.08 30.90
C ASN J 145 25.28 46.12 30.53
N GLU J 146 24.53 45.88 29.45
CA GLU J 146 23.46 46.80 29.07
C GLU J 146 22.38 46.85 30.14
N GLN J 147 22.08 45.72 30.76
CA GLN J 147 21.16 45.73 31.90
C GLN J 147 21.70 46.57 33.03
N ASP J 148 23.00 46.46 33.31
CA ASP J 148 23.61 47.27 34.36
C ASP J 148 23.52 48.76 34.03
N LEU J 149 23.80 49.12 32.77
CA LEU J 149 23.77 50.53 32.38
C LEU J 149 22.37 51.10 32.52
N LEU J 150 21.35 50.37 32.05
CA LEU J 150 19.99 50.86 32.16
C LEU J 150 19.55 50.95 33.61
N ALA J 151 20.04 50.04 34.46
CA ALA J 151 19.71 50.10 35.89
C ALA J 151 20.40 51.29 36.55
N LEU J 152 21.68 51.52 36.24
CA LEU J 152 22.40 52.63 36.84
C LEU J 152 21.97 53.97 36.25
N ASP J 153 21.67 54.02 34.96
CA ASP J 153 21.24 55.26 34.30
C ASP J 153 19.89 55.70 34.87
N GLN K 1 14.79 -14.55 -72.48
CA GLN K 1 13.46 -14.15 -71.95
C GLN K 1 12.85 -15.25 -71.11
N VAL K 2 11.91 -14.89 -70.23
CA VAL K 2 11.25 -15.83 -69.36
C VAL K 2 9.89 -16.19 -69.93
N GLN K 3 9.42 -17.39 -69.59
CA GLN K 3 8.12 -17.88 -70.01
C GLN K 3 7.45 -18.59 -68.84
N LEU K 4 6.12 -18.58 -68.85
CA LEU K 4 5.32 -19.29 -67.85
C LEU K 4 4.37 -20.22 -68.59
N VAL K 5 4.64 -21.51 -68.50
CA VAL K 5 3.83 -22.54 -69.15
C VAL K 5 2.74 -22.96 -68.18
N GLN K 6 1.57 -23.29 -68.73
CA GLN K 6 0.40 -23.66 -67.94
C GLN K 6 -0.21 -24.93 -68.51
N SER K 7 -1.14 -25.50 -67.75
CA SER K 7 -1.82 -26.72 -68.18
C SER K 7 -2.76 -26.43 -69.34
N GLY K 8 -3.16 -27.49 -70.04
CA GLY K 8 -4.12 -27.35 -71.11
C GLY K 8 -5.52 -27.11 -70.59
N ALA K 9 -6.44 -26.94 -71.53
CA ALA K 9 -7.83 -26.65 -71.16
C ALA K 9 -8.43 -27.82 -70.40
N GLN K 10 -9.47 -27.53 -69.63
CA GLN K 10 -10.12 -28.50 -68.77
C GLN K 10 -11.62 -28.43 -68.94
N MET K 11 -12.28 -29.56 -68.74
CA MET K 11 -13.74 -29.68 -68.78
C MET K 11 -14.18 -30.53 -67.61
N LYS K 12 -15.24 -30.12 -66.92
CA LYS K 12 -15.66 -30.80 -65.71
C LYS K 12 -17.16 -30.65 -65.51
N ASN K 13 -17.71 -31.54 -64.69
CA ASN K 13 -19.04 -31.35 -64.12
C ASN K 13 -18.90 -30.57 -62.81
N PRO K 14 -20.01 -30.00 -62.30
CA PRO K 14 -19.94 -29.30 -61.02
C PRO K 14 -19.49 -30.21 -59.89
N GLY K 15 -18.73 -29.65 -58.95
CA GLY K 15 -18.28 -30.37 -57.78
C GLY K 15 -17.09 -31.28 -57.97
N ALA K 16 -16.38 -31.17 -59.09
CA ALA K 16 -15.31 -32.12 -59.39
C ALA K 16 -13.95 -31.69 -58.87
N SER K 17 -13.72 -30.37 -58.75
CA SER K 17 -12.45 -29.78 -58.32
C SER K 17 -11.36 -30.01 -59.36
N VAL K 18 -10.47 -29.04 -59.53
CA VAL K 18 -9.42 -29.08 -60.54
C VAL K 18 -8.14 -28.51 -59.95
N LYS K 19 -7.00 -29.12 -60.30
CA LYS K 19 -5.68 -28.66 -59.90
C LYS K 19 -4.94 -28.19 -61.15
N VAL K 20 -4.81 -26.87 -61.29
CA VAL K 20 -4.08 -26.28 -62.41
C VAL K 20 -2.61 -26.20 -62.06
N SER K 21 -1.74 -26.30 -63.08
CA SER K 21 -0.30 -26.33 -62.90
C SER K 21 0.36 -25.24 -63.72
N CYS K 22 1.43 -24.66 -63.16
CA CYS K 22 2.20 -23.60 -63.79
C CYS K 22 3.68 -23.96 -63.69
N ALA K 23 4.41 -23.71 -64.77
CA ALA K 23 5.81 -24.13 -64.90
C ALA K 23 6.66 -22.94 -65.37
N PRO K 24 7.21 -22.13 -64.46
CA PRO K 24 8.02 -20.99 -64.90
C PRO K 24 9.32 -21.43 -65.54
N SER K 25 9.86 -20.56 -66.40
CA SER K 25 11.10 -20.82 -67.09
C SER K 25 11.84 -19.51 -67.33
N GLY K 26 13.17 -19.59 -67.37
CA GLY K 26 14.01 -18.45 -67.67
C GLY K 26 14.48 -17.66 -66.46
N TYR K 27 14.10 -18.05 -65.25
CA TYR K 27 14.55 -17.36 -64.06
C TYR K 27 14.48 -18.32 -62.88
N THR K 28 15.19 -17.98 -61.81
CA THR K 28 15.25 -18.84 -60.62
C THR K 28 13.86 -18.92 -60.00
N PHE K 29 13.37 -20.15 -59.77
CA PHE K 29 11.97 -20.33 -59.42
C PHE K 29 11.62 -19.64 -58.11
N THR K 30 12.50 -19.73 -57.11
CA THR K 30 12.21 -19.22 -55.78
C THR K 30 12.69 -17.79 -55.56
N ASP K 31 12.76 -16.97 -56.62
CA ASP K 31 13.17 -15.58 -56.50
C ASP K 31 12.01 -14.60 -56.64
N PHE K 32 10.85 -15.06 -57.13
CA PHE K 32 9.70 -14.18 -57.34
C PHE K 32 8.42 -14.85 -56.89
N TYR K 33 7.51 -14.06 -56.32
CA TYR K 33 6.20 -14.57 -55.93
C TYR K 33 5.45 -15.09 -57.14
N ILE K 34 4.45 -15.93 -56.87
CA ILE K 34 3.51 -16.40 -57.89
C ILE K 34 2.13 -15.92 -57.50
N HIS K 35 1.47 -15.19 -58.41
CA HIS K 35 0.15 -14.62 -58.20
C HIS K 35 -0.81 -15.27 -59.18
N TRP K 36 -1.95 -15.74 -58.68
CA TRP K 36 -2.94 -16.45 -59.47
C TRP K 36 -4.14 -15.56 -59.71
N LEU K 37 -4.50 -15.36 -60.99
CA LEU K 37 -5.58 -14.48 -61.39
C LEU K 37 -6.56 -15.23 -62.30
N ARG K 38 -7.81 -14.77 -62.28
CA ARG K 38 -8.91 -15.37 -63.01
C ARG K 38 -9.58 -14.34 -63.90
N GLN K 39 -10.11 -14.80 -65.03
CA GLN K 39 -10.86 -13.95 -65.95
C GLN K 39 -12.01 -14.76 -66.52
N ALA K 40 -13.21 -14.51 -66.03
CA ALA K 40 -14.39 -15.16 -66.59
C ALA K 40 -14.60 -14.66 -68.01
N PRO K 41 -15.28 -15.44 -68.86
CA PRO K 41 -15.45 -15.01 -70.26
C PRO K 41 -16.28 -13.74 -70.34
N GLY K 42 -15.68 -12.70 -70.93
CA GLY K 42 -16.34 -11.41 -71.07
C GLY K 42 -16.30 -10.52 -69.85
N GLN K 43 -15.59 -10.92 -68.80
CA GLN K 43 -15.54 -10.19 -67.54
C GLN K 43 -14.13 -9.66 -67.30
N GLY K 44 -14.00 -8.91 -66.19
CA GLY K 44 -12.71 -8.34 -65.83
C GLY K 44 -11.84 -9.28 -65.02
N LEU K 45 -10.58 -8.88 -64.85
CA LEU K 45 -9.64 -9.68 -64.10
C LEU K 45 -10.04 -9.75 -62.64
N GLN K 46 -9.87 -10.93 -62.04
CA GLN K 46 -10.12 -11.15 -60.63
C GLN K 46 -8.92 -11.86 -60.02
N TRP K 47 -8.54 -11.43 -58.81
CA TRP K 47 -7.35 -11.94 -58.15
C TRP K 47 -7.73 -13.02 -57.15
N MET K 48 -7.01 -14.15 -57.20
CA MET K 48 -7.32 -15.31 -56.37
C MET K 48 -6.40 -15.42 -55.16
N GLY K 49 -5.09 -15.42 -55.37
CA GLY K 49 -4.16 -15.54 -54.26
C GLY K 49 -2.73 -15.44 -54.74
N TRP K 50 -1.81 -15.29 -53.78
CA TRP K 50 -0.38 -15.28 -54.05
C TRP K 50 0.29 -16.40 -53.26
N MET K 51 1.50 -16.75 -53.69
CA MET K 51 2.28 -17.82 -53.06
C MET K 51 3.73 -17.39 -52.95
N ASN K 52 4.38 -17.84 -51.87
CA ASN K 52 5.79 -17.61 -51.61
C ASN K 52 6.56 -18.88 -51.96
N PRO K 53 7.12 -19.02 -53.17
CA PRO K 53 7.74 -20.31 -53.53
C PRO K 53 8.93 -20.69 -52.67
N GLN K 54 9.58 -19.73 -52.00
CA GLN K 54 10.71 -20.08 -51.14
C GLN K 54 10.27 -20.92 -49.95
N THR K 55 9.15 -20.58 -49.31
CA THR K 55 8.68 -21.25 -48.11
C THR K 55 7.26 -21.78 -48.22
N GLY K 56 6.58 -21.59 -49.34
CA GLY K 56 5.30 -22.20 -49.59
C GLY K 56 4.10 -21.49 -48.99
N ARG K 57 4.30 -20.43 -48.20
CA ARG K 57 3.18 -19.75 -47.59
C ARG K 57 2.34 -19.06 -48.67
N THR K 58 1.03 -19.01 -48.44
CA THR K 58 0.11 -18.46 -49.42
C THR K 58 -1.07 -17.78 -48.73
N ASN K 59 -1.76 -16.94 -49.50
CA ASN K 59 -2.90 -16.18 -49.03
C ASN K 59 -3.85 -15.98 -50.20
N THR K 60 -5.15 -16.00 -49.90
CA THR K 60 -6.19 -15.97 -50.92
C THR K 60 -7.24 -14.94 -50.54
N ALA K 61 -7.92 -14.42 -51.55
CA ALA K 61 -8.93 -13.40 -51.32
C ALA K 61 -10.09 -13.98 -50.51
N ARG K 62 -10.90 -13.10 -49.94
CA ARG K 62 -11.99 -13.55 -49.09
C ARG K 62 -13.03 -14.34 -49.88
N ASN K 63 -13.18 -14.07 -51.17
CA ASN K 63 -14.15 -14.78 -51.99
C ASN K 63 -13.74 -16.22 -52.28
N PHE K 64 -12.49 -16.60 -51.99
CA PHE K 64 -11.99 -17.95 -52.24
C PHE K 64 -11.51 -18.64 -50.98
N GLN K 65 -11.99 -18.21 -49.81
CA GLN K 65 -11.56 -18.84 -48.56
C GLN K 65 -11.99 -20.30 -48.52
N GLY K 66 -11.00 -21.19 -48.46
CA GLY K 66 -11.26 -22.61 -48.37
C GLY K 66 -11.38 -23.31 -49.71
N ARG K 67 -11.94 -22.61 -50.70
CA ARG K 67 -12.13 -23.22 -52.01
C ARG K 67 -10.84 -23.40 -52.78
N VAL K 68 -9.80 -22.63 -52.46
CA VAL K 68 -8.57 -22.59 -53.24
C VAL K 68 -7.39 -22.92 -52.33
N THR K 69 -6.49 -23.77 -52.81
CA THR K 69 -5.23 -24.04 -52.14
C THR K 69 -4.12 -24.11 -53.18
N MET K 70 -2.93 -23.67 -52.79
CA MET K 70 -1.78 -23.56 -53.68
C MET K 70 -0.58 -24.27 -53.07
N THR K 71 0.15 -25.00 -53.91
CA THR K 71 1.35 -25.71 -53.49
C THR K 71 2.37 -25.62 -54.63
N ARG K 72 3.55 -26.16 -54.38
CA ARG K 72 4.65 -26.06 -55.34
C ARG K 72 5.58 -27.26 -55.19
N ASP K 73 6.36 -27.50 -56.23
CA ASP K 73 7.42 -28.51 -56.24
C ASP K 73 8.68 -27.81 -56.75
N THR K 74 9.52 -27.38 -55.81
CA THR K 74 10.73 -26.64 -56.17
C THR K 74 11.70 -27.47 -56.99
N SER K 75 11.77 -28.78 -56.75
CA SER K 75 12.64 -29.64 -57.55
C SER K 75 12.24 -29.65 -59.01
N ILE K 76 10.95 -29.85 -59.28
CA ILE K 76 10.47 -29.77 -60.66
C ILE K 76 10.54 -28.33 -61.17
N GLY K 77 10.23 -27.37 -60.30
CA GLY K 77 10.12 -25.98 -60.71
C GLY K 77 8.75 -25.68 -61.25
N THR K 78 7.72 -25.94 -60.44
CA THR K 78 6.33 -25.77 -60.88
C THR K 78 5.47 -25.43 -59.67
N ALA K 79 4.33 -24.80 -59.96
CA ALA K 79 3.36 -24.39 -58.94
C ALA K 79 1.98 -24.90 -59.30
N TYR K 80 1.20 -25.21 -58.26
CA TYR K 80 -0.12 -25.82 -58.42
C TYR K 80 -1.17 -24.99 -57.71
N MET K 81 -2.40 -25.06 -58.21
CA MET K 81 -3.54 -24.34 -57.64
C MET K 81 -4.77 -25.23 -57.74
N GLU K 82 -5.33 -25.62 -56.60
CA GLU K 82 -6.44 -26.54 -56.54
C GLU K 82 -7.70 -25.79 -56.13
N LEU K 83 -8.64 -25.67 -57.05
CA LEU K 83 -9.91 -24.99 -56.80
C LEU K 83 -10.97 -26.05 -56.51
N ARG K 84 -11.79 -25.80 -55.50
CA ARG K 84 -12.73 -26.78 -54.97
C ARG K 84 -14.16 -26.23 -55.05
N SER K 85 -15.11 -27.16 -55.06
CA SER K 85 -16.54 -26.83 -55.10
C SER K 85 -16.89 -26.05 -56.37
N LEU K 86 -16.64 -26.67 -57.53
CA LEU K 86 -16.87 -26.01 -58.81
C LEU K 86 -18.35 -25.71 -59.01
N THR K 87 -18.63 -24.51 -59.52
CA THR K 87 -19.94 -24.14 -60.03
C THR K 87 -19.84 -23.85 -61.53
N SER K 88 -20.99 -23.61 -62.15
CA SER K 88 -20.99 -23.22 -63.56
C SER K 88 -20.40 -21.83 -63.75
N ASP K 89 -20.42 -20.99 -62.72
CA ASP K 89 -19.90 -19.64 -62.81
C ASP K 89 -18.39 -19.57 -62.63
N ASP K 90 -17.73 -20.66 -62.23
CA ASP K 90 -16.28 -20.69 -62.14
C ASP K 90 -15.60 -20.95 -63.49
N THR K 91 -16.37 -21.12 -64.56
CA THR K 91 -15.78 -21.19 -65.89
C THR K 91 -15.06 -19.90 -66.20
N ALA K 92 -13.77 -19.99 -66.51
CA ALA K 92 -12.95 -18.79 -66.65
C ALA K 92 -11.58 -19.19 -67.21
N ILE K 93 -10.86 -18.17 -67.69
CA ILE K 93 -9.43 -18.32 -67.96
C ILE K 93 -8.67 -18.10 -66.66
N TYR K 94 -7.62 -18.88 -66.44
CA TYR K 94 -6.79 -18.80 -65.24
C TYR K 94 -5.36 -18.48 -65.63
N TYR K 95 -4.81 -17.42 -65.04
CA TYR K 95 -3.48 -16.92 -65.37
C TYR K 95 -2.51 -17.16 -64.22
N CYS K 96 -1.30 -17.57 -64.59
CA CYS K 96 -0.18 -17.67 -63.67
C CYS K 96 0.79 -16.53 -63.95
N THR K 97 1.08 -15.74 -62.92
CA THR K 97 1.80 -14.48 -63.09
C THR K 97 2.91 -14.38 -62.04
N THR K 98 3.92 -13.58 -62.37
CA THR K 98 5.13 -13.44 -61.56
C THR K 98 5.08 -12.12 -60.81
N GLY K 99 5.15 -12.18 -59.49
CA GLY K 99 4.95 -11.03 -58.63
C GLY K 99 6.23 -10.32 -58.28
N GLY K 100 6.31 -9.82 -57.05
CA GLY K 100 7.48 -9.09 -56.61
C GLY K 100 8.66 -10.01 -56.35
N TRP K 101 9.72 -9.42 -55.81
CA TRP K 101 10.95 -10.15 -55.49
C TRP K 101 10.98 -10.49 -54.00
N ILE K 102 11.27 -11.76 -53.68
CA ILE K 102 11.34 -12.16 -52.28
C ILE K 102 12.58 -11.56 -51.64
N SER K 103 12.42 -11.06 -50.42
CA SER K 103 13.57 -10.68 -49.61
C SER K 103 13.18 -10.83 -48.14
N LEU K 104 14.18 -11.02 -47.30
CA LEU K 104 13.92 -11.31 -45.89
C LEU K 104 13.51 -10.08 -45.10
N TYR K 105 13.57 -8.89 -45.69
CA TYR K 105 13.55 -7.65 -44.94
C TYR K 105 12.32 -6.78 -45.16
N TYR K 106 11.64 -6.90 -46.30
CA TYR K 106 10.42 -6.13 -46.54
C TYR K 106 9.41 -6.98 -47.30
N ASP K 107 8.15 -6.88 -46.90
CA ASP K 107 7.07 -7.70 -47.45
C ASP K 107 6.71 -7.19 -48.83
N SER K 108 7.15 -7.91 -49.85
CA SER K 108 6.84 -7.59 -51.24
C SER K 108 5.72 -8.45 -51.79
N SER K 109 4.92 -9.08 -50.92
CA SER K 109 3.95 -10.06 -51.38
C SER K 109 2.80 -9.40 -52.14
N TYR K 110 2.23 -8.34 -51.57
CA TYR K 110 1.04 -7.70 -52.11
C TYR K 110 1.35 -6.69 -53.21
N TYR K 111 2.59 -6.58 -53.66
CA TYR K 111 2.93 -5.58 -54.66
C TYR K 111 2.30 -5.98 -55.99
N PRO K 112 1.38 -5.20 -56.58
CA PRO K 112 0.82 -5.60 -57.86
C PRO K 112 1.77 -5.35 -59.03
N ASN K 113 2.83 -6.15 -59.11
CA ASN K 113 3.78 -6.10 -60.22
C ASN K 113 3.78 -7.47 -60.91
N PHE K 114 2.88 -7.63 -61.87
CA PHE K 114 2.74 -8.89 -62.62
C PHE K 114 3.53 -8.77 -63.93
N ASP K 115 4.85 -8.94 -63.81
CA ASP K 115 5.75 -8.67 -64.92
C ASP K 115 5.46 -9.58 -66.11
N HIS K 116 5.26 -10.87 -65.86
CA HIS K 116 5.14 -11.86 -66.91
C HIS K 116 3.93 -12.74 -66.65
N TRP K 117 3.14 -12.96 -67.69
CA TRP K 117 1.88 -13.69 -67.61
C TRP K 117 1.98 -15.00 -68.38
N GLY K 118 1.34 -16.03 -67.84
CA GLY K 118 1.24 -17.28 -68.57
C GLY K 118 0.27 -17.18 -69.71
N GLN K 119 0.28 -18.22 -70.55
CA GLN K 119 -0.60 -18.26 -71.70
C GLN K 119 -2.08 -18.33 -71.32
N GLY K 120 -2.39 -18.73 -70.10
CA GLY K 120 -3.78 -18.85 -69.68
C GLY K 120 -4.38 -20.19 -70.09
N THR K 121 -5.20 -20.76 -69.23
CA THR K 121 -5.83 -22.05 -69.47
C THR K 121 -7.31 -21.95 -69.17
N LEU K 122 -8.14 -22.59 -70.01
CA LEU K 122 -9.58 -22.49 -69.88
C LEU K 122 -10.11 -23.70 -69.11
N LEU K 123 -10.80 -23.42 -68.01
CA LEU K 123 -11.52 -24.43 -67.24
C LEU K 123 -13.01 -24.26 -67.50
N THR K 124 -13.66 -25.33 -67.95
CA THR K 124 -15.08 -25.31 -68.32
C THR K 124 -15.86 -26.19 -67.36
N VAL K 125 -16.94 -25.64 -66.79
CA VAL K 125 -17.85 -26.36 -65.91
C VAL K 125 -19.21 -26.38 -66.56
N SER K 126 -19.75 -27.57 -66.77
CA SER K 126 -21.06 -27.73 -67.41
C SER K 126 -21.57 -29.16 -67.24
N ALA L 1 -15.72 -5.14 -56.72
CA ALA L 1 -14.89 -4.18 -55.94
C ALA L 1 -14.03 -3.32 -56.87
N LEU L 2 -13.58 -2.18 -56.35
CA LEU L 2 -12.76 -1.24 -57.11
C LEU L 2 -13.51 -0.76 -58.35
N THR L 3 -14.52 0.08 -58.13
CA THR L 3 -15.29 0.71 -59.20
C THR L 3 -14.37 1.32 -60.26
N GLN L 4 -14.76 1.16 -61.53
CA GLN L 4 -14.03 1.70 -62.66
C GLN L 4 -15.04 2.07 -63.75
N PRO L 5 -14.75 3.06 -64.61
CA PRO L 5 -15.66 3.33 -65.73
C PRO L 5 -15.68 2.19 -66.74
N ALA L 6 -16.77 2.12 -67.51
CA ALA L 6 -16.96 0.99 -68.42
C ALA L 6 -16.22 1.20 -69.74
N SER L 7 -16.21 2.43 -70.27
CA SER L 7 -15.62 2.66 -71.58
C SER L 7 -15.25 4.14 -71.71
N VAL L 8 -14.47 4.43 -72.75
CA VAL L 8 -14.00 5.77 -73.05
C VAL L 8 -13.69 5.83 -74.54
N SER L 9 -13.72 7.04 -75.11
CA SER L 9 -13.55 7.20 -76.54
C SER L 9 -12.87 8.53 -76.84
N GLY L 10 -12.32 8.63 -78.04
CA GLY L 10 -11.68 9.85 -78.50
C GLY L 10 -11.06 9.61 -79.86
N SER L 11 -10.85 10.71 -80.58
CA SER L 11 -10.33 10.61 -81.93
C SER L 11 -8.80 10.49 -81.90
N PRO L 12 -8.19 10.07 -83.01
CA PRO L 12 -6.72 9.99 -83.04
C PRO L 12 -6.08 11.36 -82.83
N GLY L 13 -4.92 11.34 -82.16
CA GLY L 13 -4.21 12.56 -81.84
C GLY L 13 -4.61 13.21 -80.54
N GLN L 14 -5.72 12.78 -79.93
CA GLN L 14 -6.16 13.34 -78.67
C GLN L 14 -5.48 12.61 -77.50
N SER L 15 -5.79 13.07 -76.29
CA SER L 15 -5.37 12.42 -75.06
C SER L 15 -6.57 12.22 -74.15
N ILE L 16 -6.61 11.04 -73.51
CA ILE L 16 -7.73 10.65 -72.66
C ILE L 16 -7.18 10.07 -71.36
N THR L 17 -8.06 9.93 -70.38
CA THR L 17 -7.73 9.39 -69.07
C THR L 17 -8.76 8.38 -68.64
N ILE L 18 -8.31 7.38 -67.89
CA ILE L 18 -9.15 6.34 -67.31
C ILE L 18 -8.89 6.35 -65.81
N SER L 19 -9.98 6.29 -65.02
CA SER L 19 -9.91 6.47 -63.58
C SER L 19 -10.23 5.18 -62.85
N CYS L 20 -9.67 5.05 -61.64
CA CYS L 20 -9.95 3.96 -60.73
C CYS L 20 -10.15 4.51 -59.33
N THR L 21 -11.13 3.98 -58.62
CA THR L 21 -11.52 4.47 -57.31
C THR L 21 -11.83 3.30 -56.39
N GLY L 22 -11.46 3.44 -55.12
CA GLY L 22 -11.73 2.44 -54.11
C GLY L 22 -11.70 3.08 -52.75
N THR L 23 -11.89 2.27 -51.72
CA THR L 23 -11.96 2.78 -50.36
C THR L 23 -10.61 3.35 -49.94
N LYS L 24 -10.60 3.98 -48.75
CA LYS L 24 -9.36 4.55 -48.24
C LYS L 24 -8.34 3.45 -47.93
N TYR L 25 -8.80 2.24 -47.65
CA TYR L 25 -7.89 1.16 -47.29
C TYR L 25 -7.12 0.64 -48.50
N ASP L 26 -7.79 0.44 -49.63
CA ASP L 26 -7.16 -0.21 -50.76
C ASP L 26 -6.21 0.73 -51.49
N VAL L 27 -6.76 1.78 -52.12
CA VAL L 27 -5.94 2.63 -52.99
C VAL L 27 -5.41 3.84 -52.21
N GLY L 28 -6.19 4.33 -51.25
CA GLY L 28 -5.75 5.50 -50.50
C GLY L 28 -4.54 5.23 -49.62
N SER L 29 -4.47 4.04 -49.04
CA SER L 29 -3.46 3.75 -48.04
C SER L 29 -2.05 3.67 -48.62
N HIS L 30 -1.90 3.10 -49.81
CA HIS L 30 -0.60 2.81 -50.39
C HIS L 30 -0.52 3.36 -51.80
N ASP L 31 0.70 3.56 -52.28
CA ASP L 31 0.96 3.98 -53.65
C ASP L 31 1.07 2.81 -54.62
N LEU L 32 0.49 1.65 -54.28
CA LEU L 32 0.61 0.43 -55.08
C LEU L 32 -0.57 0.38 -56.04
N VAL L 33 -0.34 0.87 -57.26
CA VAL L 33 -1.30 0.82 -58.34
C VAL L 33 -0.57 0.49 -59.63
N SER L 34 -1.14 -0.39 -60.44
CA SER L 34 -0.57 -0.77 -61.72
C SER L 34 -1.68 -0.97 -62.73
N TRP L 35 -1.39 -0.67 -63.99
CA TRP L 35 -2.35 -0.70 -65.08
C TRP L 35 -1.92 -1.74 -66.11
N TYR L 36 -2.84 -2.61 -66.49
CA TYR L 36 -2.58 -3.67 -67.45
C TYR L 36 -3.47 -3.50 -68.67
N GLN L 37 -2.85 -3.48 -69.84
CA GLN L 37 -3.56 -3.45 -71.11
C GLN L 37 -3.91 -4.87 -71.53
N GLN L 38 -5.03 -5.01 -72.25
CA GLN L 38 -5.41 -6.30 -72.82
C GLN L 38 -6.11 -6.06 -74.15
N TYR L 39 -5.45 -6.46 -75.24
CA TYR L 39 -6.16 -6.57 -76.49
C TYR L 39 -7.14 -7.74 -76.39
N PRO L 40 -8.31 -7.68 -77.04
CA PRO L 40 -9.25 -8.81 -76.94
C PRO L 40 -8.66 -10.10 -77.44
N GLY L 41 -8.87 -11.18 -76.69
CA GLY L 41 -8.35 -12.47 -77.06
C GLY L 41 -6.86 -12.63 -76.89
N LYS L 42 -6.26 -11.88 -75.96
CA LYS L 42 -4.83 -11.96 -75.69
C LYS L 42 -4.60 -11.87 -74.18
N VAL L 43 -3.44 -12.34 -73.75
CA VAL L 43 -3.04 -12.22 -72.35
C VAL L 43 -2.86 -10.73 -72.07
N PRO L 44 -3.09 -10.25 -70.84
CA PRO L 44 -2.84 -8.85 -70.55
C PRO L 44 -1.36 -8.51 -70.72
N LYS L 45 -1.09 -7.20 -70.78
CA LYS L 45 0.25 -6.67 -70.95
C LYS L 45 0.53 -5.70 -69.81
N TYR L 46 1.80 -5.44 -69.55
CA TYR L 46 2.24 -4.65 -68.40
C TYR L 46 2.59 -3.24 -68.87
N MET L 47 1.80 -2.25 -68.44
CA MET L 47 1.92 -0.88 -68.92
C MET L 47 2.49 0.08 -67.89
N ILE L 48 2.08 -0.01 -66.63
CA ILE L 48 2.45 0.95 -65.59
C ILE L 48 2.86 0.17 -64.35
N TYR L 49 4.08 0.40 -63.88
CA TYR L 49 4.65 -0.39 -62.81
C TYR L 49 4.09 0.02 -61.44
N GLU L 50 4.40 1.21 -60.99
CA GLU L 50 3.80 1.81 -59.81
C GLU L 50 2.94 2.99 -60.25
N VAL L 51 2.43 3.75 -59.28
CA VAL L 51 1.45 4.80 -59.50
C VAL L 51 1.81 5.71 -60.67
N ASN L 52 3.09 6.03 -60.86
CA ASN L 52 3.55 6.83 -61.98
C ASN L 52 4.91 6.37 -62.52
N LYS L 53 5.08 5.06 -62.72
CA LYS L 53 6.30 4.51 -63.29
C LYS L 53 5.97 3.60 -64.47
N ARG L 54 6.93 3.48 -65.41
CA ARG L 54 6.76 2.69 -66.64
C ARG L 54 7.70 1.49 -66.63
N PRO L 55 7.26 0.28 -67.01
CA PRO L 55 8.21 -0.81 -67.22
C PRO L 55 9.04 -0.59 -68.47
N SER L 56 9.94 -1.54 -68.72
CA SER L 56 10.77 -1.47 -69.91
C SER L 56 9.94 -1.74 -71.16
N GLY L 57 10.20 -0.95 -72.21
CA GLY L 57 9.54 -1.14 -73.49
C GLY L 57 8.20 -0.46 -73.64
N VAL L 58 7.67 0.14 -72.58
CA VAL L 58 6.38 0.83 -72.67
C VAL L 58 6.60 2.25 -73.19
N SER L 59 5.73 2.67 -74.11
CA SER L 59 5.83 3.99 -74.70
C SER L 59 5.59 5.06 -73.64
N ASN L 60 6.14 6.26 -73.89
CA ASN L 60 5.93 7.38 -73.00
C ASN L 60 4.54 8.01 -73.18
N ARG L 61 3.75 7.49 -74.12
CA ARG L 61 2.37 7.93 -74.24
C ARG L 61 1.56 7.69 -72.98
N PHE L 62 1.93 6.69 -72.18
CA PHE L 62 1.17 6.28 -71.01
C PHE L 62 1.81 6.85 -69.76
N SER L 63 0.98 7.31 -68.83
CA SER L 63 1.44 7.78 -67.53
C SER L 63 0.31 7.72 -66.53
N GLY L 64 0.65 7.60 -65.25
CA GLY L 64 -0.30 7.43 -64.18
C GLY L 64 -0.29 8.59 -63.20
N SER L 65 -1.22 8.50 -62.25
CA SER L 65 -1.39 9.54 -61.24
C SER L 65 -2.28 9.01 -60.13
N LYS L 66 -2.28 9.71 -59.01
CA LYS L 66 -3.14 9.37 -57.88
C LYS L 66 -3.53 10.64 -57.15
N SER L 67 -4.75 10.64 -56.61
CA SER L 67 -5.28 11.75 -55.83
C SER L 67 -6.19 11.17 -54.75
N GLY L 68 -5.64 11.00 -53.56
CA GLY L 68 -6.44 10.50 -52.44
C GLY L 68 -6.88 9.08 -52.68
N ASN L 69 -8.19 8.83 -52.54
CA ASN L 69 -8.76 7.51 -52.69
C ASN L 69 -8.99 7.10 -54.13
N THR L 70 -8.44 7.79 -55.13
CA THR L 70 -8.66 7.44 -56.53
C THR L 70 -7.36 7.66 -57.31
N ALA L 71 -7.24 6.93 -58.41
CA ALA L 71 -6.08 7.02 -59.28
C ALA L 71 -6.55 6.89 -60.73
N SER L 72 -5.70 7.35 -61.65
CA SER L 72 -6.10 7.39 -63.05
C SER L 72 -4.90 7.29 -63.97
N LEU L 73 -5.10 6.61 -65.10
CA LEU L 73 -4.12 6.55 -66.17
C LEU L 73 -4.33 7.71 -67.13
N THR L 74 -3.27 8.08 -67.85
CA THR L 74 -3.33 9.07 -68.91
C THR L 74 -2.77 8.48 -70.19
N ILE L 75 -3.59 8.47 -71.24
CA ILE L 75 -3.20 7.99 -72.57
C ILE L 75 -3.10 9.22 -73.46
N SER L 76 -1.94 9.38 -74.09
CA SER L 76 -1.63 10.56 -74.90
C SER L 76 -1.32 10.13 -76.33
N GLY L 77 -1.72 10.98 -77.28
CA GLY L 77 -1.50 10.71 -78.68
C GLY L 77 -2.18 9.43 -79.14
N LEU L 78 -3.51 9.44 -79.14
CA LEU L 78 -4.27 8.24 -79.45
C LEU L 78 -4.02 7.79 -80.88
N ARG L 79 -3.96 6.47 -81.07
CA ARG L 79 -3.88 5.87 -82.39
C ARG L 79 -4.52 4.50 -82.32
N ALA L 80 -4.59 3.83 -83.47
CA ALA L 80 -5.31 2.56 -83.55
C ALA L 80 -4.72 1.49 -82.63
N GLU L 81 -3.44 1.62 -82.26
CA GLU L 81 -2.83 0.63 -81.37
C GLU L 81 -3.46 0.64 -79.98
N ASP L 82 -4.11 1.73 -79.58
CA ASP L 82 -4.75 1.81 -78.28
C ASP L 82 -6.17 1.24 -78.26
N GLU L 83 -6.55 0.46 -79.28
CA GLU L 83 -7.85 -0.20 -79.29
C GLU L 83 -7.79 -1.45 -78.42
N ALA L 84 -7.83 -1.28 -77.10
CA ALA L 84 -7.69 -2.39 -76.17
C ALA L 84 -8.29 -2.01 -74.83
N ASP L 85 -8.62 -3.04 -74.05
CA ASP L 85 -9.13 -2.83 -72.70
C ASP L 85 -7.99 -2.52 -71.75
N TYR L 86 -8.31 -1.84 -70.65
CA TYR L 86 -7.33 -1.47 -69.63
C TYR L 86 -7.91 -1.74 -68.26
N TYR L 87 -7.21 -2.55 -67.47
CA TYR L 87 -7.56 -2.85 -66.09
C TYR L 87 -6.50 -2.27 -65.17
N CYS L 88 -6.95 -1.79 -64.01
CA CYS L 88 -6.03 -1.39 -62.95
C CYS L 88 -6.15 -2.36 -61.79
N CYS L 89 -5.01 -2.70 -61.20
CA CYS L 89 -4.93 -3.54 -60.01
C CYS L 89 -4.14 -2.79 -58.96
N SER L 90 -4.59 -2.88 -57.71
CA SER L 90 -4.01 -2.09 -56.64
C SER L 90 -4.06 -2.90 -55.35
N PHE L 91 -3.23 -2.48 -54.39
CA PHE L 91 -3.19 -3.12 -53.08
C PHE L 91 -4.57 -3.14 -52.46
N GLY L 92 -4.99 -4.32 -52.03
CA GLY L 92 -6.36 -4.54 -51.59
C GLY L 92 -6.54 -4.40 -50.09
N GLY L 93 -6.93 -5.49 -49.45
CA GLY L 93 -7.27 -5.44 -48.05
C GLY L 93 -6.07 -5.68 -47.14
N SER L 94 -6.09 -6.79 -46.42
CA SER L 94 -5.02 -7.10 -45.48
C SER L 94 -3.69 -7.27 -46.19
N ALA L 95 -3.55 -8.32 -46.99
CA ALA L 95 -2.35 -8.57 -47.77
C ALA L 95 -2.75 -9.08 -49.14
N THR L 96 -3.74 -8.43 -49.74
CA THR L 96 -4.35 -8.85 -50.99
C THR L 96 -4.22 -7.74 -52.02
N VAL L 97 -4.50 -8.08 -53.26
CA VAL L 97 -4.59 -7.13 -54.36
C VAL L 97 -5.92 -7.37 -55.07
N VAL L 98 -6.63 -6.28 -55.34
CA VAL L 98 -7.96 -6.30 -55.94
C VAL L 98 -7.90 -5.54 -57.25
N CYS L 99 -8.62 -6.06 -58.26
CA CYS L 99 -8.56 -5.54 -59.61
C CYS L 99 -9.93 -5.05 -60.05
N GLY L 100 -9.94 -4.10 -60.99
CA GLY L 100 -11.19 -3.49 -61.41
C GLY L 100 -11.81 -4.21 -62.60
N GLY L 101 -12.98 -3.70 -63.01
CA GLY L 101 -13.74 -4.33 -64.08
C GLY L 101 -13.22 -4.05 -65.47
N GLY L 102 -12.40 -3.01 -65.65
CA GLY L 102 -11.81 -2.71 -66.94
C GLY L 102 -12.54 -1.66 -67.73
N THR L 103 -11.78 -0.91 -68.54
CA THR L 103 -12.31 0.16 -69.39
C THR L 103 -11.88 -0.10 -70.82
N LYS L 104 -12.83 0.04 -71.76
CA LYS L 104 -12.54 -0.17 -73.18
C LYS L 104 -12.26 1.17 -73.83
N VAL L 105 -11.11 1.29 -74.48
CA VAL L 105 -10.75 2.49 -75.24
C VAL L 105 -11.26 2.33 -76.67
N THR L 106 -11.89 3.39 -77.18
CA THR L 106 -12.51 3.39 -78.51
C THR L 106 -11.91 4.55 -79.30
N VAL L 107 -10.90 4.26 -80.10
CA VAL L 107 -10.26 5.29 -80.93
C VAL L 107 -11.17 5.52 -82.15
N LEU L 108 -11.82 6.67 -82.18
CA LEU L 108 -12.77 6.99 -83.24
C LEU L 108 -12.05 7.15 -84.59
#